data_8VGM
#
_entry.id   8VGM
#
_cell.length_a   1.00
_cell.length_b   1.00
_cell.length_c   1.00
_cell.angle_alpha   90.00
_cell.angle_beta   90.00
_cell.angle_gamma   90.00
#
_symmetry.space_group_name_H-M   'P 1'
#
loop_
_entity.id
_entity.type
_entity.pdbx_description
1 polymer 'Chimeric Nav1.7-NavAb'
2 polymer 'Fab 7A9.4DS heavy chain'
3 polymer 'Fab 7A9.4DS light chain'
#
loop_
_entity_poly.entity_id
_entity_poly.type
_entity_poly.pdbx_seq_one_letter_code
_entity_poly.pdbx_strand_id
1 'polypeptide(L)'
;MDYKDDDDKGSLVPRGSHMYLRITNIVESSFFTKFIIYLIVLNMVTMMVEKEGQSQHMTEVLYWINVVFIILFTIEIILR
IYVHRISFFKDPWSLFDFVVVIISIVGMFLADLIETYFVSPTLFRVIRLARIGRILRLVTAVPQMRKIVSALISVIPGML
SVIALMTLFFYIFAIMATQLFGERFPEWFGTLGESFYTLFQVMTLESWSMGIVRPLMEVYPYAWVFFIPFIFVVTFVMIN
LVVAIIVDAMAILNQKEEQHIIDEVQSHEDNINNEIIKLREEIVELKELIKTSLKN
;
A,B,C,D
2 'polypeptide(L)'
;EVQLVESGGGCVKPGGSLKLSCAASGFTFSNYAMSWVRQTPEKRLEWVATISNGGRYTYYPDSVKGRFTISRDNAKNSLY
LQMSSLRSEDTAMYYCARHLYRYDVGGALDYWGQGTCVTVSSAKTTAPSVYPLAPVCGDTTGSSVTLGCLVKGYFCECPV
TLTWNSGSLSSGVHTFPAVLQSDLYTLSSSVTVTSSTWPSQSITCNVAHPASSTKVDKKIEPRGPTIKPHHHHHHP
;
H,E
3 'polypeptide(L)'
;EIVLTQSPALMAASPGEKVTITCSVSLSISSSNLFWYQQKCETSPKPWIYGTSKLASGVPVRFSGSGSGTSYSLTISSME
CEDAATYYCQQWSSHSFTFGGGTKLEIKRADAAPTVSIFPPSSEQLTSGGASVVCFLNNFYPKDINVKWKIDGSERQNGV
LNSWTCQDSKDCTYSMSSTLTLTKDEYERHNSYTCEATHKTSTSPIVKSFNRNEC
;
L,F
#
# COMPACT_ATOMS: atom_id res chain seq x y z
N ARG A 15 15.08 -66.79 -25.71
CA ARG A 15 14.19 -67.67 -24.95
C ARG A 15 14.66 -67.81 -23.51
N GLY A 16 13.70 -67.81 -22.59
CA GLY A 16 14.02 -67.91 -21.17
C GLY A 16 15.01 -66.85 -20.73
N SER A 17 16.05 -67.29 -20.01
CA SER A 17 17.11 -66.39 -19.57
C SER A 17 17.83 -65.72 -20.73
N HIS A 18 17.80 -66.32 -21.92
CA HIS A 18 18.37 -65.66 -23.09
C HIS A 18 17.45 -64.57 -23.62
N MET A 19 16.14 -64.75 -23.46
CA MET A 19 15.20 -63.65 -23.74
C MET A 19 15.33 -62.56 -22.69
N TYR A 20 15.54 -62.93 -21.42
CA TYR A 20 15.85 -61.96 -20.39
C TYR A 20 17.14 -61.21 -20.71
N LEU A 21 18.17 -61.92 -21.16
CA LEU A 21 19.39 -61.25 -21.62
C LEU A 21 19.11 -60.33 -22.81
N ARG A 22 18.18 -60.73 -23.68
CA ARG A 22 17.78 -59.86 -24.79
C ARG A 22 16.98 -58.66 -24.28
N ILE A 23 16.05 -58.89 -23.35
CA ILE A 23 15.14 -57.82 -22.94
C ILE A 23 15.86 -56.82 -22.05
N THR A 24 16.82 -57.26 -21.23
CA THR A 24 17.65 -56.35 -20.45
C THR A 24 18.40 -55.38 -21.36
N ASN A 25 19.06 -55.90 -22.40
CA ASN A 25 19.76 -55.06 -23.37
C ASN A 25 18.83 -54.10 -24.11
N ILE A 26 17.52 -54.26 -23.99
CA ILE A 26 16.58 -53.26 -24.47
C ILE A 26 16.20 -52.27 -23.38
N VAL A 27 15.76 -52.76 -22.22
CA VAL A 27 15.23 -51.88 -21.18
C VAL A 27 16.31 -50.95 -20.66
N GLU A 28 17.53 -51.45 -20.50
CA GLU A 28 18.65 -50.60 -20.08
C GLU A 28 19.28 -49.82 -21.23
N SER A 29 18.72 -49.86 -22.44
CA SER A 29 19.34 -49.15 -23.55
C SER A 29 19.11 -47.65 -23.44
N SER A 30 20.04 -46.89 -24.02
CA SER A 30 19.83 -45.45 -24.18
C SER A 30 18.62 -45.13 -25.04
N PHE A 31 18.29 -46.00 -25.99
CA PHE A 31 17.08 -45.83 -26.78
C PHE A 31 15.82 -45.84 -25.91
N PHE A 32 15.67 -46.89 -25.10
CA PHE A 32 14.47 -47.01 -24.28
C PHE A 32 14.36 -45.88 -23.27
N THR A 33 15.49 -45.47 -22.68
CA THR A 33 15.49 -44.29 -21.81
C THR A 33 14.97 -43.06 -22.53
N LYS A 34 15.50 -42.77 -23.72
CA LYS A 34 15.06 -41.61 -24.49
C LYS A 34 13.62 -41.77 -24.96
N PHE A 35 13.24 -42.96 -25.41
CA PHE A 35 11.89 -43.21 -25.89
C PHE A 35 10.84 -42.86 -24.83
N ILE A 36 11.05 -43.30 -23.59
CA ILE A 36 10.12 -42.99 -22.52
C ILE A 36 10.08 -41.50 -22.19
N ILE A 37 11.20 -40.81 -22.30
CA ILE A 37 11.22 -39.36 -22.07
C ILE A 37 10.29 -38.66 -23.06
N TYR A 38 10.37 -39.03 -24.34
CA TYR A 38 9.50 -38.39 -25.33
C TYR A 38 8.04 -38.73 -25.12
N LEU A 39 7.74 -39.95 -24.69
CA LEU A 39 6.36 -40.31 -24.36
C LEU A 39 5.83 -39.44 -23.22
N ILE A 40 6.65 -39.16 -22.22
CA ILE A 40 6.23 -38.27 -21.13
C ILE A 40 5.99 -36.86 -21.66
N VAL A 41 6.89 -36.35 -22.50
CA VAL A 41 6.72 -35.02 -23.08
C VAL A 41 5.44 -34.95 -23.91
N LEU A 42 5.18 -35.99 -24.71
CA LEU A 42 3.96 -35.99 -25.51
C LEU A 42 2.71 -36.08 -24.64
N ASN A 43 2.75 -36.91 -23.60
CA ASN A 43 1.62 -36.97 -22.68
C ASN A 43 1.44 -35.67 -21.92
N MET A 44 2.54 -35.03 -21.52
CA MET A 44 2.46 -33.72 -20.88
C MET A 44 1.85 -32.67 -21.79
N VAL A 45 2.21 -32.70 -23.08
CA VAL A 45 1.59 -31.81 -24.06
C VAL A 45 0.08 -32.06 -24.20
N THR A 46 -0.32 -33.34 -24.27
CA THR A 46 -1.75 -33.63 -24.34
C THR A 46 -2.50 -33.15 -23.11
N MET A 47 -1.86 -33.17 -21.94
CA MET A 47 -2.48 -32.61 -20.75
C MET A 47 -2.53 -31.08 -20.76
N MET A 48 -1.91 -30.43 -21.74
CA MET A 48 -2.09 -28.99 -21.91
C MET A 48 -3.22 -28.64 -22.85
N VAL A 49 -3.54 -29.50 -23.83
CA VAL A 49 -4.56 -29.15 -24.81
C VAL A 49 -5.97 -29.35 -24.26
N GLU A 50 -6.14 -30.17 -23.23
CA GLU A 50 -7.45 -30.33 -22.61
C GLU A 50 -7.98 -29.00 -22.11
N LYS A 51 -9.30 -28.83 -22.21
CA LYS A 51 -9.97 -27.63 -21.72
C LYS A 51 -11.45 -27.94 -21.59
N GLU A 52 -12.02 -27.65 -20.42
CA GLU A 52 -13.44 -27.84 -20.17
C GLU A 52 -14.31 -27.41 -21.35
N GLY A 53 -14.05 -26.21 -21.88
CA GLY A 53 -14.68 -25.76 -23.09
C GLY A 53 -14.08 -26.38 -24.34
N GLN A 54 -14.44 -27.63 -24.63
CA GLN A 54 -13.98 -28.31 -25.83
C GLN A 54 -15.08 -29.21 -26.38
N SER A 55 -14.90 -29.62 -27.64
CA SER A 55 -15.84 -30.53 -28.28
C SER A 55 -15.93 -31.85 -27.54
N GLN A 56 -17.12 -32.45 -27.59
CA GLN A 56 -17.31 -33.80 -27.08
C GLN A 56 -16.44 -34.80 -27.82
N HIS A 57 -16.37 -34.67 -29.16
CA HIS A 57 -15.51 -35.55 -29.94
C HIS A 57 -14.04 -35.31 -29.67
N MET A 58 -13.64 -34.07 -29.40
CA MET A 58 -12.27 -33.82 -28.92
C MET A 58 -12.02 -34.50 -27.58
N THR A 59 -13.02 -34.47 -26.69
CA THR A 59 -12.88 -35.17 -25.42
C THR A 59 -12.77 -36.68 -25.63
N GLU A 60 -13.57 -37.24 -26.53
CA GLU A 60 -13.48 -38.66 -26.85
C GLU A 60 -12.11 -39.01 -27.42
N VAL A 61 -11.61 -38.21 -28.37
CA VAL A 61 -10.29 -38.46 -28.93
C VAL A 61 -9.20 -38.36 -27.88
N LEU A 62 -9.27 -37.34 -27.02
CA LEU A 62 -8.31 -37.23 -25.93
C LEU A 62 -8.42 -38.36 -24.92
N TYR A 63 -9.62 -38.90 -24.72
CA TYR A 63 -9.77 -40.10 -23.88
C TYR A 63 -9.01 -41.28 -24.46
N TRP A 64 -9.21 -41.58 -25.74
CA TRP A 64 -8.48 -42.67 -26.37
C TRP A 64 -6.97 -42.45 -26.35
N ILE A 65 -6.52 -41.22 -26.60
CA ILE A 65 -5.09 -40.94 -26.59
C ILE A 65 -4.51 -41.14 -25.20
N ASN A 66 -5.21 -40.63 -24.18
CA ASN A 66 -4.74 -40.80 -22.80
C ASN A 66 -4.81 -42.25 -22.35
N VAL A 67 -5.77 -43.03 -22.86
CA VAL A 67 -5.79 -44.47 -22.62
C VAL A 67 -4.57 -45.14 -23.23
N VAL A 68 -4.19 -44.74 -24.45
CA VAL A 68 -2.98 -45.28 -25.08
C VAL A 68 -1.75 -45.01 -24.23
N PHE A 69 -1.61 -43.78 -23.71
CA PHE A 69 -0.48 -43.47 -22.85
C PHE A 69 -0.45 -44.34 -21.60
N ILE A 70 -1.60 -44.52 -20.93
CA ILE A 70 -1.59 -45.23 -19.66
C ILE A 70 -1.27 -46.71 -19.85
N ILE A 71 -1.74 -47.32 -20.94
CA ILE A 71 -1.34 -48.70 -21.20
C ILE A 71 0.13 -48.77 -21.66
N LEU A 72 0.60 -47.76 -22.38
CA LEU A 72 1.98 -47.77 -22.86
C LEU A 72 2.98 -47.59 -21.72
N PHE A 73 2.69 -46.72 -20.76
CA PHE A 73 3.50 -46.65 -19.55
C PHE A 73 3.31 -47.86 -18.65
N THR A 74 2.17 -48.53 -18.73
CA THR A 74 1.96 -49.74 -17.94
C THR A 74 2.89 -50.87 -18.37
N ILE A 75 3.05 -51.08 -19.68
CA ILE A 75 4.00 -52.10 -20.13
C ILE A 75 5.44 -51.68 -19.84
N GLU A 76 5.73 -50.39 -19.82
CA GLU A 76 7.05 -49.92 -19.39
C GLU A 76 7.33 -50.32 -17.95
N ILE A 77 6.38 -50.09 -17.05
CA ILE A 77 6.56 -50.49 -15.65
C ILE A 77 6.74 -52.00 -15.54
N ILE A 78 5.91 -52.77 -16.24
CA ILE A 78 6.01 -54.22 -16.20
C ILE A 78 7.36 -54.69 -16.75
N LEU A 79 7.83 -54.08 -17.84
CA LEU A 79 9.16 -54.40 -18.34
C LEU A 79 10.24 -54.10 -17.31
N ARG A 80 10.22 -52.91 -16.73
CA ARG A 80 11.22 -52.53 -15.75
C ARG A 80 11.16 -53.43 -14.51
N ILE A 81 9.96 -53.80 -14.06
CA ILE A 81 9.86 -54.78 -12.98
C ILE A 81 10.42 -56.13 -13.41
N TYR A 82 10.15 -56.55 -14.64
CA TYR A 82 10.63 -57.86 -15.08
C TYR A 82 12.15 -57.92 -15.16
N VAL A 83 12.82 -56.81 -15.50
CA VAL A 83 14.28 -56.82 -15.50
C VAL A 83 14.84 -56.59 -14.10
N HIS A 84 14.40 -55.54 -13.40
CA HIS A 84 15.03 -55.17 -12.15
C HIS A 84 14.51 -55.96 -10.96
N ARG A 85 13.28 -56.49 -11.05
CA ARG A 85 12.73 -57.41 -10.06
C ARG A 85 12.85 -56.90 -8.64
N ILE A 86 13.54 -57.65 -7.79
CA ILE A 86 13.65 -57.32 -6.36
C ILE A 86 14.29 -55.94 -6.16
N SER A 87 15.09 -55.48 -7.10
CA SER A 87 15.72 -54.17 -6.96
C SER A 87 14.82 -53.03 -7.43
N PHE A 88 13.82 -53.32 -8.27
CA PHE A 88 12.91 -52.28 -8.75
C PHE A 88 12.20 -51.61 -7.58
N PHE A 89 11.68 -52.40 -6.65
CA PHE A 89 10.96 -51.87 -5.50
C PHE A 89 11.88 -51.39 -4.40
N LYS A 90 13.06 -50.90 -4.79
CA LYS A 90 14.05 -50.36 -3.86
C LYS A 90 14.74 -49.10 -4.36
N ASP A 91 14.92 -48.94 -5.67
CA ASP A 91 15.22 -47.65 -6.25
C ASP A 91 14.06 -46.69 -6.01
N PRO A 92 14.27 -45.58 -5.30
CA PRO A 92 13.16 -44.64 -5.07
C PRO A 92 12.58 -44.06 -6.34
N TRP A 93 13.38 -43.97 -7.41
CA TRP A 93 12.88 -43.42 -8.66
C TRP A 93 11.89 -44.36 -9.35
N SER A 94 12.27 -45.63 -9.49
CA SER A 94 11.35 -46.64 -10.00
C SER A 94 10.14 -46.80 -9.10
N LEU A 95 10.32 -46.70 -7.79
CA LEU A 95 9.20 -46.78 -6.87
C LEU A 95 8.21 -45.64 -7.07
N PHE A 96 8.72 -44.44 -7.34
CA PHE A 96 7.85 -43.31 -7.64
C PHE A 96 7.07 -43.52 -8.93
N ASP A 97 7.75 -43.95 -10.00
CA ASP A 97 7.08 -44.19 -11.27
C ASP A 97 5.97 -45.23 -11.15
N PHE A 98 6.20 -46.27 -10.34
CA PHE A 98 5.16 -47.26 -10.08
C PHE A 98 3.93 -46.64 -9.43
N VAL A 99 4.15 -45.87 -8.36
CA VAL A 99 3.04 -45.19 -7.67
C VAL A 99 2.25 -44.29 -8.63
N VAL A 100 2.94 -43.56 -9.50
CA VAL A 100 2.27 -42.65 -10.42
C VAL A 100 1.43 -43.41 -11.44
N VAL A 101 1.89 -44.57 -11.90
CA VAL A 101 1.08 -45.38 -12.80
C VAL A 101 -0.16 -45.90 -12.09
N ILE A 102 -0.02 -46.36 -10.86
CA ILE A 102 -1.18 -46.83 -10.09
C ILE A 102 -2.18 -45.70 -9.88
N ILE A 103 -1.72 -44.52 -9.45
CA ILE A 103 -2.61 -43.38 -9.26
C ILE A 103 -3.29 -43.00 -10.56
N SER A 104 -2.58 -43.07 -11.68
CA SER A 104 -3.18 -42.68 -12.95
C SER A 104 -4.18 -43.71 -13.50
N ILE A 105 -4.06 -44.97 -13.09
CA ILE A 105 -5.13 -45.93 -13.37
C ILE A 105 -6.37 -45.60 -12.56
N VAL A 106 -6.20 -45.36 -11.26
CA VAL A 106 -7.33 -44.98 -10.40
C VAL A 106 -8.00 -43.71 -10.92
N GLY A 107 -7.21 -42.70 -11.27
CA GLY A 107 -7.72 -41.45 -11.80
C GLY A 107 -8.43 -41.50 -13.14
N MET A 108 -8.58 -42.69 -13.73
CA MET A 108 -9.28 -42.78 -15.00
C MET A 108 -10.25 -43.95 -15.11
N PHE A 109 -10.23 -44.92 -14.19
CA PHE A 109 -11.15 -46.04 -14.26
C PHE A 109 -11.81 -46.36 -12.93
N LEU A 110 -11.53 -45.60 -11.87
CA LEU A 110 -12.21 -45.79 -10.59
C LEU A 110 -12.56 -44.49 -9.90
N ALA A 111 -12.04 -43.34 -10.35
CA ALA A 111 -12.40 -42.07 -9.74
C ALA A 111 -13.89 -41.79 -9.84
N ASP A 112 -14.51 -42.16 -10.96
CA ASP A 112 -15.97 -42.11 -11.06
C ASP A 112 -16.62 -43.04 -10.04
N LEU A 113 -16.16 -44.28 -9.96
CA LEU A 113 -16.69 -45.22 -8.97
C LEU A 113 -16.43 -44.76 -7.54
N ILE A 114 -15.38 -43.95 -7.32
CA ILE A 114 -15.17 -43.36 -6.00
C ILE A 114 -16.11 -42.19 -5.77
N GLU A 115 -16.05 -41.20 -6.66
CA GLU A 115 -16.82 -39.97 -6.49
C GLU A 115 -18.33 -40.22 -6.53
N THR A 116 -18.77 -41.29 -7.19
CA THR A 116 -20.20 -41.59 -7.20
C THR A 116 -20.70 -42.13 -5.87
N TYR A 117 -19.83 -42.46 -4.92
CA TYR A 117 -20.26 -42.94 -3.62
C TYR A 117 -19.71 -42.09 -2.47
N PHE A 118 -18.38 -41.92 -2.41
CA PHE A 118 -17.76 -40.99 -1.46
C PHE A 118 -17.71 -39.58 -2.06
N VAL A 119 -18.88 -39.07 -2.41
CA VAL A 119 -18.96 -37.78 -3.08
C VAL A 119 -18.48 -36.68 -2.14
N SER A 120 -17.53 -35.87 -2.61
CA SER A 120 -16.99 -34.77 -1.83
C SER A 120 -16.42 -33.74 -2.77
N PRO A 121 -16.67 -32.44 -2.55
CA PRO A 121 -16.05 -31.41 -3.39
C PRO A 121 -14.55 -31.29 -3.24
N THR A 122 -13.92 -32.08 -2.35
CA THR A 122 -12.46 -32.15 -2.32
C THR A 122 -11.91 -33.00 -3.46
N LEU A 123 -12.61 -34.06 -3.85
CA LEU A 123 -12.04 -35.00 -4.81
C LEU A 123 -11.90 -34.39 -6.19
N PHE A 124 -12.86 -33.53 -6.58
CA PHE A 124 -12.71 -32.73 -7.79
C PHE A 124 -11.44 -31.87 -7.76
N ARG A 125 -10.87 -31.64 -6.57
CA ARG A 125 -9.60 -30.96 -6.43
C ARG A 125 -8.45 -31.88 -6.06
N VAL A 126 -8.72 -33.02 -5.39
CA VAL A 126 -7.64 -33.90 -4.98
C VAL A 126 -7.19 -34.81 -6.12
N ILE A 127 -8.13 -35.29 -6.95
CA ILE A 127 -7.77 -36.20 -8.04
C ILE A 127 -6.93 -35.53 -9.12
N ARG A 128 -6.77 -34.21 -9.07
CA ARG A 128 -5.71 -33.53 -9.82
C ARG A 128 -4.34 -34.18 -9.63
N LEU A 129 -4.13 -34.84 -8.48
CA LEU A 129 -2.84 -35.44 -8.18
C LEU A 129 -2.38 -36.42 -9.26
N ALA A 130 -3.32 -37.08 -9.93
CA ALA A 130 -2.93 -37.96 -11.04
C ALA A 130 -2.27 -37.19 -12.17
N ARG A 131 -2.67 -35.93 -12.37
CA ARG A 131 -2.00 -35.09 -13.35
C ARG A 131 -0.62 -34.67 -12.86
N ILE A 132 -0.54 -34.13 -11.64
CA ILE A 132 0.71 -33.62 -11.10
C ILE A 132 1.77 -34.71 -11.07
N GLY A 133 1.39 -35.93 -10.70
CA GLY A 133 2.35 -37.02 -10.67
C GLY A 133 2.98 -37.32 -12.02
N ARG A 134 2.18 -37.24 -13.09
CA ARG A 134 2.71 -37.47 -14.43
C ARG A 134 3.61 -36.34 -14.92
N ILE A 135 3.46 -35.13 -14.39
CA ILE A 135 4.46 -34.09 -14.63
C ILE A 135 5.79 -34.44 -13.98
N LEU A 136 5.75 -34.90 -12.73
CA LEU A 136 6.96 -35.23 -12.00
C LEU A 136 7.75 -36.38 -12.62
N ARG A 137 7.12 -37.25 -13.40
CA ARG A 137 7.86 -38.25 -14.14
C ARG A 137 8.91 -37.65 -15.07
N LEU A 138 8.75 -36.39 -15.46
CA LEU A 138 9.76 -35.74 -16.29
C LEU A 138 11.05 -35.48 -15.51
N VAL A 139 11.00 -35.48 -14.18
CA VAL A 139 12.22 -35.57 -13.39
C VAL A 139 12.75 -37.00 -13.37
N THR A 140 11.88 -37.96 -13.05
CA THR A 140 12.34 -39.32 -12.80
C THR A 140 12.95 -39.97 -14.03
N ALA A 141 12.45 -39.65 -15.22
CA ALA A 141 12.96 -40.30 -16.43
C ALA A 141 14.26 -39.68 -16.92
N VAL A 142 14.42 -38.37 -16.79
CA VAL A 142 15.59 -37.71 -17.36
C VAL A 142 16.80 -37.89 -16.44
N PRO A 143 17.88 -38.51 -16.91
CA PRO A 143 19.04 -38.73 -16.03
C PRO A 143 19.64 -37.46 -15.47
N GLN A 144 19.69 -36.38 -16.26
CA GLN A 144 20.22 -35.12 -15.77
C GLN A 144 19.35 -34.54 -14.66
N MET A 145 18.05 -34.84 -14.67
CA MET A 145 17.15 -34.32 -13.65
C MET A 145 17.22 -35.13 -12.36
N ARG A 146 17.30 -36.46 -12.47
CA ARG A 146 17.61 -37.27 -11.30
C ARG A 146 18.90 -36.83 -10.64
N LYS A 147 19.92 -36.49 -11.43
CA LYS A 147 21.19 -36.04 -10.88
C LYS A 147 21.04 -34.77 -10.05
N ILE A 148 20.39 -33.74 -10.62
CA ILE A 148 20.25 -32.47 -9.90
C ILE A 148 19.35 -32.62 -8.68
N VAL A 149 18.30 -33.44 -8.76
CA VAL A 149 17.39 -33.60 -7.63
C VAL A 149 18.06 -34.36 -6.48
N SER A 150 18.80 -35.42 -6.80
CA SER A 150 19.54 -36.12 -5.76
C SER A 150 20.64 -35.26 -5.15
N ALA A 151 21.27 -34.40 -5.95
CA ALA A 151 22.23 -33.45 -5.42
C ALA A 151 21.57 -32.49 -4.42
N LEU A 152 20.43 -31.92 -4.81
CA LEU A 152 19.69 -31.04 -3.90
C LEU A 152 19.26 -31.75 -2.62
N ILE A 153 18.74 -32.97 -2.74
CA ILE A 153 18.32 -33.71 -1.55
C ILE A 153 19.49 -34.01 -0.63
N SER A 154 20.66 -34.33 -1.20
CA SER A 154 21.83 -34.64 -0.38
C SER A 154 22.32 -33.45 0.45
N VAL A 155 21.95 -32.22 0.07
CA VAL A 155 22.31 -31.06 0.88
C VAL A 155 21.47 -30.98 2.14
N ILE A 156 20.25 -31.53 2.11
CA ILE A 156 19.32 -31.34 3.23
C ILE A 156 19.84 -31.89 4.56
N PRO A 157 20.42 -33.09 4.64
CA PRO A 157 20.91 -33.56 5.95
C PRO A 157 21.90 -32.62 6.64
N GLY A 158 22.77 -31.95 5.88
CA GLY A 158 23.70 -31.02 6.49
C GLY A 158 23.06 -29.78 7.06
N MET A 159 21.87 -29.41 6.58
CA MET A 159 21.16 -28.24 7.07
C MET A 159 20.35 -28.48 8.33
N LEU A 160 20.11 -29.74 8.73
CA LEU A 160 19.08 -30.02 9.71
C LEU A 160 19.36 -29.35 11.05
N SER A 161 20.63 -29.30 11.47
CA SER A 161 20.96 -28.68 12.74
C SER A 161 20.74 -27.16 12.72
N VAL A 162 21.06 -26.50 11.62
CA VAL A 162 20.81 -25.07 11.55
C VAL A 162 19.35 -24.76 11.28
N ILE A 163 18.63 -25.63 10.56
CA ILE A 163 17.19 -25.47 10.43
C ILE A 163 16.48 -25.69 11.75
N ALA A 164 16.92 -26.69 12.53
CA ALA A 164 16.37 -26.88 13.86
C ALA A 164 16.65 -25.69 14.75
N LEU A 165 17.85 -25.11 14.66
CA LEU A 165 18.17 -23.92 15.43
C LEU A 165 17.27 -22.74 15.06
N MET A 166 17.11 -22.49 13.76
CA MET A 166 16.22 -21.42 13.31
C MET A 166 14.78 -21.66 13.77
N THR A 167 14.32 -22.90 13.72
CA THR A 167 12.96 -23.20 14.17
C THR A 167 12.79 -22.93 15.66
N LEU A 168 13.80 -23.25 16.45
CA LEU A 168 13.72 -22.99 17.89
C LEU A 168 13.76 -21.49 18.19
N PHE A 169 14.60 -20.74 17.48
CA PHE A 169 14.57 -19.28 17.61
C PHE A 169 13.22 -18.70 17.23
N PHE A 170 12.65 -19.16 16.12
CA PHE A 170 11.32 -18.72 15.72
C PHE A 170 10.29 -19.00 16.80
N TYR A 171 10.33 -20.18 17.40
CA TYR A 171 9.40 -20.51 18.46
C TYR A 171 9.56 -19.59 19.66
N ILE A 172 10.80 -19.29 20.04
CA ILE A 172 11.06 -18.38 21.15
C ILE A 172 10.53 -16.99 20.85
N PHE A 173 10.83 -16.46 19.67
CA PHE A 173 10.32 -15.15 19.30
C PHE A 173 8.80 -15.14 19.13
N ALA A 174 8.21 -16.23 18.65
CA ALA A 174 6.76 -16.28 18.51
C ALA A 174 6.06 -16.24 19.86
N ILE A 175 6.62 -16.92 20.87
CA ILE A 175 6.11 -16.80 22.23
C ILE A 175 6.15 -15.37 22.71
N MET A 176 7.32 -14.72 22.57
CA MET A 176 7.47 -13.35 23.06
C MET A 176 6.59 -12.37 22.29
N ALA A 177 6.55 -12.48 20.96
CA ALA A 177 5.76 -11.57 20.16
C ALA A 177 4.27 -11.70 20.44
N THR A 178 3.80 -12.91 20.70
CA THR A 178 2.40 -13.08 21.11
C THR A 178 2.12 -12.40 22.44
N GLN A 179 3.01 -12.57 23.41
CA GLN A 179 2.82 -11.94 24.72
C GLN A 179 2.99 -10.43 24.67
N LEU A 180 3.91 -9.92 23.84
CA LEU A 180 4.14 -8.48 23.80
C LEU A 180 3.08 -7.74 23.01
N PHE A 181 2.78 -8.19 21.79
CA PHE A 181 1.97 -7.41 20.87
C PHE A 181 0.60 -8.01 20.60
N GLY A 182 0.39 -9.30 20.89
CA GLY A 182 -0.85 -9.97 20.53
C GLY A 182 -2.08 -9.48 21.25
N GLU A 183 -1.92 -8.85 22.41
CA GLU A 183 -3.07 -8.29 23.12
C GLU A 183 -3.78 -7.21 22.31
N ARG A 184 -3.03 -6.42 21.55
CA ARG A 184 -3.61 -5.30 20.83
C ARG A 184 -3.54 -5.42 19.32
N PHE A 185 -2.68 -6.28 18.79
CA PHE A 185 -2.62 -6.57 17.36
C PHE A 185 -2.86 -8.05 17.11
N PRO A 186 -4.06 -8.55 17.44
CA PRO A 186 -4.29 -10.00 17.38
C PRO A 186 -4.22 -10.57 15.97
N GLU A 187 -4.56 -9.78 14.95
CA GLU A 187 -4.46 -10.23 13.57
C GLU A 187 -3.03 -10.56 13.17
N TRP A 188 -2.05 -10.11 13.95
CA TRP A 188 -0.65 -10.36 13.66
C TRP A 188 0.03 -11.24 14.70
N PHE A 189 -0.39 -11.16 15.97
CA PHE A 189 0.32 -11.82 17.05
C PHE A 189 -0.62 -12.46 18.07
N GLY A 190 -1.93 -12.46 17.82
CA GLY A 190 -2.87 -12.86 18.85
C GLY A 190 -2.79 -14.30 19.27
N THR A 191 -2.25 -15.17 18.41
CA THR A 191 -1.97 -16.55 18.78
C THR A 191 -0.59 -16.93 18.29
N LEU A 192 -0.08 -18.04 18.83
CA LEU A 192 1.22 -18.54 18.42
C LEU A 192 1.31 -18.76 16.91
N GLY A 193 0.21 -19.19 16.29
CA GLY A 193 0.21 -19.37 14.85
C GLY A 193 0.16 -18.08 14.06
N GLU A 194 -0.55 -17.07 14.58
CA GLU A 194 -0.46 -15.73 14.01
C GLU A 194 0.97 -15.21 14.06
N SER A 195 1.62 -15.38 15.22
CA SER A 195 2.94 -14.82 15.42
C SER A 195 3.98 -15.54 14.56
N PHE A 196 3.90 -16.86 14.46
CA PHE A 196 4.78 -17.61 13.55
C PHE A 196 4.68 -17.10 12.13
N TYR A 197 3.45 -16.88 11.64
CA TYR A 197 3.28 -16.39 10.28
C TYR A 197 3.83 -14.98 10.10
N THR A 198 3.55 -14.09 11.05
CA THR A 198 4.03 -12.71 10.93
C THR A 198 5.55 -12.61 11.06
N LEU A 199 6.15 -13.41 11.94
CA LEU A 199 7.61 -13.42 12.01
C LEU A 199 8.25 -14.00 10.77
N PHE A 200 7.60 -14.95 10.10
CA PHE A 200 8.12 -15.44 8.83
C PHE A 200 8.06 -14.37 7.75
N GLN A 201 6.96 -13.62 7.69
CA GLN A 201 6.90 -12.46 6.82
C GLN A 201 8.03 -11.47 7.10
N VAL A 202 8.25 -11.16 8.38
CA VAL A 202 9.32 -10.25 8.76
C VAL A 202 10.69 -10.81 8.35
N MET A 203 10.89 -12.13 8.51
CA MET A 203 12.15 -12.73 8.09
C MET A 203 12.38 -12.55 6.58
N THR A 204 11.33 -12.68 5.78
CA THR A 204 11.44 -12.39 4.36
C THR A 204 11.55 -10.90 4.07
N LEU A 205 11.54 -10.05 5.09
CA LEU A 205 11.61 -8.59 4.97
C LEU A 205 10.42 -8.01 4.22
N GLU A 206 9.36 -8.76 4.04
CA GLU A 206 8.23 -8.32 3.21
C GLU A 206 7.34 -7.39 4.01
N SER A 207 7.30 -6.10 3.61
CA SER A 207 6.53 -5.07 4.30
C SER A 207 6.83 -4.99 5.79
N TRP A 208 8.02 -5.42 6.19
CA TRP A 208 8.29 -5.61 7.62
C TRP A 208 8.19 -4.31 8.39
N SER A 209 8.63 -3.19 7.81
CA SER A 209 8.59 -1.92 8.53
C SER A 209 7.30 -1.14 8.29
N MET A 210 7.00 -0.85 7.02
CA MET A 210 5.83 -0.04 6.71
C MET A 210 4.53 -0.77 7.05
N GLY A 211 4.53 -2.09 6.95
CA GLY A 211 3.33 -2.86 7.14
C GLY A 211 3.11 -3.38 8.54
N ILE A 212 4.19 -3.66 9.28
CA ILE A 212 4.07 -4.23 10.61
C ILE A 212 4.61 -3.30 11.69
N VAL A 213 5.90 -2.97 11.62
CA VAL A 213 6.58 -2.41 12.79
C VAL A 213 6.26 -0.93 12.99
N ARG A 214 6.15 -0.15 11.92
CA ARG A 214 5.70 1.23 12.09
C ARG A 214 4.29 1.33 12.68
N PRO A 215 3.29 0.57 12.22
CA PRO A 215 2.02 0.54 12.96
C PRO A 215 2.16 0.11 14.41
N LEU A 216 2.98 -0.90 14.69
CA LEU A 216 3.23 -1.30 16.07
C LEU A 216 3.82 -0.17 16.90
N MET A 217 4.76 0.61 16.34
CA MET A 217 5.37 1.67 17.12
C MET A 217 4.45 2.88 17.35
N GLU A 218 3.32 2.96 16.66
CA GLU A 218 2.27 3.88 17.08
C GLU A 218 1.81 3.56 18.50
N VAL A 219 1.90 2.30 18.89
CA VAL A 219 1.38 1.83 20.16
C VAL A 219 2.49 1.37 21.09
N TYR A 220 3.53 0.75 20.53
CA TYR A 220 4.61 0.11 21.28
C TYR A 220 5.90 0.75 20.81
N PRO A 221 6.28 1.90 21.37
CA PRO A 221 7.38 2.68 20.79
C PRO A 221 8.67 1.90 20.63
N TYR A 222 8.97 1.01 21.57
CA TYR A 222 10.19 0.20 21.54
C TYR A 222 10.04 -1.09 20.76
N ALA A 223 8.98 -1.24 19.96
CA ALA A 223 8.82 -2.45 19.16
C ALA A 223 10.01 -2.69 18.24
N TRP A 224 10.71 -1.62 17.84
CA TRP A 224 11.94 -1.76 17.07
C TRP A 224 13.00 -2.56 17.82
N VAL A 225 12.99 -2.52 19.15
CA VAL A 225 13.94 -3.30 19.93
C VAL A 225 13.69 -4.79 19.84
N PHE A 226 12.48 -5.21 19.45
CA PHE A 226 12.21 -6.60 19.18
C PHE A 226 12.61 -7.01 17.77
N PHE A 227 12.09 -6.31 16.77
CA PHE A 227 12.15 -6.79 15.40
C PHE A 227 13.49 -6.58 14.72
N ILE A 228 14.21 -5.52 15.06
CA ILE A 228 15.51 -5.28 14.43
C ILE A 228 16.53 -6.30 14.91
N PRO A 229 16.63 -6.59 16.21
CA PRO A 229 17.45 -7.76 16.63
C PRO A 229 16.98 -9.08 16.05
N PHE A 230 15.67 -9.27 15.91
CA PHE A 230 15.16 -10.47 15.24
C PHE A 230 15.69 -10.59 13.81
N ILE A 231 15.63 -9.50 13.05
CA ILE A 231 16.13 -9.51 11.68
C ILE A 231 17.62 -9.88 11.64
N PHE A 232 18.42 -9.27 12.51
CA PHE A 232 19.84 -9.62 12.57
C PHE A 232 20.05 -11.11 12.86
N VAL A 233 19.31 -11.67 13.82
CA VAL A 233 19.49 -13.07 14.16
C VAL A 233 19.14 -13.97 12.99
N VAL A 234 17.96 -13.79 12.40
CA VAL A 234 17.54 -14.69 11.33
C VAL A 234 18.37 -14.49 10.07
N THR A 235 18.78 -13.25 9.77
CA THR A 235 19.68 -13.02 8.65
C THR A 235 21.04 -13.68 8.87
N PHE A 236 21.59 -13.57 10.07
CA PHE A 236 22.87 -14.18 10.38
C PHE A 236 22.81 -15.70 10.28
N VAL A 237 21.74 -16.31 10.78
CA VAL A 237 21.58 -17.75 10.65
C VAL A 237 21.39 -18.17 9.21
N MET A 238 20.62 -17.40 8.43
CA MET A 238 20.49 -17.69 7.01
C MET A 238 21.81 -17.58 6.26
N ILE A 239 22.62 -16.57 6.57
CA ILE A 239 23.93 -16.45 5.97
C ILE A 239 24.79 -17.68 6.25
N ASN A 240 24.87 -18.07 7.52
CA ASN A 240 25.69 -19.22 7.89
C ASN A 240 25.13 -20.53 7.36
N LEU A 241 23.81 -20.62 7.18
CA LEU A 241 23.24 -21.78 6.49
C LEU A 241 23.76 -21.89 5.07
N VAL A 242 23.77 -20.77 4.33
CA VAL A 242 24.25 -20.78 2.96
C VAL A 242 25.77 -21.02 2.91
N VAL A 243 26.52 -20.39 3.81
CA VAL A 243 27.96 -20.60 3.87
C VAL A 243 28.27 -22.07 4.14
N ALA A 244 27.51 -22.71 5.03
CA ALA A 244 27.72 -24.13 5.30
C ALA A 244 27.56 -24.98 4.04
N ILE A 245 26.55 -24.68 3.22
CA ILE A 245 26.36 -25.42 1.98
C ILE A 245 27.53 -25.20 1.02
N ILE A 246 28.05 -23.97 0.96
CA ILE A 246 29.20 -23.68 0.12
C ILE A 246 30.41 -24.49 0.57
N VAL A 247 30.76 -24.41 1.86
CA VAL A 247 31.99 -25.03 2.32
C VAL A 247 31.88 -26.55 2.39
N ASP A 248 30.67 -27.09 2.53
CA ASP A 248 30.48 -28.53 2.40
C ASP A 248 30.79 -29.01 0.99
N ALA A 249 30.21 -28.36 -0.01
CA ALA A 249 30.49 -28.71 -1.40
C ALA A 249 31.97 -28.52 -1.74
N MET A 250 32.60 -27.47 -1.21
CA MET A 250 34.04 -27.28 -1.41
C MET A 250 34.86 -28.36 -0.72
N ALA A 251 34.42 -28.80 0.47
CA ALA A 251 35.11 -29.89 1.14
C ALA A 251 35.10 -31.17 0.31
N ILE A 252 33.98 -31.44 -0.37
CA ILE A 252 33.91 -32.60 -1.26
C ILE A 252 34.90 -32.47 -2.41
N LEU A 253 35.09 -31.24 -2.91
CA LEU A 253 36.11 -31.01 -3.94
C LEU A 253 37.51 -31.15 -3.38
N ASN A 254 37.85 -30.34 -2.37
CA ASN A 254 39.22 -30.30 -1.87
C ASN A 254 39.71 -31.67 -1.41
N GLN A 255 38.83 -32.49 -0.86
CA GLN A 255 39.20 -33.86 -0.49
C GLN A 255 39.75 -34.65 -1.69
N LYS A 256 39.25 -34.37 -2.89
CA LYS A 256 39.75 -35.08 -4.07
C LYS A 256 41.08 -34.52 -4.55
N GLU A 257 41.17 -33.20 -4.68
CA GLU A 257 42.44 -32.54 -4.98
C GLU A 257 43.54 -32.98 -4.02
N GLU A 258 43.24 -33.00 -2.72
CA GLU A 258 44.18 -33.46 -1.72
C GLU A 258 44.70 -34.86 -2.02
N GLN A 259 43.80 -35.84 -2.14
CA GLN A 259 44.23 -37.21 -2.34
C GLN A 259 44.98 -37.41 -3.66
N HIS A 260 44.55 -36.73 -4.73
CA HIS A 260 45.24 -36.85 -6.01
C HIS A 260 46.68 -36.38 -5.90
N ILE A 261 46.95 -35.37 -5.08
CA ILE A 261 48.32 -34.94 -4.83
C ILE A 261 49.07 -35.99 -4.01
N ILE A 262 48.42 -36.55 -3.00
CA ILE A 262 49.03 -37.61 -2.19
C ILE A 262 49.33 -38.83 -3.05
N ASP A 263 48.37 -39.24 -3.87
CA ASP A 263 48.57 -40.38 -4.76
C ASP A 263 49.79 -40.19 -5.65
N GLU A 264 49.97 -38.98 -6.20
CA GLU A 264 51.16 -38.72 -7.00
C GLU A 264 52.42 -38.60 -6.14
N VAL A 265 52.29 -38.12 -4.90
CA VAL A 265 53.43 -38.20 -3.98
C VAL A 265 53.78 -39.65 -3.68
N GLN A 266 52.77 -40.51 -3.56
CA GLN A 266 53.03 -41.92 -3.31
C GLN A 266 53.45 -42.66 -4.57
N SER A 267 53.00 -42.21 -5.75
CA SER A 267 53.61 -42.65 -6.99
C SER A 267 55.09 -42.32 -7.02
N HIS A 268 55.43 -41.07 -6.70
CA HIS A 268 56.84 -40.67 -6.64
C HIS A 268 57.60 -41.44 -5.57
N GLU A 269 56.94 -41.72 -4.44
CA GLU A 269 57.50 -42.64 -3.45
C GLU A 269 57.85 -43.99 -4.06
N ASP A 270 56.92 -44.57 -4.81
CA ASP A 270 57.18 -45.85 -5.49
C ASP A 270 58.32 -45.74 -6.49
N ASN A 271 58.23 -44.78 -7.40
CA ASN A 271 59.22 -44.64 -8.48
C ASN A 271 60.64 -44.53 -7.94
N ILE A 272 60.83 -43.84 -6.82
CA ILE A 272 62.17 -43.62 -6.29
C ILE A 272 62.62 -44.74 -5.36
N ASN A 273 61.78 -45.15 -4.41
CA ASN A 273 62.24 -46.08 -3.39
C ASN A 273 62.46 -47.49 -3.96
N ASN A 274 61.68 -47.88 -4.97
CA ASN A 274 61.96 -49.13 -5.67
C ASN A 274 63.28 -49.10 -6.42
N GLU A 275 63.85 -47.92 -6.65
CA GLU A 275 65.20 -47.83 -7.20
C GLU A 275 66.27 -47.72 -6.12
N ILE A 276 65.97 -47.08 -4.99
CA ILE A 276 66.89 -47.08 -3.86
C ILE A 276 67.06 -48.48 -3.28
N ILE A 277 66.09 -49.38 -3.51
CA ILE A 277 66.31 -50.80 -3.26
C ILE A 277 67.42 -51.32 -4.18
N LYS A 278 67.23 -51.18 -5.48
CA LYS A 278 68.18 -51.71 -6.45
C LYS A 278 69.58 -51.14 -6.22
N LEU A 279 69.68 -49.85 -5.89
CA LEU A 279 70.97 -49.19 -5.75
C LEU A 279 71.86 -49.77 -4.66
N ARG A 280 71.37 -50.71 -3.85
CA ARG A 280 72.25 -51.44 -2.95
C ARG A 280 72.59 -52.84 -3.42
N GLU A 281 71.64 -53.56 -4.02
CA GLU A 281 71.97 -54.84 -4.64
C GLU A 281 72.84 -54.67 -5.87
N GLU A 282 72.72 -53.52 -6.55
CA GLU A 282 73.65 -53.17 -7.61
C GLU A 282 75.08 -52.96 -7.12
N ILE A 283 75.30 -52.85 -5.81
CA ILE A 283 76.66 -52.80 -5.27
C ILE A 283 77.23 -54.20 -5.04
N VAL A 284 76.40 -55.24 -5.06
CA VAL A 284 76.88 -56.59 -4.73
C VAL A 284 77.85 -57.09 -5.80
N GLU A 285 77.73 -56.59 -7.03
CA GLU A 285 78.73 -56.86 -8.06
C GLU A 285 80.02 -56.08 -7.78
N GLU B 1 -19.09 5.93 -2.25
CA GLU B 1 -19.12 6.22 -3.68
C GLU B 1 -17.91 7.03 -4.10
N VAL B 2 -17.39 6.75 -5.29
CA VAL B 2 -16.55 7.71 -5.99
C VAL B 2 -17.40 8.91 -6.42
N GLN B 3 -16.96 10.11 -6.06
CA GLN B 3 -17.70 11.31 -6.38
C GLN B 3 -16.74 12.43 -6.73
N LEU B 4 -17.15 13.27 -7.68
CA LEU B 4 -16.43 14.47 -8.07
C LEU B 4 -17.41 15.63 -8.10
N VAL B 5 -17.06 16.75 -7.48
CA VAL B 5 -17.88 17.95 -7.54
C VAL B 5 -17.03 19.14 -7.98
N GLU B 6 -17.40 19.75 -9.09
CA GLU B 6 -16.75 20.95 -9.58
C GLU B 6 -17.35 22.19 -8.96
N SER B 7 -16.55 23.25 -8.90
CA SER B 7 -16.96 24.50 -8.26
C SER B 7 -16.15 25.63 -8.86
N GLY B 8 -16.60 26.85 -8.61
CA GLY B 8 -16.26 27.97 -9.46
C GLY B 8 -17.22 28.09 -10.63
N GLY B 9 -16.76 28.72 -11.69
CA GLY B 9 -17.63 28.94 -12.82
C GLY B 9 -18.44 30.22 -12.70
N GLY B 10 -19.45 30.30 -13.55
CA GLY B 10 -20.25 31.50 -13.68
C GLY B 10 -19.71 32.47 -14.71
N CYS B 11 -20.22 33.70 -14.63
CA CYS B 11 -19.95 34.70 -15.65
C CYS B 11 -18.54 35.23 -15.51
N VAL B 12 -17.90 35.53 -16.64
CA VAL B 12 -16.70 36.35 -16.69
C VAL B 12 -16.75 37.22 -17.94
N LYS B 13 -15.99 38.32 -17.89
CA LYS B 13 -15.74 39.14 -19.07
C LYS B 13 -14.70 38.46 -19.97
N PRO B 14 -14.74 38.72 -21.28
CA PRO B 14 -13.62 38.31 -22.14
C PRO B 14 -12.32 38.89 -21.65
N GLY B 15 -11.23 38.14 -21.87
CA GLY B 15 -9.96 38.46 -21.27
C GLY B 15 -9.86 38.18 -19.78
N GLY B 16 -10.96 37.85 -19.13
CA GLY B 16 -10.98 37.60 -17.70
C GLY B 16 -10.25 36.33 -17.32
N SER B 17 -10.26 36.06 -16.02
CA SER B 17 -9.56 34.92 -15.44
C SER B 17 -10.45 34.27 -14.39
N LEU B 18 -10.37 32.95 -14.30
CA LEU B 18 -11.23 32.20 -13.39
C LEU B 18 -10.52 30.90 -13.04
N LYS B 19 -10.75 30.44 -11.82
CA LYS B 19 -10.22 29.17 -11.34
C LYS B 19 -11.36 28.22 -11.00
N LEU B 20 -11.41 27.09 -11.68
CA LEU B 20 -12.30 25.99 -11.33
C LEU B 20 -11.64 25.09 -10.30
N SER B 21 -12.48 24.49 -9.45
CA SER B 21 -12.02 23.56 -8.42
C SER B 21 -12.87 22.31 -8.46
N CYS B 22 -12.23 21.16 -8.30
CA CYS B 22 -12.91 19.87 -8.25
C CYS B 22 -12.49 19.15 -6.99
N ALA B 23 -13.47 18.68 -6.22
CA ALA B 23 -13.21 17.92 -5.00
C ALA B 23 -13.48 16.45 -5.26
N ALA B 24 -12.53 15.59 -4.88
CA ALA B 24 -12.62 14.16 -5.11
C ALA B 24 -12.92 13.43 -3.81
N SER B 25 -13.70 12.36 -3.92
CA SER B 25 -14.09 11.56 -2.76
C SER B 25 -14.26 10.12 -3.19
N GLY B 26 -14.08 9.20 -2.24
CA GLY B 26 -14.37 7.80 -2.47
C GLY B 26 -13.31 7.04 -3.23
N PHE B 27 -12.16 7.63 -3.51
CA PHE B 27 -11.06 6.90 -4.12
C PHE B 27 -9.74 7.57 -3.73
N THR B 28 -8.65 6.81 -3.89
CA THR B 28 -7.32 7.36 -3.68
C THR B 28 -6.97 8.34 -4.78
N PHE B 29 -7.23 9.63 -4.53
CA PHE B 29 -7.06 10.67 -5.53
C PHE B 29 -5.64 10.69 -6.11
N SER B 30 -4.63 10.49 -5.27
CA SER B 30 -3.24 10.48 -5.70
C SER B 30 -2.85 9.27 -6.56
N ASN B 31 -3.71 8.27 -6.70
CA ASN B 31 -3.42 7.18 -7.62
C ASN B 31 -3.84 7.43 -9.05
N TYR B 32 -4.59 8.49 -9.32
CA TYR B 32 -5.22 8.68 -10.62
C TYR B 32 -4.80 9.98 -11.27
N ALA B 33 -4.55 9.91 -12.57
CA ALA B 33 -4.54 11.11 -13.40
C ALA B 33 -5.96 11.66 -13.53
N MET B 34 -6.05 12.96 -13.77
CA MET B 34 -7.33 13.64 -13.84
C MET B 34 -7.36 14.52 -15.08
N SER B 35 -8.55 14.66 -15.66
CA SER B 35 -8.75 15.50 -16.84
C SER B 35 -9.86 16.52 -16.60
N TRP B 36 -9.79 17.61 -17.35
CA TRP B 36 -10.92 18.52 -17.56
C TRP B 36 -11.41 18.39 -18.99
N VAL B 37 -12.73 18.28 -19.16
CA VAL B 37 -13.35 18.19 -20.47
C VAL B 37 -14.42 19.26 -20.60
N ARG B 38 -14.33 20.08 -21.65
CA ARG B 38 -15.40 20.99 -22.02
C ARG B 38 -16.57 20.23 -22.64
N GLN B 39 -17.78 20.76 -22.44
CA GLN B 39 -18.88 20.55 -23.37
C GLN B 39 -19.41 21.92 -23.78
N THR B 40 -19.22 22.27 -25.04
CA THR B 40 -19.65 23.56 -25.57
C THR B 40 -21.16 23.54 -25.82
N PRO B 41 -21.78 24.71 -26.04
CA PRO B 41 -23.25 24.76 -26.11
C PRO B 41 -23.86 23.92 -27.22
N GLU B 42 -23.16 23.70 -28.32
CA GLU B 42 -23.61 22.75 -29.34
C GLU B 42 -23.31 21.29 -28.96
N LYS B 43 -23.00 21.05 -27.69
CA LYS B 43 -22.80 19.75 -27.05
C LYS B 43 -21.58 19.00 -27.55
N ARG B 44 -20.72 19.63 -28.34
CA ARG B 44 -19.42 19.04 -28.66
C ARG B 44 -18.59 18.90 -27.39
N LEU B 45 -18.07 17.70 -27.14
CA LEU B 45 -17.11 17.48 -26.07
C LEU B 45 -15.69 17.82 -26.53
N GLU B 46 -14.93 18.46 -25.66
CA GLU B 46 -13.55 18.83 -25.95
C GLU B 46 -12.72 18.73 -24.69
N TRP B 47 -11.76 17.81 -24.67
CA TRP B 47 -10.80 17.72 -23.58
C TRP B 47 -9.89 18.94 -23.57
N VAL B 48 -9.66 19.51 -22.38
CA VAL B 48 -8.87 20.72 -22.28
C VAL B 48 -7.63 20.59 -21.41
N ALA B 49 -7.57 19.65 -20.46
CA ALA B 49 -6.33 19.49 -19.70
C ALA B 49 -6.27 18.10 -19.09
N THR B 50 -5.05 17.60 -18.92
CA THR B 50 -4.77 16.39 -18.16
C THR B 50 -3.60 16.64 -17.23
N ILE B 51 -3.64 16.05 -16.04
CA ILE B 51 -2.54 16.10 -15.10
C ILE B 51 -2.23 14.69 -14.63
N SER B 52 -0.95 14.36 -14.52
CA SER B 52 -0.52 13.07 -13.99
C SER B 52 -0.90 12.94 -12.53
N ASN B 53 -0.78 11.71 -12.01
CA ASN B 53 -1.27 11.43 -10.66
C ASN B 53 -0.44 12.12 -9.58
N GLY B 54 0.85 12.32 -9.83
CA GLY B 54 1.67 13.11 -8.93
C GLY B 54 1.72 14.58 -9.23
N GLY B 55 1.04 15.03 -10.29
CA GLY B 55 1.03 16.42 -10.67
C GLY B 55 2.23 16.88 -11.46
N ARG B 56 3.19 16.01 -11.71
CA ARG B 56 4.46 16.44 -12.30
C ARG B 56 4.38 16.62 -13.82
N TYR B 57 3.37 16.06 -14.47
CA TYR B 57 3.18 16.19 -15.90
C TYR B 57 1.78 16.73 -16.17
N THR B 58 1.69 17.66 -17.11
CA THR B 58 0.42 18.24 -17.50
C THR B 58 0.37 18.36 -19.02
N TYR B 59 -0.84 18.23 -19.57
CA TYR B 59 -1.04 18.15 -21.01
C TYR B 59 -2.23 19.00 -21.40
N TYR B 60 -2.14 19.65 -22.56
CA TYR B 60 -3.18 20.56 -23.02
C TYR B 60 -3.25 20.49 -24.53
N PRO B 61 -4.41 20.75 -25.12
CA PRO B 61 -4.47 21.05 -26.55
C PRO B 61 -3.99 22.48 -26.82
N ASP B 62 -3.62 22.71 -28.08
CA ASP B 62 -3.15 24.03 -28.49
C ASP B 62 -4.24 25.09 -28.46
N SER B 63 -5.51 24.71 -28.35
CA SER B 63 -6.57 25.67 -28.10
C SER B 63 -6.42 26.39 -26.77
N VAL B 64 -5.77 25.77 -25.79
CA VAL B 64 -5.71 26.31 -24.43
C VAL B 64 -4.31 26.35 -23.85
N LYS B 65 -3.31 25.82 -24.56
CA LYS B 65 -1.92 25.95 -24.10
C LYS B 65 -1.56 27.37 -23.72
N GLY B 66 -0.96 27.52 -22.55
CA GLY B 66 -0.57 28.81 -22.00
C GLY B 66 -1.70 29.64 -21.44
N ARG B 67 -2.92 29.44 -21.94
CA ARG B 67 -4.07 30.11 -21.34
C ARG B 67 -4.55 29.39 -20.09
N PHE B 68 -4.57 28.06 -20.12
CA PHE B 68 -5.05 27.26 -18.99
C PHE B 68 -3.87 26.63 -18.26
N THR B 69 -4.11 26.25 -17.01
CA THR B 69 -3.11 25.53 -16.22
C THR B 69 -3.85 24.60 -15.28
N ILE B 70 -3.69 23.30 -15.49
CA ILE B 70 -4.26 22.31 -14.58
C ILE B 70 -3.30 22.09 -13.43
N SER B 71 -3.85 21.88 -12.23
CA SER B 71 -3.06 21.63 -11.04
C SER B 71 -3.89 20.82 -10.07
N ARG B 72 -3.21 20.22 -9.09
CA ARG B 72 -3.87 19.37 -8.13
C ARG B 72 -3.16 19.50 -6.79
N ASP B 73 -3.89 19.18 -5.72
CA ASP B 73 -3.31 19.02 -4.38
C ASP B 73 -3.73 17.66 -3.89
N ASN B 74 -2.77 16.72 -3.81
CA ASN B 74 -3.08 15.36 -3.43
C ASN B 74 -3.42 15.22 -1.95
N ALA B 75 -3.10 16.24 -1.13
CA ALA B 75 -3.52 16.21 0.26
C ALA B 75 -4.93 16.73 0.43
N LYS B 76 -5.26 17.84 -0.22
CA LYS B 76 -6.62 18.36 -0.22
C LYS B 76 -7.58 17.50 -1.03
N ASN B 77 -7.08 16.53 -1.80
CA ASN B 77 -7.90 15.73 -2.70
C ASN B 77 -8.69 16.61 -3.66
N SER B 78 -8.03 17.63 -4.18
CA SER B 78 -8.69 18.64 -5.00
C SER B 78 -7.94 18.83 -6.30
N LEU B 79 -8.68 19.16 -7.34
CA LEU B 79 -8.15 19.38 -8.67
C LEU B 79 -8.54 20.80 -9.10
N TYR B 80 -7.62 21.48 -9.78
CA TYR B 80 -7.85 22.87 -10.15
C TYR B 80 -7.61 23.06 -11.65
N LEU B 81 -8.36 23.99 -12.23
CA LEU B 81 -8.07 24.52 -13.55
C LEU B 81 -8.02 26.05 -13.46
N GLN B 82 -6.82 26.61 -13.50
CA GLN B 82 -6.69 28.04 -13.74
C GLN B 82 -6.94 28.35 -15.21
N MET B 83 -7.78 29.34 -15.47
CA MET B 83 -8.04 29.83 -16.82
C MET B 83 -7.73 31.31 -16.90
N SER B 84 -7.21 31.72 -18.06
CA SER B 84 -6.78 33.10 -18.26
C SER B 84 -6.97 33.46 -19.71
N SER B 85 -7.05 34.77 -19.98
CA SER B 85 -7.35 35.29 -21.31
C SER B 85 -8.58 34.62 -21.89
N LEU B 86 -9.61 34.51 -21.06
CA LEU B 86 -10.80 33.75 -21.43
C LEU B 86 -11.50 34.38 -22.63
N ARG B 87 -12.05 33.53 -23.49
CA ARG B 87 -12.68 33.95 -24.72
C ARG B 87 -14.06 33.31 -24.83
N SER B 88 -14.89 33.86 -25.72
CA SER B 88 -16.22 33.29 -25.93
C SER B 88 -16.15 31.85 -26.38
N GLU B 89 -15.06 31.45 -27.04
CA GLU B 89 -14.79 30.04 -27.29
C GLU B 89 -14.88 29.19 -26.03
N ASP B 90 -14.44 29.75 -24.89
CA ASP B 90 -14.37 29.00 -23.64
C ASP B 90 -15.70 28.89 -22.90
N THR B 91 -16.79 29.44 -23.45
CA THR B 91 -18.11 29.21 -22.90
C THR B 91 -18.48 27.73 -23.02
N ALA B 92 -18.56 27.03 -21.89
CA ALA B 92 -18.84 25.61 -21.91
C ALA B 92 -19.19 25.14 -20.50
N MET B 93 -19.77 23.96 -20.41
CA MET B 93 -19.74 23.16 -19.20
C MET B 93 -18.38 22.47 -19.07
N TYR B 94 -17.75 22.61 -17.91
CA TYR B 94 -16.45 21.99 -17.64
C TYR B 94 -16.66 20.83 -16.68
N TYR B 95 -16.24 19.64 -17.10
CA TYR B 95 -16.32 18.44 -16.27
C TYR B 95 -14.95 18.03 -15.76
N CYS B 96 -14.87 17.76 -14.46
CA CYS B 96 -13.75 17.07 -13.85
C CYS B 96 -13.95 15.57 -14.03
N ALA B 97 -12.91 14.87 -14.50
CA ALA B 97 -13.06 13.45 -14.76
C ALA B 97 -11.83 12.66 -14.35
N ARG B 98 -12.07 11.48 -13.76
CA ARG B 98 -11.04 10.55 -13.37
C ARG B 98 -10.71 9.59 -14.50
N HIS B 99 -9.44 9.22 -14.62
CA HIS B 99 -9.03 8.23 -15.60
C HIS B 99 -9.40 6.82 -15.16
N LEU B 100 -9.68 5.98 -16.15
CA LEU B 100 -10.10 4.59 -15.91
C LEU B 100 -9.04 3.79 -15.18
N TYR B 101 -7.77 4.01 -15.48
CA TYR B 101 -6.68 3.21 -14.91
C TYR B 101 -5.82 4.07 -14.00
N ARG B 102 -5.25 3.43 -12.99
CA ARG B 102 -4.35 4.14 -12.08
C ARG B 102 -3.06 4.52 -12.78
N TYR B 103 -2.57 5.72 -12.48
CA TYR B 103 -1.34 6.29 -13.01
C TYR B 103 -1.37 6.52 -14.52
N ASP B 104 -2.25 5.82 -15.23
CA ASP B 104 -2.40 6.02 -16.67
C ASP B 104 -2.83 7.46 -16.94
N VAL B 105 -2.05 8.17 -17.76
CA VAL B 105 -2.43 9.52 -18.17
C VAL B 105 -3.22 9.50 -19.47
N GLY B 106 -3.64 8.32 -19.90
CA GLY B 106 -4.44 8.19 -21.11
C GLY B 106 -5.63 7.28 -20.90
N GLY B 107 -6.04 6.63 -21.99
CA GLY B 107 -7.15 5.70 -21.96
C GLY B 107 -8.52 6.36 -21.95
N ALA B 108 -9.23 6.24 -20.83
CA ALA B 108 -10.63 6.62 -20.77
C ALA B 108 -10.93 7.32 -19.45
N LEU B 109 -12.07 7.98 -19.41
CA LEU B 109 -12.51 8.79 -18.27
C LEU B 109 -13.70 8.11 -17.65
N ASP B 110 -13.47 7.40 -16.54
CA ASP B 110 -14.47 6.48 -16.01
C ASP B 110 -15.49 7.16 -15.08
N TYR B 111 -15.13 8.24 -14.42
CA TYR B 111 -16.09 8.98 -13.62
C TYR B 111 -15.99 10.47 -13.94
N TRP B 112 -17.15 11.10 -14.10
CA TRP B 112 -17.25 12.51 -14.44
C TRP B 112 -18.05 13.23 -13.37
N GLY B 113 -17.61 14.42 -13.00
CA GLY B 113 -18.37 15.23 -12.06
C GLY B 113 -19.62 15.80 -12.70
N GLN B 114 -20.37 16.56 -11.90
CA GLN B 114 -21.60 17.17 -12.42
C GLN B 114 -21.33 18.32 -13.39
N GLY B 115 -20.16 18.93 -13.33
CA GLY B 115 -19.81 20.06 -14.17
C GLY B 115 -20.04 21.40 -13.49
N THR B 116 -19.33 22.41 -13.99
CA THR B 116 -19.61 23.82 -13.72
C THR B 116 -19.63 24.60 -15.02
N CYS B 117 -20.62 25.47 -15.16
CA CYS B 117 -20.74 26.31 -16.33
C CYS B 117 -19.74 27.47 -16.27
N VAL B 118 -19.22 27.85 -17.43
CA VAL B 118 -18.47 29.10 -17.59
C VAL B 118 -19.09 29.86 -18.74
N THR B 119 -19.39 31.13 -18.52
CA THR B 119 -20.01 32.00 -19.52
C THR B 119 -19.12 33.22 -19.72
N VAL B 120 -18.21 33.14 -20.68
CA VAL B 120 -17.36 34.27 -21.06
C VAL B 120 -18.19 35.19 -21.95
N SER B 121 -18.72 36.28 -21.37
CA SER B 121 -19.54 37.20 -22.13
C SER B 121 -19.36 38.61 -21.59
N SER B 122 -19.44 39.58 -22.50
CA SER B 122 -19.45 40.99 -22.12
C SER B 122 -20.74 41.39 -21.40
N ALA B 123 -21.87 40.80 -21.76
CA ALA B 123 -23.17 41.28 -21.31
C ALA B 123 -23.28 41.29 -19.79
N LYS B 124 -24.11 42.20 -19.30
CA LYS B 124 -24.26 42.46 -17.87
C LYS B 124 -24.99 41.32 -17.17
N THR B 125 -24.34 40.72 -16.18
CA THR B 125 -25.01 39.79 -15.27
C THR B 125 -26.21 40.45 -14.61
N THR B 126 -27.34 39.73 -14.61
CA THR B 126 -28.61 40.28 -14.17
C THR B 126 -29.38 39.19 -13.44
N ALA B 127 -30.28 39.62 -12.52
CA ALA B 127 -31.01 38.67 -11.70
C ALA B 127 -32.32 38.24 -12.37
N PRO B 128 -32.74 36.99 -12.12
CA PRO B 128 -34.01 36.51 -12.67
C PRO B 128 -35.21 37.19 -12.01
N SER B 129 -36.05 37.81 -12.84
CA SER B 129 -37.41 38.12 -12.43
C SER B 129 -38.25 36.84 -12.42
N VAL B 130 -38.75 36.46 -11.24
CA VAL B 130 -39.46 35.19 -11.07
C VAL B 130 -40.93 35.49 -10.87
N TYR B 131 -41.76 35.08 -11.83
CA TYR B 131 -43.18 35.33 -11.82
C TYR B 131 -43.97 34.04 -11.63
N PRO B 132 -44.89 33.97 -10.68
CA PRO B 132 -45.83 32.85 -10.63
C PRO B 132 -46.70 32.78 -11.88
N LEU B 133 -46.99 31.55 -12.30
CA LEU B 133 -48.03 31.28 -13.31
C LEU B 133 -49.25 30.69 -12.62
N ALA B 134 -50.07 31.56 -12.04
CA ALA B 134 -51.32 31.11 -11.44
C ALA B 134 -52.29 30.60 -12.51
N PRO B 135 -52.92 29.45 -12.30
CA PRO B 135 -53.71 28.83 -13.36
C PRO B 135 -54.98 29.62 -13.66
N VAL B 136 -55.48 29.43 -14.89
CA VAL B 136 -56.70 30.10 -15.31
C VAL B 136 -57.87 29.72 -14.41
N CYS B 137 -58.68 30.73 -14.07
CA CYS B 137 -60.00 30.54 -13.48
C CYS B 137 -60.94 29.99 -14.55
N GLY B 138 -61.26 28.70 -14.45
CA GLY B 138 -61.96 28.03 -15.52
C GLY B 138 -62.34 26.59 -15.24
N ASP B 139 -61.76 25.63 -15.97
CA ASP B 139 -62.08 24.23 -15.72
C ASP B 139 -61.43 23.73 -14.43
N THR B 140 -60.13 24.00 -14.26
CA THR B 140 -59.48 24.00 -12.94
C THR B 140 -59.80 22.75 -12.14
N THR B 141 -59.92 21.61 -12.84
CA THR B 141 -60.76 20.50 -12.39
C THR B 141 -60.29 19.88 -11.08
N GLY B 142 -59.15 20.29 -10.53
CA GLY B 142 -58.76 19.89 -9.20
C GLY B 142 -58.26 18.46 -9.07
N SER B 143 -58.87 17.53 -9.81
CA SER B 143 -58.31 16.19 -9.92
C SER B 143 -56.87 16.22 -10.42
N SER B 144 -56.58 17.08 -11.39
CA SER B 144 -55.24 17.62 -11.59
C SER B 144 -55.36 19.07 -12.02
N VAL B 145 -54.29 19.83 -11.76
CA VAL B 145 -54.16 21.19 -12.28
C VAL B 145 -52.70 21.41 -12.65
N THR B 146 -52.48 22.07 -13.78
CA THR B 146 -51.14 22.46 -14.17
C THR B 146 -50.74 23.77 -13.50
N LEU B 147 -49.54 23.78 -12.92
CA LEU B 147 -48.99 24.96 -12.27
C LEU B 147 -47.64 25.26 -12.90
N GLY B 148 -47.27 26.55 -12.91
CA GLY B 148 -46.07 26.95 -13.62
C GLY B 148 -45.30 28.01 -12.86
N CYS B 149 -44.02 28.11 -13.21
CA CYS B 149 -43.10 29.09 -12.65
C CYS B 149 -42.33 29.72 -13.80
N LEU B 150 -42.24 31.04 -13.81
CA LEU B 150 -41.57 31.76 -14.89
C LEU B 150 -40.36 32.49 -14.33
N VAL B 151 -39.20 32.25 -14.93
CA VAL B 151 -37.91 32.71 -14.42
C VAL B 151 -37.27 33.49 -15.55
N LYS B 152 -37.34 34.83 -15.47
CA LYS B 152 -37.21 35.67 -16.65
C LYS B 152 -36.17 36.75 -16.42
N GLY B 153 -35.48 37.12 -17.49
CA GLY B 153 -34.62 38.29 -17.52
C GLY B 153 -33.25 38.14 -16.91
N TYR B 154 -32.80 36.91 -16.64
CA TYR B 154 -31.46 36.72 -16.11
C TYR B 154 -30.46 36.52 -17.24
N PHE B 155 -29.17 36.56 -16.90
CA PHE B 155 -28.13 36.36 -17.88
C PHE B 155 -27.01 35.48 -17.34
N CYS B 156 -26.31 34.84 -18.28
CA CYS B 156 -25.54 33.61 -18.15
C CYS B 156 -26.46 32.41 -17.99
N GLU B 157 -26.12 31.30 -18.62
CA GLU B 157 -27.00 30.15 -18.65
C GLU B 157 -27.09 29.49 -17.29
N CYS B 158 -25.95 29.35 -16.63
CA CYS B 158 -25.84 28.65 -15.36
C CYS B 158 -24.51 29.03 -14.73
N PRO B 159 -24.32 28.73 -13.41
CA PRO B 159 -25.19 28.02 -12.47
C PRO B 159 -26.55 28.64 -12.22
N VAL B 160 -27.57 27.81 -12.41
CA VAL B 160 -28.96 28.15 -12.13
C VAL B 160 -29.63 26.88 -11.63
N THR B 161 -30.68 27.05 -10.83
CA THR B 161 -31.41 25.89 -10.33
C THR B 161 -32.86 26.29 -10.11
N LEU B 162 -33.76 25.35 -10.40
CA LEU B 162 -35.17 25.48 -10.04
C LEU B 162 -35.60 24.18 -9.37
N THR B 163 -36.46 24.30 -8.37
CA THR B 163 -36.92 23.14 -7.62
C THR B 163 -38.32 23.43 -7.12
N TRP B 164 -39.13 22.37 -6.99
CA TRP B 164 -40.51 22.49 -6.52
C TRP B 164 -40.64 21.90 -5.12
N ASN B 165 -41.19 22.70 -4.21
CA ASN B 165 -41.43 22.31 -2.82
C ASN B 165 -40.22 21.62 -2.19
N SER B 166 -39.06 22.27 -2.30
CA SER B 166 -37.79 21.75 -1.78
C SER B 166 -37.48 20.34 -2.26
N GLY B 167 -38.00 19.97 -3.43
CA GLY B 167 -37.72 18.67 -4.01
C GLY B 167 -38.68 17.55 -3.65
N SER B 168 -39.65 17.80 -2.78
CA SER B 168 -40.68 16.79 -2.53
C SER B 168 -41.46 16.48 -3.80
N LEU B 169 -41.65 17.49 -4.66
CA LEU B 169 -42.20 17.29 -5.99
C LEU B 169 -41.12 16.81 -6.95
N SER B 170 -40.44 15.72 -6.60
CA SER B 170 -39.51 15.06 -7.50
C SER B 170 -40.25 14.19 -8.53
N SER B 171 -41.45 14.60 -8.89
CA SER B 171 -42.24 13.90 -9.91
C SER B 171 -43.27 14.86 -10.46
N GLY B 172 -43.80 14.52 -11.64
CA GLY B 172 -44.73 15.41 -12.31
C GLY B 172 -44.13 16.71 -12.79
N VAL B 173 -42.80 16.85 -12.74
CA VAL B 173 -42.11 18.08 -13.04
C VAL B 173 -41.51 18.00 -14.44
N HIS B 174 -41.61 19.10 -15.18
CA HIS B 174 -40.95 19.22 -16.48
C HIS B 174 -40.34 20.62 -16.54
N THR B 175 -39.02 20.68 -16.49
CA THR B 175 -38.29 21.95 -16.53
C THR B 175 -37.73 22.18 -17.92
N PHE B 176 -38.03 23.34 -18.48
CA PHE B 176 -37.70 23.60 -19.87
C PHE B 176 -36.35 24.32 -19.99
N PRO B 177 -35.53 23.90 -20.95
CA PRO B 177 -34.24 24.57 -21.18
C PRO B 177 -34.38 26.07 -21.35
N ALA B 178 -33.42 26.80 -20.80
CA ALA B 178 -33.37 28.25 -20.96
C ALA B 178 -33.15 28.62 -22.41
N VAL B 179 -33.83 29.67 -22.86
CA VAL B 179 -33.74 30.15 -24.23
C VAL B 179 -33.69 31.67 -24.20
N LEU B 180 -32.91 32.26 -25.10
CA LEU B 180 -32.75 33.71 -25.12
C LEU B 180 -33.98 34.40 -25.66
N GLN B 181 -34.26 35.57 -25.08
CA GLN B 181 -34.99 36.63 -25.76
C GLN B 181 -33.98 37.64 -26.27
N SER B 182 -34.28 38.93 -26.15
CA SER B 182 -33.28 39.96 -26.45
C SER B 182 -32.21 39.92 -25.37
N ASP B 183 -31.10 39.24 -25.66
CA ASP B 183 -29.91 39.18 -24.82
C ASP B 183 -30.15 38.63 -23.42
N LEU B 184 -31.38 38.27 -23.09
CA LEU B 184 -31.70 37.77 -21.76
C LEU B 184 -32.39 36.43 -21.84
N TYR B 185 -32.09 35.55 -20.89
CA TYR B 185 -32.69 34.22 -20.86
C TYR B 185 -34.08 34.26 -20.25
N THR B 186 -34.95 33.41 -20.78
CA THR B 186 -36.18 33.02 -20.10
C THR B 186 -36.15 31.53 -19.82
N LEU B 187 -36.45 31.15 -18.58
CA LEU B 187 -36.66 29.76 -18.20
C LEU B 187 -38.06 29.63 -17.62
N SER B 188 -38.64 28.43 -17.76
CA SER B 188 -39.89 28.14 -17.08
C SER B 188 -39.91 26.66 -16.69
N SER B 189 -40.84 26.34 -15.79
CA SER B 189 -41.04 24.96 -15.36
C SER B 189 -42.53 24.72 -15.14
N SER B 190 -42.96 23.48 -15.36
CA SER B 190 -44.33 23.06 -15.13
C SER B 190 -44.36 21.99 -14.06
N VAL B 191 -45.37 22.05 -13.20
CA VAL B 191 -45.73 20.94 -12.33
C VAL B 191 -47.24 20.75 -12.39
N THR B 192 -47.67 19.49 -12.46
CA THR B 192 -49.07 19.12 -12.44
C THR B 192 -49.36 18.31 -11.18
N VAL B 193 -50.33 18.76 -10.39
CA VAL B 193 -50.56 18.23 -9.05
C VAL B 193 -52.06 18.07 -8.83
N THR B 194 -52.41 17.14 -7.95
CA THR B 194 -53.77 17.04 -7.44
C THR B 194 -54.01 18.15 -6.41
N SER B 195 -55.27 18.60 -6.33
CA SER B 195 -55.65 19.65 -5.40
C SER B 195 -55.40 19.30 -3.94
N SER B 196 -55.11 18.03 -3.63
CA SER B 196 -54.65 17.65 -2.30
C SER B 196 -53.42 18.41 -1.82
N THR B 197 -52.75 19.17 -2.70
CA THR B 197 -51.71 20.09 -2.25
C THR B 197 -51.89 21.51 -2.78
N TRP B 198 -52.98 21.82 -3.47
CA TRP B 198 -53.16 23.13 -4.06
C TRP B 198 -54.64 23.49 -4.04
N PRO B 199 -55.01 24.75 -3.74
CA PRO B 199 -54.15 25.90 -3.43
C PRO B 199 -53.50 25.87 -2.04
N SER B 200 -52.18 26.02 -1.99
CA SER B 200 -51.45 26.29 -0.77
C SER B 200 -50.04 26.72 -1.14
N GLN B 201 -49.35 27.34 -0.17
CA GLN B 201 -47.95 27.72 -0.36
C GLN B 201 -47.02 26.52 -0.42
N SER B 202 -47.54 25.30 -0.21
CA SER B 202 -46.76 24.10 -0.46
C SER B 202 -46.18 24.08 -1.87
N ILE B 203 -46.91 24.61 -2.84
CA ILE B 203 -46.37 24.79 -4.18
C ILE B 203 -45.49 26.03 -4.19
N THR B 204 -44.26 25.88 -3.73
CA THR B 204 -43.22 26.90 -3.81
C THR B 204 -42.32 26.59 -5.00
N CYS B 205 -42.09 27.58 -5.86
CA CYS B 205 -41.04 27.51 -6.87
C CYS B 205 -39.72 27.93 -6.24
N ASN B 206 -38.92 26.95 -5.83
CA ASN B 206 -37.59 27.21 -5.31
C ASN B 206 -36.64 27.39 -6.49
N VAL B 207 -36.08 28.59 -6.63
CA VAL B 207 -35.24 28.94 -7.77
C VAL B 207 -34.07 29.76 -7.26
N ALA B 208 -32.89 29.53 -7.85
CA ALA B 208 -31.67 30.23 -7.45
C ALA B 208 -30.85 30.55 -8.70
N HIS B 209 -30.13 31.67 -8.62
CA HIS B 209 -29.20 32.08 -9.67
C HIS B 209 -27.94 32.61 -9.01
N PRO B 210 -27.05 31.72 -8.58
CA PRO B 210 -25.84 32.16 -7.88
C PRO B 210 -24.96 33.11 -8.68
N ALA B 211 -25.04 33.08 -10.01
CA ALA B 211 -24.29 34.04 -10.82
C ALA B 211 -24.71 35.47 -10.56
N SER B 212 -25.92 35.71 -10.04
CA SER B 212 -26.30 37.02 -9.52
C SER B 212 -26.59 36.98 -8.03
N SER B 213 -26.03 36.00 -7.30
CA SER B 213 -26.23 35.82 -5.87
C SER B 213 -27.71 35.77 -5.49
N THR B 214 -28.59 35.40 -6.42
CA THR B 214 -30.03 35.60 -6.26
C THR B 214 -30.69 34.28 -5.90
N LYS B 215 -31.57 34.32 -4.89
CA LYS B 215 -32.48 33.22 -4.61
C LYS B 215 -33.83 33.79 -4.19
N VAL B 216 -34.91 33.15 -4.64
CA VAL B 216 -36.26 33.46 -4.18
C VAL B 216 -37.06 32.17 -4.12
N ASP B 217 -38.17 32.21 -3.40
CA ASP B 217 -39.02 31.05 -3.15
C ASP B 217 -40.49 31.45 -3.35
N LYS B 218 -40.79 31.92 -4.57
CA LYS B 218 -42.10 32.48 -4.86
C LYS B 218 -43.19 31.41 -4.81
N LYS B 219 -44.40 31.83 -4.44
CA LYS B 219 -45.54 30.94 -4.26
C LYS B 219 -46.49 31.07 -5.44
N ILE B 220 -46.98 29.93 -5.91
CA ILE B 220 -48.01 29.92 -6.97
C ILE B 220 -49.35 30.01 -6.26
N GLU B 221 -49.70 31.23 -5.86
CA GLU B 221 -50.93 31.45 -5.10
C GLU B 221 -52.15 31.16 -5.97
N PRO B 222 -53.28 30.83 -5.35
CA PRO B 222 -54.53 30.72 -6.11
C PRO B 222 -54.87 32.02 -6.82
N ARG B 223 -55.26 31.91 -8.09
CA ARG B 223 -55.65 33.08 -8.85
C ARG B 223 -57.08 33.49 -8.50
N GLY B 224 -57.34 34.79 -8.63
CA GLY B 224 -58.69 35.31 -8.45
C GLY B 224 -58.93 36.63 -9.19
N GLU C 1 -5.99 15.83 -32.50
CA GLU C 1 -5.03 15.44 -33.53
C GLU C 1 -5.64 14.41 -34.46
N ILE C 2 -6.37 13.45 -33.88
CA ILE C 2 -7.14 12.47 -34.63
C ILE C 2 -8.61 12.83 -34.48
N VAL C 3 -9.28 13.05 -35.60
CA VAL C 3 -10.70 13.37 -35.58
C VAL C 3 -11.53 12.10 -35.61
N LEU C 4 -12.59 12.09 -34.82
CA LEU C 4 -13.59 11.03 -34.83
C LEU C 4 -14.88 11.58 -35.42
N THR C 5 -15.41 10.92 -36.43
CA THR C 5 -16.68 11.30 -37.02
C THR C 5 -17.71 10.21 -36.75
N GLN C 6 -18.91 10.64 -36.37
CA GLN C 6 -20.00 9.73 -36.01
C GLN C 6 -21.14 9.89 -37.00
N SER C 7 -21.74 8.76 -37.39
CA SER C 7 -22.87 8.73 -38.30
C SER C 7 -23.91 7.76 -37.77
N PRO C 8 -25.20 8.12 -37.82
CA PRO C 8 -25.74 9.44 -38.14
C PRO C 8 -25.58 10.43 -36.99
N ALA C 9 -25.88 11.71 -37.21
CA ALA C 9 -25.94 12.65 -36.10
C ALA C 9 -27.20 12.47 -35.27
N LEU C 10 -28.30 12.09 -35.90
CA LEU C 10 -29.53 11.73 -35.20
C LEU C 10 -30.09 10.42 -35.75
N MET C 11 -30.65 9.60 -34.87
CA MET C 11 -31.27 8.36 -35.27
C MET C 11 -32.59 8.20 -34.53
N ALA C 12 -33.61 7.74 -35.25
CA ALA C 12 -34.96 7.60 -34.71
C ALA C 12 -35.38 6.13 -34.79
N ALA C 13 -35.15 5.39 -33.72
CA ALA C 13 -35.32 3.95 -33.70
C ALA C 13 -36.58 3.55 -32.93
N SER C 14 -37.31 2.57 -33.46
CA SER C 14 -38.45 2.03 -32.74
C SER C 14 -37.99 1.28 -31.50
N PRO C 15 -38.80 1.25 -30.46
CA PRO C 15 -38.64 0.20 -29.43
C PRO C 15 -38.56 -1.19 -30.04
N GLY C 16 -37.58 -1.96 -29.60
CA GLY C 16 -37.34 -3.29 -30.10
C GLY C 16 -36.55 -3.39 -31.39
N GLU C 17 -36.29 -2.27 -32.07
CA GLU C 17 -35.38 -2.32 -33.22
C GLU C 17 -33.95 -2.60 -32.77
N LYS C 18 -33.23 -3.36 -33.58
CA LYS C 18 -31.77 -3.35 -33.53
C LYS C 18 -31.25 -2.01 -34.04
N VAL C 19 -30.35 -1.40 -33.27
CA VAL C 19 -29.78 -0.09 -33.59
C VAL C 19 -28.28 -0.25 -33.75
N THR C 20 -27.71 0.43 -34.74
CA THR C 20 -26.27 0.48 -34.89
C THR C 20 -25.83 1.89 -35.26
N ILE C 21 -24.83 2.40 -34.55
CA ILE C 21 -24.25 3.71 -34.79
C ILE C 21 -22.76 3.52 -35.03
N THR C 22 -22.19 4.36 -35.89
CA THR C 22 -20.84 4.17 -36.38
C THR C 22 -19.93 5.31 -35.93
N CYS C 23 -18.70 4.96 -35.58
CA CYS C 23 -17.63 5.92 -35.32
C CYS C 23 -16.50 5.62 -36.27
N SER C 24 -16.12 6.60 -37.08
CA SER C 24 -15.05 6.45 -38.05
C SER C 24 -13.86 7.31 -37.67
N VAL C 25 -12.66 6.75 -37.79
CA VAL C 25 -11.44 7.35 -37.26
C VAL C 25 -10.55 7.72 -38.43
N SER C 26 -10.00 8.94 -38.40
CA SER C 26 -9.18 9.42 -39.50
C SER C 26 -7.85 8.68 -39.63
N LEU C 27 -7.47 7.87 -38.64
CA LEU C 27 -6.29 7.03 -38.72
C LEU C 27 -6.58 5.72 -38.02
N SER C 28 -5.83 4.68 -38.37
CA SER C 28 -5.97 3.41 -37.67
C SER C 28 -5.52 3.56 -36.23
N ILE C 29 -6.34 3.06 -35.30
CA ILE C 29 -6.05 3.09 -33.88
C ILE C 29 -6.25 1.69 -33.32
N SER C 30 -5.64 1.44 -32.16
CA SER C 30 -5.88 0.18 -31.46
C SER C 30 -7.32 0.13 -30.97
N SER C 31 -7.94 -1.03 -31.13
CA SER C 31 -9.28 -1.25 -30.59
C SER C 31 -9.34 -1.14 -29.07
N SER C 32 -8.20 -1.32 -28.40
CA SER C 32 -8.12 -1.08 -26.96
C SER C 32 -8.27 0.39 -26.60
N ASN C 33 -8.16 1.30 -27.56
CA ASN C 33 -8.07 2.73 -27.29
C ASN C 33 -9.31 3.50 -27.72
N LEU C 34 -10.34 2.81 -28.20
CA LEU C 34 -11.59 3.44 -28.58
C LEU C 34 -12.62 3.18 -27.49
N PHE C 35 -13.34 4.23 -27.09
CA PHE C 35 -14.27 4.14 -25.97
C PHE C 35 -15.59 4.78 -26.37
N TRP C 36 -16.65 4.42 -25.65
CA TRP C 36 -17.97 4.99 -25.87
C TRP C 36 -18.52 5.55 -24.56
N TYR C 37 -19.21 6.68 -24.65
CA TYR C 37 -19.89 7.29 -23.52
C TYR C 37 -21.36 7.48 -23.87
N GLN C 38 -22.22 7.37 -22.86
CA GLN C 38 -23.62 7.75 -22.96
C GLN C 38 -23.85 8.99 -22.11
N GLN C 39 -24.38 10.05 -22.72
CA GLN C 39 -24.84 11.23 -22.00
C GLN C 39 -26.35 11.34 -22.09
N LYS C 40 -27.02 11.30 -20.95
CA LYS C 40 -28.43 11.63 -20.84
C LYS C 40 -28.62 13.14 -20.75
N CYS C 41 -29.86 13.58 -20.95
CA CYS C 41 -30.18 15.01 -20.94
C CYS C 41 -29.65 15.70 -19.69
N GLU C 42 -28.79 16.68 -19.89
CA GLU C 42 -28.26 17.55 -18.83
C GLU C 42 -27.79 16.74 -17.62
N THR C 43 -27.05 15.68 -17.90
CA THR C 43 -26.17 15.05 -16.92
C THR C 43 -24.81 14.85 -17.56
N SER C 44 -23.80 14.60 -16.74
CA SER C 44 -22.48 14.36 -17.26
C SER C 44 -22.44 13.06 -18.07
N PRO C 45 -21.50 12.93 -18.99
CA PRO C 45 -21.33 11.66 -19.70
C PRO C 45 -20.97 10.53 -18.74
N LYS C 46 -21.40 9.32 -19.10
CA LYS C 46 -21.02 8.13 -18.38
C LYS C 46 -20.32 7.16 -19.32
N PRO C 47 -19.25 6.51 -18.86
CA PRO C 47 -18.61 5.48 -19.68
C PRO C 47 -19.57 4.34 -19.99
N TRP C 48 -19.46 3.83 -21.19
CA TRP C 48 -20.42 2.84 -21.67
C TRP C 48 -19.76 1.59 -22.21
N ILE C 49 -18.69 1.73 -23.00
CA ILE C 49 -17.91 0.60 -23.49
C ILE C 49 -16.44 0.91 -23.32
N TYR C 50 -15.69 -0.05 -22.80
CA TYR C 50 -14.26 0.07 -22.55
C TYR C 50 -13.51 -0.76 -23.59
N GLY C 51 -12.55 -0.14 -24.25
CA GLY C 51 -12.13 -0.65 -25.53
C GLY C 51 -13.33 -0.71 -26.47
N THR C 52 -13.10 -1.42 -27.58
CA THR C 52 -14.15 -1.50 -28.60
C THR C 52 -15.40 -2.20 -28.10
N SER C 53 -15.27 -3.10 -27.13
CA SER C 53 -16.32 -4.10 -26.92
C SER C 53 -16.63 -4.44 -25.46
N LYS C 54 -15.77 -4.13 -24.50
CA LYS C 54 -16.06 -4.46 -23.11
C LYS C 54 -17.04 -3.45 -22.54
N LEU C 55 -18.26 -3.90 -22.25
CA LEU C 55 -19.26 -3.04 -21.63
C LEU C 55 -18.78 -2.54 -20.28
N ALA C 56 -19.14 -1.29 -19.96
CA ALA C 56 -18.90 -0.75 -18.64
C ALA C 56 -19.83 -1.40 -17.62
N SER C 57 -19.43 -1.32 -16.35
CA SER C 57 -20.19 -1.93 -15.27
C SER C 57 -21.58 -1.34 -15.18
N GLY C 58 -22.59 -2.19 -15.37
CA GLY C 58 -23.98 -1.77 -15.31
C GLY C 58 -24.62 -1.45 -16.64
N VAL C 59 -23.89 -1.54 -17.73
CA VAL C 59 -24.48 -1.32 -19.06
C VAL C 59 -25.31 -2.53 -19.44
N PRO C 60 -26.56 -2.35 -19.88
CA PRO C 60 -27.39 -3.49 -20.27
C PRO C 60 -26.73 -4.30 -21.39
N VAL C 61 -26.74 -5.61 -21.23
CA VAL C 61 -26.08 -6.53 -22.17
C VAL C 61 -26.75 -6.54 -23.54
N ARG C 62 -27.81 -5.75 -23.71
CA ARG C 62 -28.30 -5.49 -25.06
C ARG C 62 -27.38 -4.58 -25.85
N PHE C 63 -26.50 -3.83 -25.17
CA PHE C 63 -25.48 -3.05 -25.84
C PHE C 63 -24.31 -3.94 -26.24
N SER C 64 -23.73 -3.65 -27.40
CA SER C 64 -22.46 -4.27 -27.76
C SER C 64 -21.68 -3.30 -28.65
N GLY C 65 -20.38 -3.54 -28.73
CA GLY C 65 -19.51 -2.76 -29.58
C GLY C 65 -18.57 -3.65 -30.37
N SER C 66 -18.29 -3.22 -31.60
CA SER C 66 -17.45 -3.99 -32.51
C SER C 66 -16.78 -3.03 -33.48
N GLY C 67 -15.62 -3.43 -33.97
CA GLY C 67 -14.87 -2.59 -34.88
C GLY C 67 -13.38 -2.84 -34.72
N SER C 68 -12.62 -2.29 -35.67
CA SER C 68 -11.17 -2.28 -35.60
C SER C 68 -10.64 -1.26 -36.58
N GLY C 69 -9.37 -0.90 -36.39
CA GLY C 69 -8.69 0.02 -37.27
C GLY C 69 -9.29 1.40 -37.33
N THR C 70 -9.89 1.76 -38.47
CA THR C 70 -10.47 3.07 -38.68
C THR C 70 -11.99 3.10 -38.48
N SER C 71 -12.62 1.96 -38.22
CA SER C 71 -14.08 1.93 -38.15
C SER C 71 -14.56 1.12 -36.97
N TYR C 72 -15.50 1.69 -36.22
CA TYR C 72 -16.02 1.12 -34.98
C TYR C 72 -17.51 1.38 -34.93
N SER C 73 -18.21 0.58 -34.13
CA SER C 73 -19.65 0.75 -34.02
C SER C 73 -20.12 0.37 -32.63
N LEU C 74 -21.24 0.95 -32.22
CA LEU C 74 -21.98 0.51 -31.05
C LEU C 74 -23.35 0.04 -31.51
N THR C 75 -23.82 -1.05 -30.92
CA THR C 75 -25.09 -1.64 -31.30
C THR C 75 -25.98 -1.82 -30.08
N ILE C 76 -27.27 -1.58 -30.25
CA ILE C 76 -28.29 -2.04 -29.32
C ILE C 76 -29.12 -3.12 -30.02
N SER C 77 -29.24 -4.28 -29.37
CA SER C 77 -29.99 -5.38 -29.98
C SER C 77 -31.49 -5.10 -29.99
N SER C 78 -31.98 -4.34 -29.03
CA SER C 78 -33.41 -4.03 -28.95
C SER C 78 -33.55 -2.78 -28.09
N MET C 79 -33.82 -1.64 -28.72
CA MET C 79 -33.78 -0.36 -28.04
C MET C 79 -34.94 -0.22 -27.05
N GLU C 80 -34.64 0.42 -25.92
CA GLU C 80 -35.62 0.76 -24.91
C GLU C 80 -35.58 2.27 -24.66
N CYS C 81 -36.65 2.79 -24.05
CA CYS C 81 -36.76 4.23 -23.84
C CYS C 81 -35.60 4.76 -22.99
N GLU C 82 -35.06 3.96 -22.07
CA GLU C 82 -33.89 4.36 -21.33
C GLU C 82 -32.62 4.45 -22.17
N ASP C 83 -32.64 3.96 -23.40
CA ASP C 83 -31.50 4.11 -24.31
C ASP C 83 -31.47 5.44 -25.04
N ALA C 84 -32.55 6.22 -24.99
CA ALA C 84 -32.61 7.51 -25.68
C ALA C 84 -31.62 8.48 -25.05
N ALA C 85 -30.52 8.74 -25.75
CA ALA C 85 -29.38 9.49 -25.21
C ALA C 85 -28.48 9.86 -26.39
N THR C 86 -27.47 10.68 -26.10
CA THR C 86 -26.39 10.94 -27.03
C THR C 86 -25.20 10.05 -26.68
N TYR C 87 -24.66 9.37 -27.69
CA TYR C 87 -23.52 8.47 -27.53
C TYR C 87 -22.30 9.07 -28.19
N TYR C 88 -21.22 9.20 -27.44
CA TYR C 88 -19.96 9.74 -27.93
C TYR C 88 -18.92 8.64 -27.98
N CYS C 89 -18.29 8.47 -29.14
CA CYS C 89 -17.05 7.70 -29.15
C CYS C 89 -15.88 8.60 -28.76
N GLN C 90 -14.82 7.97 -28.25
CA GLN C 90 -13.63 8.69 -27.84
C GLN C 90 -12.42 7.81 -28.11
N GLN C 91 -11.31 8.46 -28.45
CA GLN C 91 -10.01 7.80 -28.54
C GLN C 91 -9.00 8.59 -27.72
N TRP C 92 -7.88 7.95 -27.42
CA TRP C 92 -6.72 8.63 -26.88
C TRP C 92 -5.47 8.22 -27.63
N SER C 93 -4.65 9.21 -27.97
CA SER C 93 -3.35 8.97 -28.59
C SER C 93 -2.50 10.21 -28.34
N SER C 94 -1.20 10.05 -28.60
CA SER C 94 -0.21 11.08 -28.31
C SER C 94 -0.29 11.47 -26.84
N HIS C 95 -0.85 12.64 -26.54
CA HIS C 95 -1.30 12.96 -25.19
C HIS C 95 -2.62 13.73 -25.24
N SER C 96 -3.50 13.39 -26.18
CA SER C 96 -4.77 14.09 -26.31
C SER C 96 -5.93 13.12 -26.32
N PHE C 97 -7.01 13.50 -25.64
CA PHE C 97 -8.31 12.89 -25.82
C PHE C 97 -9.03 13.61 -26.95
N THR C 98 -9.63 12.86 -27.86
CA THR C 98 -10.56 13.44 -28.83
C THR C 98 -11.88 12.68 -28.79
N PHE C 99 -12.95 13.40 -29.08
CA PHE C 99 -14.30 12.87 -29.01
C PHE C 99 -14.97 12.96 -30.37
N GLY C 100 -15.88 12.02 -30.63
CA GLY C 100 -16.77 12.15 -31.76
C GLY C 100 -17.86 13.18 -31.51
N GLY C 101 -18.55 13.54 -32.59
CA GLY C 101 -19.59 14.55 -32.51
C GLY C 101 -20.80 14.14 -31.69
N GLY C 102 -20.94 12.86 -31.37
CA GLY C 102 -22.14 12.35 -30.73
C GLY C 102 -23.19 11.90 -31.71
N THR C 103 -23.95 10.87 -31.32
CA THR C 103 -25.16 10.46 -32.01
C THR C 103 -26.32 10.48 -31.02
N LYS C 104 -27.32 11.31 -31.30
CA LYS C 104 -28.54 11.35 -30.49
C LYS C 104 -29.49 10.26 -30.98
N LEU C 105 -29.79 9.30 -30.12
CA LEU C 105 -30.88 8.37 -30.37
C LEU C 105 -32.22 8.98 -29.94
N GLU C 106 -33.04 9.34 -30.92
CA GLU C 106 -34.48 9.42 -30.72
C GLU C 106 -35.07 8.01 -30.72
N ILE C 107 -35.96 7.74 -29.77
CA ILE C 107 -36.82 6.57 -29.82
C ILE C 107 -38.21 6.98 -30.31
N LYS C 108 -38.62 6.47 -31.47
CA LYS C 108 -39.94 6.77 -32.02
C LYS C 108 -41.00 5.97 -31.26
N ARG C 109 -41.31 6.47 -30.06
CA ARG C 109 -42.43 6.02 -29.27
C ARG C 109 -43.74 6.10 -30.05
N ALA C 110 -44.75 5.37 -29.59
CA ALA C 110 -46.12 5.65 -30.00
C ALA C 110 -46.51 7.09 -29.65
N ASP C 111 -47.59 7.55 -30.27
CA ASP C 111 -48.07 8.90 -30.08
C ASP C 111 -48.57 9.13 -28.66
N ALA C 112 -48.67 10.41 -28.29
CA ALA C 112 -49.49 10.86 -27.17
C ALA C 112 -50.00 12.25 -27.50
N ALA C 113 -51.23 12.53 -27.10
CA ALA C 113 -51.76 13.88 -27.32
C ALA C 113 -51.26 14.84 -26.24
N PRO C 114 -50.93 16.08 -26.62
CA PRO C 114 -50.46 17.06 -25.63
C PRO C 114 -51.55 17.44 -24.64
N THR C 115 -51.24 17.32 -23.36
CA THR C 115 -52.04 17.96 -22.31
C THR C 115 -51.69 19.45 -22.29
N VAL C 116 -52.59 20.28 -22.80
CA VAL C 116 -52.29 21.69 -23.06
C VAL C 116 -52.86 22.54 -21.93
N SER C 117 -52.03 23.41 -21.38
CA SER C 117 -52.42 24.36 -20.35
C SER C 117 -51.95 25.76 -20.74
N ILE C 118 -52.63 26.76 -20.21
CA ILE C 118 -52.38 28.16 -20.57
C ILE C 118 -52.53 29.03 -19.32
N PHE C 119 -51.76 30.13 -19.30
CA PHE C 119 -51.61 30.97 -18.12
C PHE C 119 -51.50 32.43 -18.53
N PRO C 120 -52.39 33.29 -18.06
CA PRO C 120 -52.13 34.74 -18.08
C PRO C 120 -51.09 35.10 -17.06
N PRO C 121 -50.40 36.23 -17.24
CA PRO C 121 -49.41 36.65 -16.23
C PRO C 121 -50.05 36.85 -14.88
N SER C 122 -49.27 36.61 -13.83
CA SER C 122 -49.58 37.19 -12.53
C SER C 122 -49.29 38.68 -12.53
N SER C 123 -50.05 39.41 -11.70
CA SER C 123 -49.96 40.86 -11.66
C SER C 123 -48.58 41.37 -11.29
N GLU C 124 -47.72 40.51 -10.75
CA GLU C 124 -46.33 40.90 -10.49
C GLU C 124 -45.62 41.32 -11.77
N GLN C 125 -45.89 40.62 -12.88
CA GLN C 125 -45.29 41.02 -14.14
C GLN C 125 -45.95 42.28 -14.70
N LEU C 126 -47.25 42.45 -14.50
CA LEU C 126 -47.91 43.68 -14.90
C LEU C 126 -47.31 44.88 -14.18
N THR C 127 -47.09 44.75 -12.87
CA THR C 127 -46.41 45.80 -12.12
C THR C 127 -44.93 45.91 -12.52
N SER C 128 -44.36 44.87 -13.11
CA SER C 128 -43.07 44.99 -13.77
C SER C 128 -43.16 45.68 -15.13
N GLY C 129 -44.34 46.13 -15.54
CA GLY C 129 -44.49 46.89 -16.76
C GLY C 129 -44.75 46.11 -18.03
N GLY C 130 -45.04 44.83 -17.94
CA GLY C 130 -45.25 44.05 -19.14
C GLY C 130 -46.10 42.82 -18.87
N ALA C 131 -46.15 41.94 -19.87
CA ALA C 131 -46.88 40.68 -19.73
C ALA C 131 -46.18 39.59 -20.51
N SER C 132 -46.42 38.35 -20.08
CA SER C 132 -45.98 37.17 -20.81
C SER C 132 -47.04 36.09 -20.61
N VAL C 133 -47.87 35.88 -21.62
CA VAL C 133 -48.80 34.76 -21.60
C VAL C 133 -48.04 33.48 -21.95
N VAL C 134 -48.31 32.41 -21.19
CA VAL C 134 -47.56 31.18 -21.27
C VAL C 134 -48.50 30.03 -21.59
N CYS C 135 -48.03 29.09 -22.41
CA CYS C 135 -48.78 27.90 -22.77
C CYS C 135 -47.89 26.69 -22.54
N PHE C 136 -48.43 25.64 -21.92
CA PHE C 136 -47.70 24.41 -21.65
C PHE C 136 -48.31 23.25 -22.41
N LEU C 137 -47.46 22.34 -22.86
CA LEU C 137 -47.84 21.21 -23.70
C LEU C 137 -47.07 20.00 -23.18
N ASN C 138 -47.66 19.28 -22.25
CA ASN C 138 -46.94 18.25 -21.50
C ASN C 138 -47.23 16.86 -22.07
N ASN C 139 -46.17 16.05 -22.15
CA ASN C 139 -46.27 14.62 -22.44
C ASN C 139 -46.95 14.34 -23.77
N PHE C 140 -46.54 15.06 -24.81
CA PHE C 140 -46.95 14.74 -26.16
C PHE C 140 -45.87 13.94 -26.88
N TYR C 141 -46.25 13.34 -28.01
CA TYR C 141 -45.27 12.74 -28.90
C TYR C 141 -45.91 12.63 -30.28
N PRO C 142 -45.18 12.89 -31.37
CA PRO C 142 -43.75 13.24 -31.48
C PRO C 142 -43.39 14.65 -31.04
N LYS C 143 -42.11 14.99 -31.18
CA LYS C 143 -41.65 16.34 -30.88
C LYS C 143 -42.30 17.37 -31.80
N ASP C 144 -42.64 16.97 -33.03
CA ASP C 144 -43.08 17.93 -34.03
C ASP C 144 -44.47 18.43 -33.68
N ILE C 145 -44.59 19.75 -33.48
CA ILE C 145 -45.84 20.35 -33.00
C ILE C 145 -45.84 21.80 -33.45
N ASN C 146 -47.03 22.30 -33.77
CA ASN C 146 -47.23 23.72 -34.05
C ASN C 146 -47.96 24.39 -32.89
N VAL C 147 -47.42 25.49 -32.42
CA VAL C 147 -48.06 26.36 -31.43
C VAL C 147 -48.28 27.72 -32.06
N LYS C 148 -49.41 28.34 -31.73
CA LYS C 148 -50.04 29.31 -32.63
C LYS C 148 -50.90 30.23 -31.79
N TRP C 149 -50.59 31.52 -31.82
CA TRP C 149 -50.98 32.47 -30.78
C TRP C 149 -51.85 33.54 -31.40
N LYS C 150 -53.09 33.63 -30.95
CA LYS C 150 -54.03 34.65 -31.40
C LYS C 150 -54.52 35.45 -30.20
N ILE C 151 -54.74 36.74 -30.43
CA ILE C 151 -54.93 37.70 -29.34
C ILE C 151 -56.01 38.67 -29.79
N ASP C 152 -57.23 38.48 -29.29
CA ASP C 152 -58.43 39.10 -29.86
C ASP C 152 -58.44 38.93 -31.38
N GLY C 153 -58.67 37.67 -31.77
CA GLY C 153 -58.82 37.32 -33.18
C GLY C 153 -57.53 37.27 -33.97
N SER C 154 -56.80 38.38 -34.03
CA SER C 154 -55.57 38.41 -34.81
C SER C 154 -54.49 37.55 -34.15
N GLU C 155 -53.70 36.86 -34.97
CA GLU C 155 -52.41 36.36 -34.53
C GLU C 155 -51.47 37.51 -34.22
N ARG C 156 -50.58 37.28 -33.25
CA ARG C 156 -49.56 38.24 -32.84
C ARG C 156 -48.25 37.51 -32.55
N GLN C 157 -47.78 36.74 -33.54
CA GLN C 157 -46.61 35.87 -33.38
C GLN C 157 -45.33 36.63 -33.08
N ASN C 158 -45.35 37.97 -33.09
CA ASN C 158 -44.14 38.77 -33.00
C ASN C 158 -43.31 38.47 -31.75
N GLY C 159 -43.91 37.95 -30.69
CA GLY C 159 -43.17 37.67 -29.48
C GLY C 159 -43.19 36.23 -29.01
N VAL C 160 -43.47 35.29 -29.91
CA VAL C 160 -43.60 33.89 -29.53
C VAL C 160 -42.23 33.31 -29.20
N LEU C 161 -42.18 32.52 -28.13
CA LEU C 161 -40.95 31.87 -27.67
C LEU C 161 -41.28 30.43 -27.31
N ASN C 162 -40.39 29.50 -27.69
CA ASN C 162 -40.65 28.08 -27.54
C ASN C 162 -39.43 27.36 -26.96
N SER C 163 -39.69 26.42 -26.05
CA SER C 163 -38.65 25.57 -25.49
C SER C 163 -39.20 24.17 -25.29
N TRP C 164 -38.43 23.16 -25.72
CA TRP C 164 -38.79 21.76 -25.53
C TRP C 164 -37.88 21.12 -24.51
N THR C 165 -38.45 20.27 -23.65
CA THR C 165 -37.66 19.25 -22.98
C THR C 165 -37.12 18.24 -23.99
N CYS C 166 -36.18 17.41 -23.54
CA CYS C 166 -35.84 16.21 -24.29
C CYS C 166 -36.89 15.13 -24.03
N GLN C 167 -36.69 13.97 -24.66
CA GLN C 167 -37.42 12.77 -24.26
C GLN C 167 -37.11 12.44 -22.81
N ASP C 168 -38.15 12.39 -21.98
CA ASP C 168 -37.96 12.51 -20.54
C ASP C 168 -37.29 11.30 -19.90
N SER C 169 -37.07 10.22 -20.67
CA SER C 169 -36.53 8.95 -20.20
C SER C 169 -37.36 8.30 -19.11
N LYS C 170 -38.53 8.85 -18.80
CA LYS C 170 -39.50 8.16 -17.96
C LYS C 170 -40.43 7.32 -18.83
N ASP C 171 -40.98 7.92 -19.87
CA ASP C 171 -41.66 7.20 -20.92
C ASP C 171 -41.30 7.72 -22.31
N CYS C 172 -40.41 8.70 -22.41
CA CYS C 172 -39.94 9.29 -23.67
C CYS C 172 -41.01 10.10 -24.40
N THR C 173 -42.01 10.62 -23.71
CA THR C 173 -42.77 11.73 -24.23
C THR C 173 -41.95 13.02 -24.23
N TYR C 174 -42.36 13.95 -25.08
CA TYR C 174 -41.86 15.32 -25.06
C TYR C 174 -42.78 16.23 -24.25
N SER C 175 -42.20 17.25 -23.62
CA SER C 175 -42.96 18.35 -23.06
C SER C 175 -42.42 19.67 -23.60
N MET C 176 -43.33 20.65 -23.70
CA MET C 176 -43.00 21.93 -24.30
C MET C 176 -43.62 23.06 -23.49
N SER C 177 -42.98 24.22 -23.50
CA SER C 177 -43.60 25.47 -23.10
C SER C 177 -43.58 26.45 -24.26
N SER C 178 -44.61 27.29 -24.32
CA SER C 178 -44.67 28.39 -25.27
C SER C 178 -45.02 29.67 -24.54
N THR C 179 -44.39 30.77 -24.94
CA THR C 179 -44.63 32.06 -24.31
C THR C 179 -44.74 33.14 -25.38
N LEU C 180 -45.73 34.00 -25.22
CA LEU C 180 -45.82 35.26 -25.99
C LEU C 180 -45.62 36.41 -25.01
N THR C 181 -44.52 37.15 -25.20
CA THR C 181 -44.23 38.31 -24.38
C THR C 181 -44.84 39.57 -24.99
N LEU C 182 -45.45 40.39 -24.15
CA LEU C 182 -46.24 41.53 -24.59
C LEU C 182 -45.95 42.73 -23.70
N THR C 183 -46.25 43.91 -24.22
CA THR C 183 -46.21 45.13 -23.43
C THR C 183 -47.33 45.16 -22.39
N LYS C 184 -47.18 46.07 -21.44
CA LYS C 184 -48.21 46.38 -20.45
C LYS C 184 -49.61 46.47 -21.03
N ASP C 185 -49.77 47.30 -22.08
CA ASP C 185 -51.11 47.55 -22.61
C ASP C 185 -51.56 46.48 -23.60
N GLU C 186 -50.65 45.90 -24.38
CA GLU C 186 -51.01 44.79 -25.25
C GLU C 186 -51.61 43.61 -24.51
N TYR C 187 -51.45 43.55 -23.19
CA TYR C 187 -52.29 42.70 -22.35
C TYR C 187 -53.57 43.40 -21.90
N GLU C 188 -53.45 44.56 -21.27
CA GLU C 188 -54.57 45.16 -20.54
C GLU C 188 -55.70 45.68 -21.44
N ARG C 189 -55.46 45.91 -22.73
CA ARG C 189 -56.57 46.24 -23.63
C ARG C 189 -57.00 45.08 -24.51
N HIS C 190 -56.61 43.85 -24.20
CA HIS C 190 -57.13 42.68 -24.89
C HIS C 190 -57.60 41.62 -23.90
N ASN C 191 -58.61 40.87 -24.33
CA ASN C 191 -59.46 40.07 -23.45
C ASN C 191 -59.28 38.57 -23.67
N SER C 192 -59.28 38.11 -24.91
CA SER C 192 -59.29 36.69 -25.22
C SER C 192 -57.96 36.25 -25.80
N TYR C 193 -57.46 35.11 -25.30
CA TYR C 193 -56.11 34.63 -25.57
C TYR C 193 -56.20 33.14 -25.87
N THR C 194 -55.38 32.68 -26.81
CA THR C 194 -55.35 31.25 -27.11
C THR C 194 -53.97 30.85 -27.62
N CYS C 195 -53.52 29.66 -27.22
CA CYS C 195 -52.50 28.92 -27.95
C CYS C 195 -53.19 27.79 -28.71
N GLU C 196 -53.26 27.94 -30.04
CA GLU C 196 -53.97 27.00 -30.91
C GLU C 196 -53.10 25.77 -31.21
N ALA C 197 -52.72 25.06 -30.15
CA ALA C 197 -51.80 23.94 -30.27
C ALA C 197 -52.40 22.84 -31.12
N THR C 198 -51.85 22.65 -32.32
CA THR C 198 -52.23 21.56 -33.21
C THR C 198 -51.08 20.58 -33.35
N HIS C 199 -51.39 19.29 -33.36
CA HIS C 199 -50.39 18.25 -33.18
C HIS C 199 -50.75 17.05 -34.05
N LYS C 200 -49.77 16.18 -34.25
CA LYS C 200 -49.95 14.98 -35.07
C LYS C 200 -51.08 14.09 -34.56
N THR C 201 -51.41 14.17 -33.26
CA THR C 201 -52.55 13.46 -32.72
C THR C 201 -53.87 14.22 -32.89
N SER C 202 -53.82 15.48 -33.33
CA SER C 202 -54.89 16.44 -33.07
C SER C 202 -54.87 17.47 -34.20
N THR C 203 -55.36 17.05 -35.37
CA THR C 203 -55.54 17.98 -36.47
C THR C 203 -56.58 19.05 -36.16
N SER C 204 -57.57 18.71 -35.33
CA SER C 204 -58.27 19.72 -34.55
C SER C 204 -57.38 20.25 -33.44
N PRO C 205 -56.97 21.52 -33.48
CA PRO C 205 -56.12 22.05 -32.41
C PRO C 205 -56.82 22.02 -31.06
N ILE C 206 -56.02 21.91 -29.99
CA ILE C 206 -56.57 21.87 -28.64
C ILE C 206 -57.13 23.22 -28.22
N VAL C 207 -56.68 24.31 -28.84
CA VAL C 207 -57.20 25.68 -28.71
C VAL C 207 -57.44 26.04 -27.25
N LYS C 208 -56.57 25.57 -26.36
CA LYS C 208 -56.67 25.95 -24.95
C LYS C 208 -56.54 27.45 -24.79
N SER C 209 -57.44 28.04 -24.02
CA SER C 209 -57.72 29.47 -24.12
C SER C 209 -58.27 29.98 -22.80
N PHE C 210 -58.28 31.30 -22.66
CA PHE C 210 -58.86 31.92 -21.47
C PHE C 210 -59.39 33.29 -21.86
N ASN C 211 -60.23 33.83 -20.98
CA ASN C 211 -60.67 35.22 -21.05
C ASN C 211 -60.15 35.98 -19.84
N ARG C 212 -59.97 37.29 -20.01
CA ARG C 212 -59.13 38.10 -19.14
C ARG C 212 -59.95 39.13 -18.37
N ASN C 213 -61.28 39.03 -18.43
CA ASN C 213 -62.14 39.88 -17.61
C ASN C 213 -62.37 39.32 -16.22
N GLU C 214 -62.15 38.03 -16.02
CA GLU C 214 -62.48 37.34 -14.78
C GLU C 214 -61.30 37.26 -13.82
N CYS C 215 -60.11 36.94 -14.32
CA CYS C 215 -58.94 36.76 -13.48
C CYS C 215 -57.69 37.31 -14.18
N ARG D 15 31.98 -46.43 46.54
CA ARG D 15 32.14 -45.65 47.77
C ARG D 15 33.25 -44.62 47.63
N GLY D 16 33.00 -43.43 48.16
CA GLY D 16 33.97 -42.34 48.06
C GLY D 16 34.39 -42.08 46.63
N SER D 17 35.70 -42.00 46.40
CA SER D 17 36.21 -41.80 45.05
C SER D 17 35.83 -42.93 44.11
N HIS D 18 35.53 -44.12 44.63
CA HIS D 18 35.02 -45.19 43.77
C HIS D 18 33.55 -44.98 43.41
N MET D 19 32.78 -44.35 44.31
CA MET D 19 31.44 -43.90 43.94
C MET D 19 31.50 -42.73 42.96
N TYR D 20 32.45 -41.82 43.16
CA TYR D 20 32.70 -40.77 42.19
C TYR D 20 33.10 -41.35 40.84
N LEU D 21 33.99 -42.34 40.84
CA LEU D 21 34.33 -43.05 39.61
C LEU D 21 33.11 -43.74 39.02
N ARG D 22 32.22 -44.25 39.87
CA ARG D 22 30.98 -44.84 39.39
C ARG D 22 30.03 -43.77 38.84
N ILE D 23 29.90 -42.65 39.55
CA ILE D 23 28.91 -41.64 39.19
C ILE D 23 29.35 -40.89 37.94
N THR D 24 30.66 -40.66 37.76
CA THR D 24 31.16 -40.07 36.53
C THR D 24 30.79 -40.90 35.31
N ASN D 25 31.03 -42.22 35.38
CA ASN D 25 30.65 -43.13 34.30
C ASN D 25 29.15 -43.16 34.03
N ILE D 26 28.33 -42.57 34.89
CA ILE D 26 26.91 -42.37 34.59
C ILE D 26 26.66 -40.99 33.97
N VAL D 27 27.14 -39.93 34.61
CA VAL D 27 26.80 -38.57 34.18
C VAL D 27 27.36 -38.28 32.80
N GLU D 28 28.57 -38.74 32.52
CA GLU D 28 29.17 -38.57 31.20
C GLU D 28 28.71 -39.63 30.19
N SER D 29 27.75 -40.48 30.53
CA SER D 29 27.34 -41.51 29.59
C SER D 29 26.48 -40.92 28.48
N SER D 30 26.51 -41.58 27.31
CA SER D 30 25.59 -41.25 26.24
C SER D 30 24.14 -41.46 26.65
N PHE D 31 23.87 -42.41 27.54
CA PHE D 31 22.52 -42.60 28.06
C PHE D 31 22.02 -41.37 28.79
N PHE D 32 22.81 -40.88 29.76
CA PHE D 32 22.38 -39.73 30.56
C PHE D 32 22.22 -38.48 29.70
N THR D 33 23.12 -38.28 28.74
CA THR D 33 22.96 -37.18 27.78
C THR D 33 21.62 -37.26 27.04
N LYS D 34 21.31 -38.43 26.47
CA LYS D 34 20.06 -38.61 25.75
C LYS D 34 18.85 -38.51 26.67
N PHE D 35 18.94 -39.11 27.85
CA PHE D 35 17.83 -39.08 28.81
C PHE D 35 17.39 -37.65 29.13
N ILE D 36 18.36 -36.77 29.40
CA ILE D 36 18.04 -35.37 29.71
C ILE D 36 17.44 -34.65 28.52
N ILE D 37 17.87 -34.98 27.30
CA ILE D 37 17.26 -34.38 26.11
C ILE D 37 15.77 -34.68 26.04
N TYR D 38 15.39 -35.94 26.29
CA TYR D 38 13.97 -36.29 26.25
C TYR D 38 13.18 -35.61 27.36
N LEU D 39 13.78 -35.45 28.54
CA LEU D 39 13.13 -34.70 29.62
C LEU D 39 12.86 -33.26 29.21
N ILE D 40 13.81 -32.64 28.50
CA ILE D 40 13.59 -31.29 28.01
C ILE D 40 12.47 -31.25 26.98
N VAL D 41 12.47 -32.21 26.05
CA VAL D 41 11.42 -32.28 25.04
C VAL D 41 10.05 -32.48 25.69
N LEU D 42 9.97 -33.37 26.69
CA LEU D 42 8.70 -33.59 27.37
C LEU D 42 8.25 -32.36 28.15
N ASN D 43 9.18 -31.67 28.82
CA ASN D 43 8.83 -30.44 29.51
C ASN D 43 8.40 -29.36 28.54
N MET D 44 9.08 -29.25 27.40
CA MET D 44 8.69 -28.30 26.37
C MET D 44 7.29 -28.61 25.84
N VAL D 45 6.97 -29.89 25.65
CA VAL D 45 5.62 -30.28 25.25
C VAL D 45 4.58 -29.90 26.30
N THR D 46 4.87 -30.16 27.58
CA THR D 46 3.94 -29.77 28.64
C THR D 46 3.74 -28.25 28.68
N MET D 47 4.77 -27.47 28.36
CA MET D 47 4.61 -26.03 28.26
C MET D 47 3.80 -25.60 27.04
N MET D 48 3.48 -26.52 26.14
CA MET D 48 2.55 -26.20 25.05
C MET D 48 1.10 -26.51 25.40
N VAL D 49 0.85 -27.49 26.27
CA VAL D 49 -0.53 -27.87 26.57
C VAL D 49 -1.19 -26.92 27.55
N GLU D 50 -0.41 -26.19 28.34
CA GLU D 50 -0.98 -25.19 29.23
C GLU D 50 -1.79 -24.15 28.46
N LYS D 51 -2.90 -23.72 29.05
CA LYS D 51 -3.75 -22.71 28.46
C LYS D 51 -4.60 -22.09 29.55
N GLU D 52 -4.55 -20.75 29.66
CA GLU D 52 -5.36 -20.02 30.64
C GLU D 52 -6.77 -20.58 30.77
N GLY D 53 -7.45 -20.81 29.64
CA GLY D 53 -8.72 -21.49 29.64
C GLY D 53 -8.61 -23.00 29.79
N GLN D 54 -8.38 -23.47 31.01
CA GLN D 54 -8.30 -24.90 31.28
C GLN D 54 -8.89 -25.19 32.65
N SER D 55 -9.17 -26.47 32.87
CA SER D 55 -9.70 -26.93 34.15
C SER D 55 -8.73 -26.62 35.29
N GLN D 56 -9.30 -26.35 36.47
CA GLN D 56 -8.51 -26.21 37.69
C GLN D 56 -7.77 -27.50 38.00
N HIS D 57 -8.42 -28.65 37.85
CA HIS D 57 -7.75 -29.92 38.09
C HIS D 57 -6.67 -30.22 37.05
N MET D 58 -6.87 -29.79 35.80
CA MET D 58 -5.79 -29.86 34.83
C MET D 58 -4.62 -28.96 35.24
N THR D 59 -4.93 -27.77 35.76
CA THR D 59 -3.87 -26.88 36.25
C THR D 59 -3.13 -27.50 37.43
N GLU D 60 -3.85 -28.11 38.36
CA GLU D 60 -3.22 -28.79 39.49
C GLU D 60 -2.32 -29.93 39.01
N VAL D 61 -2.81 -30.75 38.09
CA VAL D 61 -2.00 -31.85 37.55
C VAL D 61 -0.77 -31.31 36.83
N LEU D 62 -0.93 -30.26 36.03
CA LEU D 62 0.22 -29.67 35.37
C LEU D 62 1.19 -29.02 36.36
N TYR D 63 0.67 -28.49 37.47
CA TYR D 63 1.55 -28.01 38.54
C TYR D 63 2.43 -29.13 39.08
N TRP D 64 1.82 -30.26 39.46
CA TRP D 64 2.60 -31.39 39.96
C TRP D 64 3.59 -31.90 38.91
N ILE D 65 3.19 -31.96 37.64
CA ILE D 65 4.09 -32.43 36.60
C ILE D 65 5.28 -31.48 36.45
N ASN D 66 5.01 -30.18 36.44
CA ASN D 66 6.09 -29.20 36.35
C ASN D 66 6.97 -29.18 37.60
N VAL D 67 6.39 -29.48 38.76
CA VAL D 67 7.19 -29.68 39.97
C VAL D 67 8.11 -30.90 39.83
N VAL D 68 7.60 -31.99 39.26
CA VAL D 68 8.44 -33.16 39.01
C VAL D 68 9.61 -32.81 38.11
N PHE D 69 9.36 -32.06 37.03
CA PHE D 69 10.44 -31.65 36.15
C PHE D 69 11.49 -30.80 36.86
N ILE D 70 11.05 -29.83 37.67
CA ILE D 70 12.01 -28.91 38.27
C ILE D 70 12.90 -29.62 39.29
N ILE D 71 12.36 -30.57 40.05
CA ILE D 71 13.21 -31.34 40.94
C ILE D 71 14.10 -32.30 40.17
N LEU D 72 13.59 -32.84 39.05
CA LEU D 72 14.37 -33.78 38.26
C LEU D 72 15.54 -33.10 37.53
N PHE D 73 15.32 -31.90 36.99
CA PHE D 73 16.44 -31.12 36.48
C PHE D 73 17.35 -30.58 37.58
N THR D 74 16.82 -30.39 38.79
CA THR D 74 17.67 -29.95 39.90
C THR D 74 18.69 -30.99 40.29
N ILE D 75 18.29 -32.26 40.38
CA ILE D 75 19.27 -33.31 40.69
C ILE D 75 20.25 -33.52 39.53
N GLU D 76 19.81 -33.28 38.29
CA GLU D 76 20.74 -33.30 37.16
C GLU D 76 21.83 -32.26 37.31
N ILE D 77 21.46 -31.03 37.65
CA ILE D 77 22.44 -29.97 37.88
C ILE D 77 23.37 -30.33 39.02
N ILE D 78 22.82 -30.83 40.13
CA ILE D 78 23.65 -31.23 41.27
C ILE D 78 24.61 -32.35 40.89
N LEU D 79 24.13 -33.34 40.13
CA LEU D 79 25.00 -34.39 39.64
C LEU D 79 26.14 -33.82 38.78
N ARG D 80 25.79 -32.97 37.81
CA ARG D 80 26.81 -32.38 36.95
C ARG D 80 27.80 -31.54 37.74
N ILE D 81 27.32 -30.79 38.74
CA ILE D 81 28.23 -30.07 39.63
C ILE D 81 29.09 -31.05 40.42
N TYR D 82 28.51 -32.16 40.89
CA TYR D 82 29.27 -33.11 41.68
C TYR D 82 30.39 -33.77 40.89
N VAL D 83 30.20 -34.00 39.59
CA VAL D 83 31.28 -34.55 38.77
C VAL D 83 32.25 -33.46 38.31
N HIS D 84 31.74 -32.39 37.71
CA HIS D 84 32.62 -31.40 37.08
C HIS D 84 33.15 -30.36 38.05
N ARG D 85 32.45 -30.12 39.16
CA ARG D 85 32.94 -29.28 40.25
C ARG D 85 33.44 -27.91 39.78
N ILE D 86 34.72 -27.62 40.04
CA ILE D 86 35.30 -26.32 39.72
C ILE D 86 35.21 -26.01 38.22
N SER D 87 35.15 -27.03 37.38
CA SER D 87 35.05 -26.80 35.95
C SER D 87 33.62 -26.55 35.49
N PHE D 88 32.63 -26.97 36.28
CA PHE D 88 31.23 -26.73 35.92
C PHE D 88 30.95 -25.24 35.75
N PHE D 89 31.42 -24.42 36.69
CA PHE D 89 31.19 -22.98 36.65
C PHE D 89 32.16 -22.26 35.73
N LYS D 90 32.60 -22.94 34.66
CA LYS D 90 33.48 -22.36 33.66
C LYS D 90 33.11 -22.75 32.23
N ASP D 91 32.55 -23.93 32.00
CA ASP D 91 31.83 -24.23 30.77
C ASP D 91 30.63 -23.30 30.66
N PRO D 92 30.56 -22.46 29.63
CA PRO D 92 29.38 -21.58 29.49
C PRO D 92 28.07 -22.33 29.33
N TRP D 93 28.11 -23.56 28.81
CA TRP D 93 26.88 -24.33 28.63
C TRP D 93 26.32 -24.80 29.97
N SER D 94 27.17 -25.41 30.80
CA SER D 94 26.76 -25.79 32.15
C SER D 94 26.36 -24.57 32.97
N LEU D 95 27.05 -23.45 32.79
CA LEU D 95 26.70 -22.22 33.50
C LEU D 95 25.32 -21.72 33.11
N PHE D 96 24.97 -21.82 31.83
CA PHE D 96 23.62 -21.43 31.39
C PHE D 96 22.55 -22.35 31.99
N ASP D 97 22.76 -23.67 31.93
CA ASP D 97 21.80 -24.61 32.50
C ASP D 97 21.57 -24.36 33.98
N PHE D 98 22.63 -24.03 34.72
CA PHE D 98 22.49 -23.69 36.12
C PHE D 98 21.60 -22.47 36.34
N VAL D 99 21.87 -21.39 35.61
CA VAL D 99 21.07 -20.19 35.69
C VAL D 99 19.59 -20.46 35.40
N VAL D 100 19.32 -21.28 34.38
CA VAL D 100 17.94 -21.57 34.00
C VAL D 100 17.21 -22.34 35.09
N VAL D 101 17.90 -23.28 35.76
CA VAL D 101 17.28 -23.98 36.87
C VAL D 101 16.99 -23.04 38.04
N ILE D 102 17.94 -22.16 38.36
CA ILE D 102 17.71 -21.18 39.43
C ILE D 102 16.52 -20.29 39.10
N ILE D 103 16.48 -19.73 37.88
CA ILE D 103 15.36 -18.90 37.48
C ILE D 103 14.05 -19.68 37.52
N SER D 104 14.08 -20.96 37.14
CA SER D 104 12.86 -21.75 37.13
C SER D 104 12.39 -22.15 38.52
N ILE D 105 13.28 -22.18 39.51
CA ILE D 105 12.84 -22.29 40.90
C ILE D 105 12.15 -21.01 41.35
N VAL D 106 12.78 -19.86 41.06
CA VAL D 106 12.18 -18.57 41.39
C VAL D 106 10.83 -18.41 40.71
N GLY D 107 10.76 -18.75 39.42
CA GLY D 107 9.52 -18.65 38.67
C GLY D 107 8.37 -19.56 39.09
N MET D 108 8.53 -20.33 40.15
CA MET D 108 7.44 -21.21 40.59
C MET D 108 7.24 -21.23 42.10
N PHE D 109 8.16 -20.70 42.91
CA PHE D 109 7.99 -20.69 44.34
C PHE D 109 8.30 -19.37 45.00
N LEU D 110 8.64 -18.34 44.22
CA LEU D 110 8.87 -17.00 44.77
C LEU D 110 8.33 -15.88 43.90
N ALA D 111 7.93 -16.15 42.66
CA ALA D 111 7.35 -15.12 41.80
C ALA D 111 6.10 -14.52 42.42
N ASP D 112 5.27 -15.35 43.07
CA ASP D 112 4.15 -14.82 43.83
C ASP D 112 4.63 -13.93 44.98
N LEU D 113 5.60 -14.40 45.76
CA LEU D 113 6.17 -13.59 46.82
C LEU D 113 6.84 -12.33 46.31
N ILE D 114 7.30 -12.33 45.06
CA ILE D 114 7.82 -11.10 44.45
C ILE D 114 6.67 -10.19 44.02
N GLU D 115 5.79 -10.71 43.17
CA GLU D 115 4.73 -9.89 42.59
C GLU D 115 3.74 -9.39 43.64
N THR D 116 3.61 -10.09 44.77
CA THR D 116 2.74 -9.60 45.82
C THR D 116 3.29 -8.38 46.56
N TYR D 117 4.55 -8.03 46.33
CA TYR D 117 5.14 -6.84 46.96
C TYR D 117 5.70 -5.86 45.95
N PHE D 118 6.59 -6.31 45.06
CA PHE D 118 7.06 -5.50 43.95
C PHE D 118 6.12 -5.63 42.75
N VAL D 119 4.85 -5.29 42.99
CA VAL D 119 3.83 -5.47 41.96
C VAL D 119 4.12 -4.53 40.78
N SER D 120 4.17 -5.11 39.59
CA SER D 120 4.42 -4.34 38.38
C SER D 120 3.86 -5.09 37.18
N PRO D 121 3.16 -4.42 36.27
CA PRO D 121 2.68 -5.09 35.05
C PRO D 121 3.79 -5.54 34.10
N THR D 122 5.06 -5.25 34.42
CA THR D 122 6.16 -5.82 33.65
C THR D 122 6.42 -7.28 34.01
N LEU D 123 6.23 -7.65 35.29
CA LEU D 123 6.63 -8.99 35.73
C LEU D 123 5.74 -10.05 35.11
N PHE D 124 4.45 -9.78 34.94
CA PHE D 124 3.58 -10.65 34.17
C PHE D 124 4.10 -10.88 32.75
N ARG D 125 4.97 -9.99 32.26
CA ARG D 125 5.65 -10.16 30.98
C ARG D 125 7.11 -10.56 31.11
N VAL D 126 7.77 -10.21 32.21
CA VAL D 126 9.19 -10.54 32.35
C VAL D 126 9.39 -11.98 32.81
N ILE D 127 8.53 -12.46 33.71
CA ILE D 127 8.69 -13.81 34.23
C ILE D 127 8.46 -14.89 33.18
N ARG D 128 7.96 -14.51 31.99
CA ARG D 128 8.04 -15.39 30.83
C ARG D 128 9.45 -15.95 30.60
N LEU D 129 10.47 -15.21 31.04
CA LEU D 129 11.85 -15.63 30.84
C LEU D 129 12.12 -17.03 31.38
N ALA D 130 11.43 -17.43 32.45
CA ALA D 130 11.58 -18.79 32.95
C ALA D 130 11.12 -19.82 31.94
N ARG D 131 10.11 -19.49 31.12
CA ARG D 131 9.70 -20.37 30.03
C ARG D 131 10.74 -20.36 28.91
N ILE D 132 11.10 -19.17 28.44
CA ILE D 132 12.04 -19.04 27.32
C ILE D 132 13.36 -19.73 27.63
N GLY D 133 13.86 -19.58 28.86
CA GLY D 133 15.11 -20.21 29.22
C GLY D 133 15.06 -21.73 29.13
N ARG D 134 13.94 -22.33 29.50
CA ARG D 134 13.81 -23.78 29.40
C ARG D 134 13.67 -24.28 27.96
N ILE D 135 13.23 -23.42 27.04
CA ILE D 135 13.33 -23.75 25.62
C ILE D 135 14.79 -23.81 25.17
N LEU D 136 15.58 -22.82 25.58
CA LEU D 136 16.98 -22.75 25.17
C LEU D 136 17.82 -23.92 25.65
N ARG D 137 17.42 -24.60 26.72
CA ARG D 137 18.10 -25.83 27.11
C ARG D 137 18.11 -26.88 26.03
N LEU D 138 17.17 -26.82 25.07
CA LEU D 138 17.19 -27.77 23.97
C LEU D 138 18.36 -27.52 23.01
N VAL D 139 18.95 -26.33 23.04
CA VAL D 139 20.25 -26.15 22.42
C VAL D 139 21.37 -26.71 23.29
N THR D 140 21.36 -26.36 24.58
CA THR D 140 22.50 -26.68 25.44
C THR D 140 22.66 -28.19 25.64
N ALA D 141 21.57 -28.94 25.65
CA ALA D 141 21.69 -30.38 25.88
C ALA D 141 22.10 -31.15 24.63
N VAL D 142 21.63 -30.74 23.47
CA VAL D 142 21.88 -31.51 22.25
C VAL D 142 23.28 -31.21 21.73
N PRO D 143 24.16 -32.22 21.63
CA PRO D 143 25.54 -31.95 21.19
C PRO D 143 25.63 -31.32 19.81
N GLN D 144 24.76 -31.73 18.87
CA GLN D 144 24.76 -31.13 17.55
C GLN D 144 24.37 -29.67 17.58
N MET D 145 23.58 -29.27 18.57
CA MET D 145 23.15 -27.87 18.66
C MET D 145 24.21 -27.00 19.31
N ARG D 146 24.88 -27.49 20.36
CA ARG D 146 26.07 -26.81 20.86
C ARG D 146 27.10 -26.60 19.77
N LYS D 147 27.29 -27.60 18.90
CA LYS D 147 28.26 -27.47 17.82
C LYS D 147 27.90 -26.35 16.86
N ILE D 148 26.66 -26.33 16.38
CA ILE D 148 26.25 -25.31 15.40
C ILE D 148 26.25 -23.92 16.03
N VAL D 149 25.85 -23.81 17.30
CA VAL D 149 25.79 -22.49 17.93
C VAL D 149 27.19 -21.94 18.20
N SER D 150 28.11 -22.79 18.64
CA SER D 150 29.49 -22.33 18.80
C SER D 150 30.14 -21.99 17.47
N ALA D 151 29.80 -22.71 16.40
CA ALA D 151 30.26 -22.33 15.07
C ALA D 151 29.75 -20.95 14.67
N LEU D 152 28.45 -20.70 14.85
CA LEU D 152 27.89 -19.38 14.56
C LEU D 152 28.52 -18.28 15.40
N ILE D 153 28.71 -18.52 16.70
CA ILE D 153 29.32 -17.52 17.57
C ILE D 153 30.75 -17.22 17.14
N SER D 154 31.50 -18.25 16.74
CA SER D 154 32.88 -18.04 16.33
C SER D 154 33.02 -17.17 15.09
N VAL D 155 31.97 -17.04 14.29
CA VAL D 155 32.02 -16.15 13.14
C VAL D 155 31.93 -14.69 13.57
N ILE D 156 31.31 -14.41 14.72
CA ILE D 156 31.04 -13.02 15.10
C ILE D 156 32.29 -12.18 15.28
N PRO D 157 33.36 -12.63 15.93
CA PRO D 157 34.55 -11.78 16.06
C PRO D 157 35.12 -11.29 14.73
N GLY D 158 35.09 -12.11 13.68
CA GLY D 158 35.58 -11.67 12.39
C GLY D 158 34.75 -10.59 11.74
N MET D 159 33.48 -10.46 12.11
CA MET D 159 32.60 -9.43 11.55
C MET D 159 32.73 -8.08 12.23
N LEU D 160 33.36 -8.01 13.40
CA LEU D 160 33.23 -6.82 14.24
C LEU D 160 33.74 -5.56 13.56
N SER D 161 34.84 -5.67 12.80
CA SER D 161 35.38 -4.49 12.12
C SER D 161 34.48 -4.01 11.00
N VAL D 162 33.87 -4.93 10.24
CA VAL D 162 32.97 -4.50 9.18
C VAL D 162 31.61 -4.08 9.73
N ILE D 163 31.17 -4.66 10.85
CA ILE D 163 29.96 -4.17 11.51
C ILE D 163 30.18 -2.78 12.09
N ALA D 164 31.34 -2.54 12.69
CA ALA D 164 31.67 -1.20 13.16
C ALA D 164 31.69 -0.19 12.03
N LEU D 165 32.25 -0.57 10.88
CA LEU D 165 32.27 0.31 9.72
C LEU D 165 30.85 0.63 9.25
N MET D 166 30.01 -0.39 9.11
CA MET D 166 28.61 -0.16 8.71
C MET D 166 27.88 0.74 9.70
N THR D 167 28.12 0.54 11.00
CA THR D 167 27.47 1.38 12.00
C THR D 167 27.91 2.84 11.88
N LEU D 168 29.20 3.07 11.59
CA LEU D 168 29.68 4.44 11.43
C LEU D 168 29.11 5.09 10.17
N PHE D 169 29.03 4.34 9.07
CA PHE D 169 28.36 4.87 7.87
C PHE D 169 26.91 5.19 8.15
N PHE D 170 26.20 4.31 8.84
CA PHE D 170 24.81 4.58 9.22
C PHE D 170 24.69 5.85 10.04
N TYR D 171 25.58 6.05 11.00
CA TYR D 171 25.57 7.26 11.82
C TYR D 171 25.79 8.52 10.98
N ILE D 172 26.74 8.47 10.04
CA ILE D 172 26.99 9.61 9.16
C ILE D 172 25.76 9.94 8.31
N PHE D 173 25.17 8.93 7.69
CA PHE D 173 23.97 9.16 6.89
C PHE D 173 22.78 9.58 7.75
N ALA D 174 22.68 9.06 8.97
CA ALA D 174 21.58 9.46 9.85
C ALA D 174 21.67 10.92 10.24
N ILE D 175 22.88 11.43 10.49
CA ILE D 175 23.07 12.86 10.72
C ILE D 175 22.60 13.65 9.51
N MET D 176 23.08 13.28 8.32
CA MET D 176 22.73 14.03 7.12
C MET D 176 21.25 13.94 6.79
N ALA D 177 20.67 12.74 6.88
CA ALA D 177 19.25 12.57 6.54
C ALA D 177 18.34 13.33 7.50
N THR D 178 18.70 13.40 8.78
CA THR D 178 17.94 14.23 9.71
C THR D 178 18.02 15.70 9.33
N GLN D 179 19.20 16.19 9.00
CA GLN D 179 19.36 17.59 8.62
C GLN D 179 18.73 17.92 7.27
N LEU D 180 18.76 16.99 6.32
CA LEU D 180 18.22 17.26 4.99
C LEU D 180 16.70 17.15 4.96
N PHE D 181 16.15 16.07 5.48
CA PHE D 181 14.73 15.75 5.29
C PHE D 181 13.89 15.85 6.54
N GLY D 182 14.51 15.85 7.73
CA GLY D 182 13.76 15.80 8.97
C GLY D 182 12.91 17.03 9.26
N GLU D 183 13.23 18.16 8.63
CA GLU D 183 12.41 19.36 8.82
C GLU D 183 10.99 19.16 8.30
N ARG D 184 10.81 18.42 7.22
CA ARG D 184 9.50 18.27 6.61
C ARG D 184 8.95 16.86 6.66
N PHE D 185 9.78 15.85 6.90
CA PHE D 185 9.33 14.47 7.07
C PHE D 185 9.74 13.97 8.45
N PRO D 186 9.22 14.58 9.52
CA PRO D 186 9.71 14.24 10.86
C PRO D 186 9.41 12.82 11.28
N GLU D 187 8.31 12.23 10.78
CA GLU D 187 7.99 10.84 11.07
C GLU D 187 9.02 9.87 10.54
N TRP D 188 9.90 10.32 9.63
CA TRP D 188 10.92 9.48 9.05
C TRP D 188 12.34 9.91 9.40
N PHE D 189 12.57 11.21 9.59
CA PHE D 189 13.93 11.71 9.75
C PHE D 189 14.03 12.78 10.83
N GLY D 190 12.96 13.04 11.59
CA GLY D 190 12.93 14.19 12.47
C GLY D 190 13.91 14.13 13.61
N THR D 191 14.36 12.94 13.99
CA THR D 191 15.42 12.80 14.98
C THR D 191 16.42 11.77 14.50
N LEU D 192 17.59 11.77 15.13
CA LEU D 192 18.63 10.81 14.79
C LEU D 192 18.14 9.37 14.90
N GLY D 193 17.27 9.09 15.89
CA GLY D 193 16.73 7.75 16.02
C GLY D 193 15.68 7.39 14.98
N GLU D 194 14.87 8.37 14.58
CA GLU D 194 13.99 8.17 13.42
C GLU D 194 14.81 7.86 12.18
N SER D 195 15.87 8.63 11.96
CA SER D 195 16.67 8.49 10.74
C SER D 195 17.41 7.15 10.73
N PHE D 196 17.97 6.74 11.87
CA PHE D 196 18.58 5.42 11.97
C PHE D 196 17.59 4.32 11.59
N TYR D 197 16.37 4.40 12.10
CA TYR D 197 15.37 3.38 11.78
C TYR D 197 14.99 3.40 10.30
N THR D 198 14.78 4.58 9.73
CA THR D 198 14.40 4.66 8.33
C THR D 198 15.53 4.22 7.40
N LEU D 199 16.77 4.55 7.73
CA LEU D 199 17.89 4.06 6.94
C LEU D 199 18.06 2.56 7.04
N PHE D 200 17.74 1.96 8.18
CA PHE D 200 17.76 0.51 8.29
C PHE D 200 16.68 -0.13 7.42
N GLN D 201 15.48 0.47 7.41
CA GLN D 201 14.45 0.03 6.47
C GLN D 201 14.92 0.13 5.03
N VAL D 202 15.55 1.24 4.66
CA VAL D 202 16.07 1.40 3.30
C VAL D 202 17.16 0.37 3.00
N MET D 203 18.02 0.06 3.97
CA MET D 203 19.03 -0.97 3.77
C MET D 203 18.39 -2.33 3.49
N THR D 204 17.30 -2.66 4.18
CA THR D 204 16.57 -3.88 3.87
C THR D 204 15.78 -3.79 2.57
N LEU D 205 15.83 -2.65 1.88
CA LEU D 205 15.11 -2.39 0.64
C LEU D 205 13.59 -2.46 0.81
N GLU D 206 13.09 -2.42 2.04
CA GLU D 206 11.67 -2.61 2.30
C GLU D 206 10.92 -1.30 2.03
N SER D 207 10.07 -1.30 1.00
CA SER D 207 9.30 -0.12 0.59
C SER D 207 10.18 1.10 0.37
N TRP D 208 11.46 0.89 0.05
CA TRP D 208 12.42 1.98 0.06
C TRP D 208 12.05 3.07 -0.94
N SER D 209 11.54 2.70 -2.11
CA SER D 209 11.21 3.68 -3.14
C SER D 209 9.76 4.17 -3.04
N MET D 210 8.80 3.24 -3.10
CA MET D 210 7.40 3.65 -3.10
C MET D 210 6.99 4.24 -1.75
N GLY D 211 7.62 3.79 -0.67
CA GLY D 211 7.21 4.21 0.65
C GLY D 211 7.98 5.40 1.20
N ILE D 212 9.25 5.55 0.81
CA ILE D 212 10.08 6.62 1.35
C ILE D 212 10.51 7.61 0.27
N VAL D 213 11.24 7.14 -0.74
CA VAL D 213 12.00 8.07 -1.59
C VAL D 213 11.12 8.76 -2.61
N ARG D 214 10.14 8.06 -3.20
CA ARG D 214 9.19 8.75 -4.06
C ARG D 214 8.39 9.81 -3.33
N PRO D 215 7.84 9.57 -2.13
CA PRO D 215 7.27 10.69 -1.37
C PRO D 215 8.25 11.82 -1.09
N LEU D 216 9.50 11.49 -0.73
CA LEU D 216 10.51 12.51 -0.56
C LEU D 216 10.73 13.33 -1.82
N MET D 217 10.77 12.67 -2.99
CA MET D 217 11.01 13.40 -4.24
C MET D 217 9.81 14.24 -4.68
N GLU D 218 8.64 14.05 -4.09
CA GLU D 218 7.58 15.04 -4.25
C GLU D 218 8.03 16.42 -3.77
N VAL D 219 8.93 16.47 -2.80
CA VAL D 219 9.36 17.70 -2.18
C VAL D 219 10.82 17.99 -2.49
N TYR D 220 11.66 16.96 -2.55
CA TYR D 220 13.11 17.08 -2.66
C TYR D 220 13.51 16.28 -3.89
N PRO D 221 13.44 16.88 -5.08
CA PRO D 221 13.58 16.10 -6.32
C PRO D 221 14.86 15.28 -6.40
N TYR D 222 15.96 15.81 -5.88
CA TYR D 222 17.25 15.12 -5.90
C TYR D 222 17.47 14.20 -4.70
N ALA D 223 16.41 13.86 -3.95
CA ALA D 223 16.55 12.94 -2.83
C ALA D 223 17.13 11.60 -3.27
N TRP D 224 16.90 11.21 -4.52
CA TRP D 224 17.51 9.99 -5.06
C TRP D 224 19.03 10.04 -5.00
N VAL D 225 19.63 11.24 -5.07
CA VAL D 225 21.08 11.36 -4.98
C VAL D 225 21.60 11.01 -3.59
N PHE D 226 20.73 11.03 -2.57
CA PHE D 226 21.11 10.56 -1.25
C PHE D 226 20.96 9.05 -1.12
N PHE D 227 19.77 8.53 -1.40
CA PHE D 227 19.42 7.17 -1.02
C PHE D 227 19.99 6.10 -1.95
N ILE D 228 20.15 6.38 -3.23
CA ILE D 228 20.69 5.38 -4.16
C ILE D 228 22.17 5.14 -3.89
N PRO D 229 23.01 6.18 -3.71
CA PRO D 229 24.37 5.92 -3.23
C PRO D 229 24.43 5.23 -1.87
N PHE D 230 23.50 5.54 -0.97
CA PHE D 230 23.41 4.81 0.30
C PHE D 230 23.19 3.33 0.07
N ILE D 231 22.24 2.98 -0.79
CA ILE D 231 21.96 1.57 -1.09
C ILE D 231 23.20 0.86 -1.63
N PHE D 232 23.90 1.49 -2.57
CA PHE D 232 25.14 0.90 -3.09
C PHE D 232 26.16 0.66 -1.99
N VAL D 233 26.36 1.64 -1.10
CA VAL D 233 27.36 1.49 -0.05
C VAL D 233 27.00 0.34 0.89
N VAL D 234 25.77 0.32 1.42
CA VAL D 234 25.41 -0.70 2.39
C VAL D 234 25.31 -2.08 1.74
N THR D 235 24.85 -2.16 0.48
CA THR D 235 24.85 -3.44 -0.22
C THR D 235 26.27 -3.95 -0.43
N PHE D 236 27.19 -3.08 -0.83
CA PHE D 236 28.57 -3.47 -1.04
C PHE D 236 29.23 -3.94 0.25
N VAL D 237 28.97 -3.25 1.36
CA VAL D 237 29.51 -3.69 2.64
C VAL D 237 28.89 -5.00 3.10
N MET D 238 27.58 -5.18 2.88
CA MET D 238 26.95 -6.45 3.20
C MET D 238 27.50 -7.59 2.36
N ILE D 239 27.73 -7.37 1.08
CA ILE D 239 28.34 -8.39 0.23
C ILE D 239 29.70 -8.81 0.76
N ASN D 240 30.57 -7.83 1.04
CA ASN D 240 31.91 -8.13 1.53
C ASN D 240 31.90 -8.74 2.91
N LEU D 241 30.91 -8.42 3.74
CA LEU D 241 30.75 -9.11 5.01
C LEU D 241 30.50 -10.60 4.80
N VAL D 242 29.60 -10.95 3.88
CA VAL D 242 29.29 -12.35 3.62
C VAL D 242 30.48 -13.05 2.94
N VAL D 243 31.13 -12.39 2.00
CA VAL D 243 32.31 -12.96 1.35
C VAL D 243 33.41 -13.24 2.37
N ALA D 244 33.59 -12.34 3.34
CA ALA D 244 34.59 -12.57 4.39
C ALA D 244 34.29 -13.85 5.16
N ILE D 245 33.02 -14.09 5.50
CA ILE D 245 32.66 -15.32 6.21
C ILE D 245 32.93 -16.55 5.35
N ILE D 246 32.66 -16.46 4.04
CA ILE D 246 32.94 -17.57 3.15
C ILE D 246 34.44 -17.88 3.11
N VAL D 247 35.25 -16.87 2.84
CA VAL D 247 36.68 -17.12 2.65
C VAL D 247 37.39 -17.43 3.96
N ASP D 248 36.86 -16.98 5.09
CA ASP D 248 37.38 -17.41 6.38
C ASP D 248 37.16 -18.91 6.59
N ALA D 249 35.93 -19.37 6.39
CA ALA D 249 35.63 -20.80 6.50
C ALA D 249 36.44 -21.63 5.50
N MET D 250 36.62 -21.12 4.28
CA MET D 250 37.46 -21.81 3.32
C MET D 250 38.93 -21.83 3.74
N ALA D 251 39.41 -20.73 4.35
CA ALA D 251 40.77 -20.73 4.88
C ALA D 251 40.97 -21.80 5.94
N ILE D 252 39.95 -22.02 6.77
CA ILE D 252 40.02 -23.09 7.78
C ILE D 252 40.14 -24.46 7.12
N LEU D 253 39.46 -24.65 5.99
CA LEU D 253 39.62 -25.89 5.23
C LEU D 253 40.99 -25.99 4.59
N ASN D 254 41.32 -25.03 3.72
CA ASN D 254 42.55 -25.11 2.93
C ASN D 254 43.78 -25.25 3.82
N GLN D 255 43.79 -24.64 5.00
CA GLN D 255 44.90 -24.81 5.94
C GLN D 255 45.12 -26.28 6.29
N LYS D 256 44.05 -27.09 6.32
CA LYS D 256 44.20 -28.51 6.63
C LYS D 256 44.71 -29.30 5.43
N GLU D 257 44.10 -29.10 4.26
CA GLU D 257 44.61 -29.69 3.02
C GLU D 257 46.08 -29.39 2.83
N GLU D 258 46.48 -28.14 3.03
CA GLU D 258 47.88 -27.75 2.93
C GLU D 258 48.78 -28.59 3.82
N GLN D 259 48.49 -28.62 5.12
CA GLN D 259 49.37 -29.33 6.06
C GLN D 259 49.40 -30.83 5.78
N HIS D 260 48.26 -31.42 5.42
CA HIS D 260 48.26 -32.85 5.12
C HIS D 260 49.17 -33.18 3.93
N ILE D 261 49.26 -32.27 2.96
CA ILE D 261 50.20 -32.47 1.86
C ILE D 261 51.64 -32.31 2.34
N ILE D 262 51.90 -31.33 3.20
CA ILE D 262 53.23 -31.15 3.75
C ILE D 262 53.63 -32.35 4.60
N ASP D 263 52.73 -32.82 5.45
CA ASP D 263 53.02 -34.00 6.27
C ASP D 263 53.41 -35.20 5.42
N GLU D 264 52.71 -35.42 4.30
CA GLU D 264 53.08 -36.49 3.39
C GLU D 264 54.36 -36.18 2.62
N VAL D 265 54.62 -34.90 2.33
CA VAL D 265 55.92 -34.54 1.78
C VAL D 265 57.03 -34.83 2.78
N GLN D 266 56.77 -34.60 4.07
CA GLN D 266 57.77 -34.90 5.09
C GLN D 266 57.84 -36.38 5.42
N SER D 267 56.74 -37.11 5.26
CA SER D 267 56.81 -38.57 5.24
C SER D 267 57.72 -39.06 4.12
N HIS D 268 57.51 -38.54 2.91
CA HIS D 268 58.37 -38.90 1.78
C HIS D 268 59.81 -38.46 2.02
N GLU D 269 60.00 -37.31 2.65
CA GLU D 269 61.33 -36.90 3.11
C GLU D 269 61.96 -37.96 4.00
N ASP D 270 61.22 -38.46 4.99
CA ASP D 270 61.72 -39.51 5.86
C ASP D 270 62.03 -40.78 5.08
N ASN D 271 61.06 -41.28 4.31
CA ASN D 271 61.22 -42.55 3.61
C ASN D 271 62.46 -42.59 2.72
N ILE D 272 62.79 -41.47 2.07
CA ILE D 272 63.92 -41.44 1.14
C ILE D 272 65.23 -41.11 1.84
N ASN D 273 65.25 -40.08 2.68
CA ASN D 273 66.53 -39.62 3.23
C ASN D 273 67.11 -40.61 4.25
N ASN D 274 66.25 -41.32 4.99
CA ASN D 274 66.74 -42.41 5.83
C ASN D 274 67.34 -43.55 5.03
N GLU D 275 67.07 -43.62 3.73
CA GLU D 275 67.74 -44.56 2.85
C GLU D 275 68.99 -43.99 2.18
N ILE D 276 68.99 -42.69 1.88
CA ILE D 276 70.19 -42.02 1.40
C ILE D 276 71.30 -42.02 2.44
N ILE D 277 70.94 -42.14 3.73
CA ILE D 277 71.94 -42.43 4.75
C ILE D 277 72.56 -43.81 4.49
N LYS D 278 71.71 -44.84 4.44
CA LYS D 278 72.20 -46.20 4.27
C LYS D 278 73.04 -46.34 3.01
N LEU D 279 72.63 -45.70 1.92
CA LEU D 279 73.29 -45.85 0.63
C LEU D 279 74.75 -45.42 0.63
N ARG D 280 75.25 -44.80 1.70
CA ARG D 280 76.69 -44.57 1.82
C ARG D 280 77.40 -45.54 2.75
N GLU D 281 76.78 -45.93 3.87
CA GLU D 281 77.38 -46.97 4.70
C GLU D 281 77.33 -48.33 4.02
N GLU D 282 76.34 -48.54 3.14
CA GLU D 282 76.34 -49.72 2.27
C GLU D 282 77.49 -49.74 1.28
N ILE D 283 78.21 -48.62 1.11
CA ILE D 283 79.42 -48.63 0.28
C ILE D 283 80.65 -49.06 1.06
N VAL D 284 80.57 -49.08 2.40
CA VAL D 284 81.76 -49.38 3.21
C VAL D 284 82.19 -50.83 3.01
N GLU D 285 81.26 -51.71 2.64
CA GLU D 285 81.61 -53.07 2.24
C GLU D 285 82.26 -53.08 0.86
N ARG E 15 68.16 16.42 20.81
CA ARG E 15 68.47 17.65 20.08
C ARG E 15 68.69 17.38 18.60
N GLY E 16 68.18 18.27 17.76
CA GLY E 16 68.29 18.10 16.32
C GLY E 16 67.77 16.76 15.84
N SER E 17 68.58 16.09 15.01
CA SER E 17 68.22 14.75 14.54
C SER E 17 68.07 13.75 15.67
N HIS E 18 68.69 13.98 16.83
CA HIS E 18 68.46 13.12 17.98
C HIS E 18 67.13 13.41 18.64
N MET E 19 66.65 14.65 18.58
CA MET E 19 65.28 14.95 18.98
C MET E 19 64.28 14.38 17.99
N TYR E 20 64.62 14.44 16.69
CA TYR E 20 63.81 13.76 15.69
C TYR E 20 63.75 12.25 15.94
N LEU E 21 64.91 11.65 16.27
CA LEU E 21 64.91 10.25 16.66
C LEU E 21 64.07 10.00 17.91
N ARG E 22 64.06 10.95 18.83
CA ARG E 22 63.20 10.84 20.01
C ARG E 22 61.73 11.01 19.64
N ILE E 23 61.42 11.99 18.80
CA ILE E 23 60.03 12.31 18.51
C ILE E 23 59.39 11.26 17.62
N THR E 24 60.17 10.68 16.69
CA THR E 24 59.68 9.55 15.89
C THR E 24 59.24 8.39 16.78
N ASN E 25 60.09 8.00 17.73
CA ASN E 25 59.76 6.94 18.67
C ASN E 25 58.55 7.27 19.54
N ILE E 26 58.07 8.51 19.53
CA ILE E 26 56.79 8.85 20.15
C ILE E 26 55.65 8.77 19.14
N VAL E 27 55.79 9.45 18.00
CA VAL E 27 54.67 9.57 17.06
C VAL E 27 54.30 8.22 16.48
N GLU E 28 55.29 7.37 16.19
CA GLU E 28 55.01 6.01 15.73
C GLU E 28 54.72 5.03 16.86
N SER E 29 54.60 5.49 18.10
CA SER E 29 54.37 4.55 19.20
C SER E 29 52.93 4.06 19.19
N SER E 30 52.72 2.86 19.72
CA SER E 30 51.38 2.35 19.96
C SER E 30 50.61 3.23 20.94
N PHE E 31 51.30 3.88 21.88
CA PHE E 31 50.65 4.83 22.78
C PHE E 31 50.02 5.99 22.03
N PHE E 32 50.81 6.66 21.18
CA PHE E 32 50.30 7.82 20.45
C PHE E 32 49.16 7.44 19.51
N THR E 33 49.26 6.28 18.85
CA THR E 33 48.15 5.78 18.05
C THR E 33 46.88 5.63 18.87
N LYS E 34 46.97 4.96 20.03
CA LYS E 34 45.81 4.77 20.88
C LYS E 34 45.33 6.10 21.47
N PHE E 35 46.25 6.96 21.89
CA PHE E 35 45.88 8.25 22.47
C PHE E 35 44.99 9.06 21.53
N ILE E 36 45.38 9.14 20.26
CA ILE E 36 44.58 9.89 19.29
C ILE E 36 43.23 9.25 19.04
N ILE E 37 43.14 7.92 19.08
CA ILE E 37 41.85 7.25 18.94
C ILE E 37 40.88 7.68 20.03
N TYR E 38 41.35 7.72 21.29
CA TYR E 38 40.48 8.14 22.38
C TYR E 38 40.09 9.61 22.28
N LEU E 39 41.00 10.46 21.81
CA LEU E 39 40.65 11.86 21.58
C LEU E 39 39.54 11.98 20.54
N ILE E 40 39.58 11.18 19.48
CA ILE E 40 38.51 11.19 18.49
C ILE E 40 37.20 10.72 19.11
N VAL E 41 37.23 9.64 19.89
CA VAL E 41 36.02 9.15 20.55
C VAL E 41 35.45 10.20 21.49
N LEU E 42 36.31 10.87 22.27
CA LEU E 42 35.83 11.91 23.16
C LEU E 42 35.26 13.09 22.40
N ASN E 43 35.91 13.51 21.31
CA ASN E 43 35.38 14.58 20.49
C ASN E 43 34.06 14.18 19.82
N MET E 44 33.98 12.93 19.36
CA MET E 44 32.73 12.43 18.79
C MET E 44 31.60 12.43 19.82
N VAL E 45 31.91 12.06 21.07
CA VAL E 45 30.92 12.14 22.14
C VAL E 45 30.46 13.58 22.39
N THR E 46 31.39 14.52 22.44
CA THR E 46 31.01 15.92 22.61
C THR E 46 30.13 16.42 21.48
N MET E 47 30.34 15.92 20.26
CA MET E 47 29.46 16.27 19.16
C MET E 47 28.09 15.60 19.25
N MET E 48 27.88 14.70 20.21
CA MET E 48 26.54 14.18 20.47
C MET E 48 25.79 14.97 21.53
N VAL E 49 26.49 15.60 22.48
CA VAL E 49 25.80 16.30 23.56
C VAL E 49 25.28 17.66 23.13
N GLU E 50 25.84 18.25 22.07
CA GLU E 50 25.32 19.50 21.57
C GLU E 50 23.85 19.38 21.18
N LYS E 51 23.10 20.46 21.40
CA LYS E 51 21.69 20.52 21.05
C LYS E 51 21.28 21.98 21.02
N GLU E 52 20.66 22.41 19.92
CA GLU E 52 20.14 23.77 19.79
C GLU E 52 19.47 24.27 21.06
N GLY E 53 18.58 23.46 21.63
CA GLY E 53 18.00 23.75 22.93
C GLY E 53 18.93 23.44 24.08
N GLN E 54 19.90 24.31 24.33
CA GLN E 54 20.81 24.16 25.45
C GLN E 54 21.15 25.52 26.04
N SER E 55 21.71 25.49 27.25
CA SER E 55 22.13 26.71 27.93
C SER E 55 23.19 27.45 27.13
N GLN E 56 23.17 28.78 27.25
CA GLN E 56 24.23 29.60 26.68
C GLN E 56 25.58 29.26 27.30
N HIS E 57 25.61 29.06 28.62
CA HIS E 57 26.86 28.67 29.28
C HIS E 57 27.30 27.27 28.90
N MET E 58 26.36 26.36 28.65
CA MET E 58 26.73 25.07 28.08
C MET E 58 27.34 25.23 26.69
N THR E 59 26.77 26.14 25.89
CA THR E 59 27.35 26.42 24.58
C THR E 59 28.75 27.01 24.69
N GLU E 60 28.95 27.92 25.64
CA GLU E 60 30.27 28.48 25.87
C GLU E 60 31.26 27.41 26.30
N VAL E 61 30.87 26.54 27.24
CA VAL E 61 31.75 25.47 27.68
C VAL E 61 32.06 24.51 26.53
N LEU E 62 31.06 24.16 25.73
CA LEU E 62 31.31 23.30 24.58
C LEU E 62 32.18 23.99 23.52
N TYR E 63 32.07 25.32 23.39
CA TYR E 63 32.98 26.04 22.52
C TYR E 63 34.44 25.88 22.96
N TRP E 64 34.71 26.13 24.25
CA TRP E 64 36.08 25.96 24.76
C TRP E 64 36.57 24.53 24.61
N ILE E 65 35.71 23.55 24.88
CA ILE E 65 36.12 22.15 24.76
C ILE E 65 36.44 21.81 23.30
N ASN E 66 35.59 22.24 22.38
CA ASN E 66 35.84 21.97 20.97
C ASN E 66 37.05 22.73 20.44
N VAL E 67 37.33 23.91 20.99
CA VAL E 67 38.58 24.62 20.68
C VAL E 67 39.79 23.82 21.15
N VAL E 68 39.72 23.24 22.36
CA VAL E 68 40.80 22.39 22.85
C VAL E 68 41.06 21.22 21.91
N PHE E 69 40.00 20.56 21.45
CA PHE E 69 40.16 19.46 20.51
C PHE E 69 40.84 19.90 19.21
N ILE E 70 40.41 21.03 18.64
CA ILE E 70 40.93 21.42 17.34
C ILE E 70 42.40 21.81 17.42
N ILE E 71 42.82 22.46 18.51
CA ILE E 71 44.25 22.73 18.67
C ILE E 71 45.02 21.45 18.98
N LEU E 72 44.41 20.52 19.72
CA LEU E 72 45.10 19.28 20.08
C LEU E 72 45.30 18.38 18.86
N PHE E 73 44.30 18.27 17.99
CA PHE E 73 44.52 17.59 16.71
C PHE E 73 45.43 18.37 15.77
N THR E 74 45.49 19.69 15.91
CA THR E 74 46.40 20.47 15.08
C THR E 74 47.87 20.15 15.37
N ILE E 75 48.24 20.05 16.65
CA ILE E 75 49.60 19.66 16.96
C ILE E 75 49.89 18.21 16.57
N GLU E 76 48.86 17.35 16.60
CA GLU E 76 49.02 15.99 16.08
C GLU E 76 49.38 15.99 14.60
N ILE E 77 48.67 16.78 13.80
CA ILE E 77 48.98 16.88 12.37
C ILE E 77 50.39 17.43 12.16
N ILE E 78 50.74 18.49 12.90
CA ILE E 78 52.08 19.07 12.78
C ILE E 78 53.15 18.07 13.17
N LEU E 79 52.93 17.31 14.25
CA LEU E 79 53.86 16.27 14.63
C LEU E 79 54.01 15.23 13.52
N ARG E 80 52.89 14.72 13.01
CA ARG E 80 52.94 13.71 11.96
C ARG E 80 53.60 14.24 10.69
N ILE E 81 53.34 15.50 10.33
CA ILE E 81 54.06 16.10 9.21
C ILE E 81 55.55 16.21 9.51
N TYR E 82 55.90 16.58 10.74
CA TYR E 82 57.32 16.74 11.08
C TYR E 82 58.07 15.42 11.02
N VAL E 83 57.43 14.30 11.35
CA VAL E 83 58.10 13.01 11.23
C VAL E 83 58.05 12.48 9.80
N HIS E 84 56.86 12.42 9.20
CA HIS E 84 56.71 11.76 7.91
C HIS E 84 57.07 12.64 6.73
N ARG E 85 56.98 13.97 6.90
CA ARG E 85 57.46 14.94 5.92
C ARG E 85 56.92 14.67 4.52
N ILE E 86 57.84 14.45 3.57
CA ILE E 86 57.47 14.28 2.17
C ILE E 86 56.53 13.10 1.97
N SER E 87 56.58 12.10 2.87
CA SER E 87 55.70 10.95 2.74
C SER E 87 54.32 11.19 3.36
N PHE E 88 54.19 12.16 4.26
CA PHE E 88 52.90 12.46 4.86
C PHE E 88 51.87 12.84 3.80
N PHE E 89 52.25 13.71 2.87
CA PHE E 89 51.34 14.17 1.82
C PHE E 89 51.25 13.17 0.67
N LYS E 90 51.39 11.90 0.98
CA LYS E 90 51.29 10.82 0.00
C LYS E 90 50.54 9.60 0.51
N ASP E 91 50.59 9.30 1.80
CA ASP E 91 49.64 8.40 2.42
C ASP E 91 48.24 8.99 2.33
N PRO E 92 47.29 8.33 1.66
CA PRO E 92 45.94 8.87 1.58
C PRO E 92 45.27 9.05 2.93
N TRP E 93 45.64 8.26 3.94
CA TRP E 93 45.03 8.38 5.25
C TRP E 93 45.48 9.64 5.96
N SER E 94 46.79 9.89 6.01
CA SER E 94 47.29 11.15 6.54
C SER E 94 46.80 12.35 5.74
N LEU E 95 46.69 12.20 4.42
CA LEU E 95 46.16 13.28 3.60
C LEU E 95 44.71 13.61 3.94
N PHE E 96 43.91 12.58 4.23
CA PHE E 96 42.53 12.81 4.66
C PHE E 96 42.47 13.53 6.01
N ASP E 97 43.26 13.07 6.99
CA ASP E 97 43.28 13.71 8.29
C ASP E 97 43.67 15.18 8.21
N PHE E 98 44.63 15.51 7.34
CA PHE E 98 45.00 16.90 7.12
C PHE E 98 43.83 17.73 6.61
N VAL E 99 43.15 17.24 5.56
CA VAL E 99 41.99 17.93 5.02
C VAL E 99 40.92 18.17 6.08
N VAL E 100 40.66 17.16 6.93
CA VAL E 100 39.63 17.29 7.95
C VAL E 100 40.00 18.34 8.99
N VAL E 101 41.28 18.44 9.36
CA VAL E 101 41.69 19.48 10.28
C VAL E 101 41.52 20.87 9.66
N ILE E 102 41.89 21.02 8.39
CA ILE E 102 41.70 22.30 7.71
C ILE E 102 40.23 22.69 7.64
N ILE E 103 39.37 21.75 7.23
CA ILE E 103 37.93 22.00 7.18
C ILE E 103 37.39 22.37 8.55
N SER E 104 37.88 21.71 9.61
CA SER E 104 37.36 21.99 10.94
C SER E 104 37.87 23.31 11.51
N ILE E 105 39.00 23.83 11.03
CA ILE E 105 39.38 25.20 11.36
C ILE E 105 38.45 26.19 10.68
N VAL E 106 38.20 26.00 9.38
CA VAL E 106 37.27 26.86 8.64
C VAL E 106 35.89 26.83 9.29
N GLY E 107 35.40 25.64 9.61
CA GLY E 107 34.09 25.49 10.24
C GLY E 107 33.93 26.07 11.64
N MET E 108 34.95 26.73 12.17
CA MET E 108 34.82 27.31 13.50
C MET E 108 35.42 28.70 13.63
N PHE E 109 36.20 29.19 12.67
CA PHE E 109 36.78 30.52 12.76
C PHE E 109 36.65 31.33 11.47
N LEU E 110 36.01 30.79 10.44
CA LEU E 110 35.75 31.53 9.21
C LEU E 110 34.38 31.28 8.61
N ALA E 111 33.65 30.25 9.08
CA ALA E 111 32.30 30.01 8.58
C ALA E 111 31.39 31.20 8.82
N ASP E 112 31.53 31.86 9.98
CA ASP E 112 30.82 33.12 10.20
C ASP E 112 31.25 34.18 9.19
N LEU E 113 32.55 34.36 9.02
CA LEU E 113 33.05 35.31 8.03
C LEU E 113 32.64 34.94 6.60
N ILE E 114 32.38 33.66 6.33
CA ILE E 114 31.85 33.26 5.03
C ILE E 114 30.35 33.56 4.96
N GLU E 115 29.58 33.00 5.89
CA GLU E 115 28.13 33.12 5.84
C GLU E 115 27.66 34.56 6.01
N THR E 116 28.46 35.41 6.65
CA THR E 116 28.06 36.82 6.77
C THR E 116 28.20 37.59 5.46
N TYR E 117 28.81 37.02 4.42
CA TYR E 117 28.91 37.68 3.13
C TYR E 117 28.32 36.86 2.00
N PHE E 118 28.78 35.62 1.83
CA PHE E 118 28.17 34.70 0.88
C PHE E 118 26.99 33.96 1.54
N VAL E 119 26.03 34.74 2.02
CA VAL E 119 24.91 34.17 2.76
C VAL E 119 24.08 33.29 1.84
N SER E 120 23.85 32.05 2.27
CA SER E 120 23.05 31.10 1.50
C SER E 120 22.48 30.06 2.44
N PRO E 121 21.21 29.69 2.31
CA PRO E 121 20.64 28.62 3.14
C PRO E 121 21.23 27.24 2.86
N THR E 122 22.13 27.11 1.90
CA THR E 122 22.87 25.86 1.73
C THR E 122 23.98 25.70 2.76
N LEU E 123 24.62 26.79 3.16
CA LEU E 123 25.80 26.68 4.02
C LEU E 123 25.43 26.19 5.41
N PHE E 124 24.28 26.62 5.92
CA PHE E 124 23.74 26.04 7.16
C PHE E 124 23.57 24.53 7.05
N ARG E 125 23.51 23.99 5.84
CA ARG E 125 23.49 22.55 5.61
C ARG E 125 24.81 21.98 5.09
N VAL E 126 25.62 22.78 4.41
CA VAL E 126 26.86 22.26 3.86
C VAL E 126 27.97 22.22 4.90
N ILE E 127 28.03 23.23 5.78
CA ILE E 127 29.10 23.29 6.79
C ILE E 127 28.99 22.17 7.82
N ARG E 128 27.89 21.41 7.82
CA ARG E 128 27.84 20.13 8.52
C ARG E 128 29.04 19.24 8.17
N LEU E 129 29.61 19.41 6.98
CA LEU E 129 30.71 18.57 6.53
C LEU E 129 31.88 18.55 7.52
N ALA E 130 32.10 19.66 8.24
CA ALA E 130 33.15 19.68 9.26
C ALA E 130 32.87 18.68 10.37
N ARG E 131 31.59 18.43 10.67
CA ARG E 131 31.24 17.39 11.63
C ARG E 131 31.46 16.00 11.04
N ILE E 132 30.91 15.75 9.85
CA ILE E 132 30.99 14.43 9.22
C ILE E 132 32.44 14.00 9.04
N GLY E 133 33.31 14.93 8.65
CA GLY E 133 34.72 14.59 8.49
C GLY E 133 35.38 14.11 9.76
N ARG E 134 35.03 14.71 10.89
CA ARG E 134 35.60 14.28 12.16
C ARG E 134 35.05 12.94 12.64
N ILE E 135 33.88 12.53 12.18
CA ILE E 135 33.43 11.16 12.40
C ILE E 135 34.31 10.18 11.62
N LEU E 136 34.57 10.49 10.35
CA LEU E 136 35.37 9.61 9.50
C LEU E 136 36.80 9.41 9.99
N ARG E 137 37.34 10.35 10.78
CA ARG E 137 38.64 10.12 11.40
C ARG E 137 38.67 8.86 12.26
N LEU E 138 37.51 8.39 12.73
CA LEU E 138 37.48 7.16 13.50
C LEU E 138 37.77 5.94 12.63
N VAL E 139 37.63 6.05 11.31
CA VAL E 139 38.20 5.06 10.41
C VAL E 139 39.70 5.25 10.27
N THR E 140 40.14 6.48 9.98
CA THR E 140 41.52 6.73 9.61
C THR E 140 42.49 6.42 10.75
N ALA E 141 42.07 6.66 12.00
CA ALA E 141 42.98 6.45 13.12
C ALA E 141 43.08 4.98 13.52
N VAL E 142 41.99 4.23 13.46
CA VAL E 142 41.99 2.86 13.96
C VAL E 142 42.62 1.93 12.93
N PRO E 143 43.71 1.24 13.27
CA PRO E 143 44.37 0.36 12.28
C PRO E 143 43.47 -0.74 11.74
N GLN E 144 42.62 -1.31 12.58
CA GLN E 144 41.70 -2.35 12.11
C GLN E 144 40.68 -1.79 11.12
N MET E 145 40.36 -0.50 11.22
CA MET E 145 39.40 0.10 10.31
C MET E 145 40.03 0.49 8.98
N ARG E 146 41.25 1.03 9.01
CA ARG E 146 42.02 1.19 7.78
C ARG E 146 42.16 -0.12 7.03
N LYS E 147 42.39 -1.22 7.75
CA LYS E 147 42.54 -2.53 7.11
C LYS E 147 41.27 -2.94 6.37
N ILE E 148 40.11 -2.87 7.03
CA ILE E 148 38.87 -3.30 6.41
C ILE E 148 38.48 -2.38 5.25
N VAL E 149 38.73 -1.07 5.38
CA VAL E 149 38.35 -0.14 4.33
C VAL E 149 39.23 -0.31 3.10
N SER E 150 40.53 -0.50 3.29
CA SER E 150 41.40 -0.76 2.16
C SER E 150 41.10 -2.11 1.50
N ALA E 151 40.71 -3.11 2.29
CA ALA E 151 40.24 -4.37 1.72
C ALA E 151 39.01 -4.18 0.84
N LEU E 152 38.02 -3.45 1.34
CA LEU E 152 36.82 -3.17 0.56
C LEU E 152 37.13 -2.39 -0.72
N ILE E 153 37.99 -1.37 -0.61
CA ILE E 153 38.35 -0.58 -1.79
C ILE E 153 39.07 -1.43 -2.83
N SER E 154 39.94 -2.35 -2.38
CA SER E 154 40.68 -3.20 -3.31
C SER E 154 39.79 -4.13 -4.11
N VAL E 155 38.56 -4.40 -3.65
CA VAL E 155 37.63 -5.22 -4.42
C VAL E 155 37.07 -4.44 -5.60
N ILE E 156 37.01 -3.12 -5.49
CA ILE E 156 36.31 -2.32 -6.52
C ILE E 156 36.91 -2.46 -7.91
N PRO E 157 38.23 -2.41 -8.11
CA PRO E 157 38.76 -2.57 -9.48
C PRO E 157 38.32 -3.83 -10.19
N GLY E 158 38.20 -4.95 -9.49
CA GLY E 158 37.75 -6.18 -10.13
C GLY E 158 36.30 -6.16 -10.57
N MET E 159 35.48 -5.29 -9.97
CA MET E 159 34.07 -5.18 -10.33
C MET E 159 33.80 -4.29 -11.53
N LEU E 160 34.77 -3.48 -11.97
CA LEU E 160 34.46 -2.38 -12.87
C LEU E 160 33.88 -2.87 -14.19
N SER E 161 34.39 -3.99 -14.72
CA SER E 161 33.87 -4.50 -15.98
C SER E 161 32.44 -5.01 -15.87
N VAL E 162 32.10 -5.67 -14.76
CA VAL E 162 30.72 -6.12 -14.59
C VAL E 162 29.80 -4.98 -14.18
N ILE E 163 30.30 -3.98 -13.45
CA ILE E 163 29.51 -2.79 -13.17
C ILE E 163 29.26 -1.99 -14.45
N ALA E 164 30.27 -1.88 -15.31
CA ALA E 164 30.08 -1.23 -16.60
C ALA E 164 29.07 -1.98 -17.45
N LEU E 165 29.12 -3.32 -17.43
CA LEU E 165 28.15 -4.11 -18.17
C LEU E 165 26.73 -3.88 -17.66
N MET E 166 26.54 -3.93 -16.33
CA MET E 166 25.23 -3.66 -15.76
C MET E 166 24.74 -2.26 -16.10
N THR E 167 25.63 -1.27 -16.07
CA THR E 167 25.23 0.09 -16.41
C THR E 167 24.79 0.19 -17.86
N LEU E 168 25.46 -0.51 -18.77
CA LEU E 168 25.08 -0.49 -20.17
C LEU E 168 23.74 -1.20 -20.40
N PHE E 169 23.52 -2.33 -19.73
CA PHE E 169 22.21 -2.98 -19.78
C PHE E 169 21.11 -2.08 -19.26
N PHE E 170 21.35 -1.41 -18.13
CA PHE E 170 20.39 -0.47 -17.59
C PHE E 170 20.06 0.63 -18.59
N TYR E 171 21.08 1.18 -19.25
CA TYR E 171 20.85 2.21 -20.25
C TYR E 171 20.00 1.70 -21.40
N ILE E 172 20.28 0.49 -21.88
CA ILE E 172 19.49 -0.11 -22.96
C ILE E 172 18.04 -0.30 -22.53
N PHE E 173 17.82 -0.88 -21.36
CA PHE E 173 16.45 -1.06 -20.87
C PHE E 173 15.76 0.27 -20.58
N ALA E 174 16.50 1.27 -20.11
CA ALA E 174 15.89 2.57 -19.84
C ALA E 174 15.42 3.24 -21.13
N ILE E 175 16.19 3.10 -22.21
CA ILE E 175 15.73 3.59 -23.52
C ILE E 175 14.43 2.90 -23.92
N MET E 176 14.41 1.56 -23.85
CA MET E 176 13.23 0.82 -24.28
C MET E 176 12.03 1.10 -23.39
N ALA E 177 12.22 1.12 -22.07
CA ALA E 177 11.11 1.35 -21.16
C ALA E 177 10.52 2.75 -21.31
N THR E 178 11.35 3.74 -21.59
CA THR E 178 10.84 5.08 -21.89
C THR E 178 9.98 5.07 -23.15
N GLN E 179 10.45 4.42 -24.20
CA GLN E 179 9.70 4.37 -25.44
C GLN E 179 8.44 3.51 -25.34
N LEU E 180 8.49 2.42 -24.57
CA LEU E 180 7.33 1.55 -24.48
C LEU E 180 6.25 2.09 -23.55
N PHE E 181 6.62 2.50 -22.34
CA PHE E 181 5.63 2.81 -21.32
C PHE E 181 5.55 4.29 -20.95
N GLY E 182 6.56 5.09 -21.29
CA GLY E 182 6.62 6.48 -20.86
C GLY E 182 5.56 7.38 -21.46
N GLU E 183 4.97 6.99 -22.58
CA GLU E 183 3.90 7.79 -23.16
C GLU E 183 2.68 7.87 -22.24
N ARG E 184 2.39 6.80 -21.52
CA ARG E 184 1.18 6.76 -20.68
C ARG E 184 1.46 6.67 -19.20
N PHE E 185 2.67 6.28 -18.78
CA PHE E 185 3.07 6.29 -17.38
C PHE E 185 4.29 7.19 -17.19
N PRO E 186 4.15 8.48 -17.45
CA PRO E 186 5.33 9.37 -17.43
C PRO E 186 5.99 9.50 -16.08
N GLU E 187 5.22 9.37 -14.99
CA GLU E 187 5.79 9.42 -13.65
C GLU E 187 6.77 8.29 -13.39
N TRP E 188 6.76 7.26 -14.22
CA TRP E 188 7.65 6.11 -14.07
C TRP E 188 8.66 5.99 -15.21
N PHE E 189 8.28 6.37 -16.43
CA PHE E 189 9.10 6.11 -17.60
C PHE E 189 9.15 7.29 -18.56
N GLY E 190 8.56 8.44 -18.21
CA GLY E 190 8.39 9.50 -19.17
C GLY E 190 9.67 10.12 -19.67
N THR E 191 10.76 10.01 -18.92
CA THR E 191 12.06 10.44 -19.38
C THR E 191 13.09 9.37 -19.02
N LEU E 192 14.25 9.46 -19.66
CA LEU E 192 15.34 8.52 -19.39
C LEU E 192 15.69 8.47 -17.91
N GLY E 193 15.62 9.61 -17.22
CA GLY E 193 15.91 9.62 -15.80
C GLY E 193 14.81 9.03 -14.95
N GLU E 194 13.56 9.20 -15.35
CA GLU E 194 12.46 8.47 -14.72
C GLU E 194 12.65 6.97 -14.86
N SER E 195 12.99 6.54 -16.08
CA SER E 195 13.10 5.11 -16.37
C SER E 195 14.29 4.48 -15.64
N PHE E 196 15.43 5.17 -15.60
CA PHE E 196 16.57 4.69 -14.82
C PHE E 196 16.20 4.47 -13.36
N TYR E 197 15.48 5.42 -12.75
CA TYR E 197 15.09 5.27 -11.36
C TYR E 197 14.11 4.12 -11.16
N THR E 198 13.11 4.00 -12.02
CA THR E 198 12.12 2.94 -11.88
C THR E 198 12.72 1.55 -12.13
N LEU E 199 13.63 1.44 -13.09
CA LEU E 199 14.30 0.16 -13.30
C LEU E 199 15.22 -0.20 -12.14
N PHE E 200 15.83 0.78 -11.48
CA PHE E 200 16.60 0.48 -10.29
C PHE E 200 15.73 -0.02 -9.15
N GLN E 201 14.56 0.59 -8.96
CA GLN E 201 13.58 0.06 -8.02
C GLN E 201 13.21 -1.38 -8.36
N VAL E 202 12.92 -1.66 -9.63
CA VAL E 202 12.59 -3.01 -10.05
C VAL E 202 13.74 -3.97 -9.79
N MET E 203 14.98 -3.53 -10.04
CA MET E 203 16.13 -4.38 -9.76
C MET E 203 16.21 -4.75 -8.27
N THR E 204 15.91 -3.80 -7.39
CA THR E 204 15.83 -4.11 -5.97
C THR E 204 14.59 -4.93 -5.61
N LEU E 205 13.74 -5.25 -6.58
CA LEU E 205 12.50 -5.99 -6.39
C LEU E 205 11.50 -5.27 -5.51
N GLU E 206 11.69 -3.98 -5.28
CA GLU E 206 10.86 -3.23 -4.34
C GLU E 206 9.55 -2.84 -5.01
N SER E 207 8.45 -3.41 -4.53
CA SER E 207 7.10 -3.18 -5.10
C SER E 207 7.05 -3.40 -6.61
N TRP E 208 7.95 -4.24 -7.13
CA TRP E 208 8.12 -4.32 -8.58
C TRP E 208 6.84 -4.79 -9.28
N SER E 209 6.11 -5.73 -8.68
CA SER E 209 4.91 -6.25 -9.33
C SER E 209 3.64 -5.49 -8.93
N MET E 210 3.36 -5.42 -7.63
CA MET E 210 2.13 -4.78 -7.19
C MET E 210 2.15 -3.28 -7.44
N GLY E 211 3.32 -2.66 -7.41
CA GLY E 211 3.43 -1.23 -7.54
C GLY E 211 3.67 -0.72 -8.94
N ILE E 212 4.35 -1.51 -9.78
CA ILE E 212 4.69 -1.07 -11.12
C ILE E 212 4.02 -1.92 -12.19
N VAL E 213 4.32 -3.22 -12.22
CA VAL E 213 4.05 -4.02 -13.41
C VAL E 213 2.57 -4.41 -13.50
N ARG E 214 1.92 -4.74 -12.39
CA ARG E 214 0.49 -4.96 -12.44
C ARG E 214 -0.31 -3.75 -12.90
N PRO E 215 -0.05 -2.53 -12.40
CA PRO E 215 -0.69 -1.36 -13.03
C PRO E 215 -0.37 -1.20 -14.51
N LEU E 216 0.88 -1.44 -14.91
CA LEU E 216 1.23 -1.41 -16.33
C LEU E 216 0.42 -2.40 -17.15
N MET E 217 0.22 -3.62 -16.63
CA MET E 217 -0.51 -4.62 -17.40
C MET E 217 -2.01 -4.36 -17.49
N GLU E 218 -2.55 -3.44 -16.69
CA GLU E 218 -3.88 -2.92 -16.98
C GLU E 218 -3.94 -2.29 -18.37
N VAL E 219 -2.81 -1.75 -18.83
CA VAL E 219 -2.75 -1.00 -20.07
C VAL E 219 -1.91 -1.72 -21.12
N TYR E 220 -0.84 -2.39 -20.68
CA TYR E 220 0.16 -2.99 -21.56
C TYR E 220 0.23 -4.46 -21.17
N PRO E 221 -0.66 -5.29 -21.70
CA PRO E 221 -0.79 -6.66 -21.17
C PRO E 221 0.51 -7.45 -21.17
N TYR E 222 1.35 -7.26 -22.17
CA TYR E 222 2.63 -7.96 -22.29
C TYR E 222 3.77 -7.27 -21.57
N ALA E 223 3.48 -6.31 -20.69
CA ALA E 223 4.55 -5.64 -19.94
C ALA E 223 5.39 -6.64 -19.14
N TRP E 224 4.80 -7.77 -18.75
CA TRP E 224 5.55 -8.84 -18.10
C TRP E 224 6.69 -9.35 -18.98
N VAL E 225 6.54 -9.30 -20.30
CA VAL E 225 7.60 -9.74 -21.20
C VAL E 225 8.81 -8.82 -21.16
N PHE E 226 8.65 -7.59 -20.69
CA PHE E 226 9.79 -6.71 -20.48
C PHE E 226 10.45 -6.95 -19.13
N PHE E 227 9.68 -6.86 -18.05
CA PHE E 227 10.25 -6.76 -16.72
C PHE E 227 10.74 -8.09 -16.15
N ILE E 228 10.11 -9.20 -16.49
CA ILE E 228 10.56 -10.49 -15.97
C ILE E 228 11.89 -10.89 -16.59
N PRO E 229 12.08 -10.78 -17.91
CA PRO E 229 13.45 -10.94 -18.45
C PRO E 229 14.45 -9.94 -17.90
N PHE E 230 14.02 -8.70 -17.66
CA PHE E 230 14.91 -7.73 -17.01
C PHE E 230 15.37 -8.21 -15.64
N ILE E 231 14.45 -8.71 -14.83
CA ILE E 231 14.82 -9.22 -13.50
C ILE E 231 15.82 -10.36 -13.61
N PHE E 232 15.58 -11.30 -14.52
CA PHE E 232 16.54 -12.38 -14.72
C PHE E 232 17.93 -11.87 -15.10
N VAL E 233 17.99 -10.91 -16.02
CA VAL E 233 19.28 -10.39 -16.45
C VAL E 233 20.03 -9.73 -15.30
N VAL E 234 19.37 -8.80 -14.60
CA VAL E 234 20.07 -8.06 -13.54
C VAL E 234 20.38 -8.96 -12.34
N THR E 235 19.51 -9.91 -12.03
CA THR E 235 19.81 -10.88 -10.98
C THR E 235 21.00 -11.76 -11.35
N PHE E 236 21.05 -12.24 -12.59
CA PHE E 236 22.16 -13.07 -13.03
C PHE E 236 23.48 -12.32 -13.01
N VAL E 237 23.48 -11.06 -13.45
CA VAL E 237 24.70 -10.25 -13.39
C VAL E 237 25.10 -9.95 -11.95
N MET E 238 24.14 -9.68 -11.07
CA MET E 238 24.45 -9.50 -9.65
C MET E 238 25.02 -10.76 -9.02
N ILE E 239 24.47 -11.93 -9.36
CA ILE E 239 25.03 -13.18 -8.85
C ILE E 239 26.48 -13.35 -9.28
N ASN E 240 26.76 -13.17 -10.56
CA ASN E 240 28.12 -13.34 -11.07
C ASN E 240 29.06 -12.27 -10.56
N LEU E 241 28.55 -11.07 -10.27
CA LEU E 241 29.37 -10.06 -9.60
C LEU E 241 29.83 -10.55 -8.23
N VAL E 242 28.92 -11.12 -7.45
CA VAL E 242 29.28 -11.61 -6.12
C VAL E 242 30.19 -12.83 -6.21
N VAL E 243 29.89 -13.75 -7.14
CA VAL E 243 30.74 -14.92 -7.34
C VAL E 243 32.15 -14.50 -7.71
N ALA E 244 32.29 -13.48 -8.56
CA ALA E 244 33.62 -12.99 -8.92
C ALA E 244 34.41 -12.52 -7.70
N ILE E 245 33.75 -11.81 -6.78
CA ILE E 245 34.42 -11.36 -5.57
C ILE E 245 34.85 -12.55 -4.71
N ILE E 246 34.00 -13.59 -4.62
CA ILE E 246 34.35 -14.79 -3.87
C ILE E 246 35.59 -15.45 -4.47
N VAL E 247 35.56 -15.73 -5.77
CA VAL E 247 36.64 -16.50 -6.37
C VAL E 247 37.93 -15.69 -6.51
N ASP E 248 37.83 -14.36 -6.58
CA ASP E 248 39.02 -13.53 -6.51
C ASP E 248 39.72 -13.66 -5.16
N ALA E 249 38.96 -13.49 -4.07
CA ALA E 249 39.52 -13.67 -2.73
C ALA E 249 40.06 -15.07 -2.51
N MET E 250 39.37 -16.08 -3.04
CA MET E 250 39.89 -17.44 -2.96
C MET E 250 41.16 -17.63 -3.78
N ALA E 251 41.25 -16.99 -4.94
CA ALA E 251 42.48 -17.05 -5.73
C ALA E 251 43.66 -16.49 -4.96
N ILE E 252 43.44 -15.41 -4.21
CA ILE E 252 44.52 -14.86 -3.37
C ILE E 252 44.95 -15.86 -2.31
N LEU E 253 44.00 -16.62 -1.76
CA LEU E 253 44.35 -17.68 -0.82
C LEU E 253 45.08 -18.83 -1.50
N ASN E 254 44.42 -19.45 -2.49
CA ASN E 254 44.98 -20.66 -3.11
C ASN E 254 46.37 -20.43 -3.68
N GLN E 255 46.65 -19.24 -4.19
CA GLN E 255 48.00 -18.91 -4.66
C GLN E 255 49.05 -19.09 -3.56
N LYS E 256 48.69 -18.84 -2.30
CA LYS E 256 49.64 -19.02 -1.21
C LYS E 256 49.80 -20.48 -0.83
N GLU E 257 48.68 -21.18 -0.63
CA GLU E 257 48.71 -22.62 -0.41
C GLU E 257 49.52 -23.34 -1.49
N GLU E 258 49.29 -22.99 -2.74
CA GLU E 258 50.04 -23.57 -3.85
C GLU E 258 51.55 -23.39 -3.67
N GLN E 259 52.00 -22.15 -3.52
CA GLN E 259 53.44 -21.90 -3.44
C GLN E 259 54.07 -22.54 -2.21
N HIS E 260 53.37 -22.51 -1.06
CA HIS E 260 53.90 -23.15 0.14
C HIS E 260 54.15 -24.64 -0.07
N ILE E 261 53.30 -25.30 -0.85
CA ILE E 261 53.54 -26.69 -1.19
C ILE E 261 54.73 -26.82 -2.13
N ILE E 262 54.84 -25.93 -3.11
CA ILE E 262 55.98 -25.94 -4.02
C ILE E 262 57.28 -25.68 -3.27
N ASP E 263 57.26 -24.68 -2.38
CA ASP E 263 58.44 -24.38 -1.57
C ASP E 263 58.92 -25.59 -0.77
N GLU E 264 57.98 -26.34 -0.19
CA GLU E 264 58.36 -27.56 0.52
C GLU E 264 58.76 -28.68 -0.43
N VAL E 265 58.19 -28.72 -1.63
CA VAL E 265 58.68 -29.64 -2.66
C VAL E 265 60.10 -29.26 -3.06
N GLN E 266 60.39 -27.97 -3.13
CA GLN E 266 61.73 -27.52 -3.47
C GLN E 266 62.70 -27.61 -2.30
N SER E 267 62.19 -27.49 -1.06
CA SER E 267 62.97 -27.89 0.10
C SER E 267 63.36 -29.36 0.02
N HIS E 268 62.39 -30.23 -0.27
CA HIS E 268 62.67 -31.64 -0.43
C HIS E 268 63.61 -31.90 -1.61
N GLU E 269 63.46 -31.13 -2.69
CA GLU E 269 64.44 -31.15 -3.77
C GLU E 269 65.85 -30.86 -3.26
N ASP E 270 66.00 -29.80 -2.46
CA ASP E 270 67.30 -29.48 -1.88
C ASP E 270 67.82 -30.59 -0.98
N ASN E 271 67.01 -31.01 0.00
CA ASN E 271 67.44 -32.00 0.98
C ASN E 271 67.95 -33.28 0.33
N ILE E 272 67.33 -33.71 -0.77
CA ILE E 272 67.70 -34.97 -1.40
C ILE E 272 68.81 -34.80 -2.42
N ASN E 273 68.71 -33.81 -3.31
CA ASN E 273 69.67 -33.73 -4.41
C ASN E 273 71.05 -33.29 -3.94
N ASN E 274 71.13 -32.47 -2.89
CA ASN E 274 72.42 -32.18 -2.27
C ASN E 274 73.07 -33.41 -1.64
N GLU E 275 72.31 -34.47 -1.41
CA GLU E 275 72.89 -35.74 -0.99
C GLU E 275 73.21 -36.67 -2.14
N ILE E 276 72.40 -36.65 -3.20
CA ILE E 276 72.72 -37.39 -4.42
C ILE E 276 73.99 -36.86 -5.07
N ILE E 277 74.36 -35.61 -4.80
CA ILE E 277 75.69 -35.13 -5.15
C ILE E 277 76.74 -35.89 -4.36
N LYS E 278 76.64 -35.86 -3.03
CA LYS E 278 77.63 -36.52 -2.18
C LYS E 278 77.75 -38.00 -2.51
N LEU E 279 76.63 -38.67 -2.77
CA LEU E 279 76.62 -40.12 -3.00
C LEU E 279 77.46 -40.57 -4.18
N ARG E 280 77.99 -39.67 -4.99
CA ARG E 280 78.97 -40.06 -6.01
C ARG E 280 80.40 -39.72 -5.63
N GLU E 281 80.65 -38.58 -4.99
CA GLU E 281 81.99 -38.30 -4.47
C GLU E 281 82.34 -39.22 -3.30
N GLU E 282 81.33 -39.69 -2.56
CA GLU E 282 81.54 -40.73 -1.57
C GLU E 282 81.97 -42.07 -2.17
N ILE E 283 81.86 -42.23 -3.49
CA ILE E 283 82.40 -43.43 -4.14
C ILE E 283 83.87 -43.28 -4.48
N VAL E 284 84.42 -42.06 -4.46
CA VAL E 284 85.80 -41.84 -4.88
C VAL E 284 86.78 -42.52 -3.92
N GLU E 285 86.38 -42.71 -2.67
CA GLU E 285 87.17 -43.53 -1.75
C GLU E 285 87.06 -45.00 -2.09
N ARG F 15 51.71 -4.21 -51.50
CA ARG F 15 50.99 -4.64 -52.69
C ARG F 15 50.60 -6.11 -52.60
N GLY F 16 49.38 -6.43 -53.04
CA GLY F 16 48.88 -7.79 -52.96
C GLY F 16 48.96 -8.35 -51.56
N SER F 17 49.51 -9.56 -51.45
CA SER F 17 49.69 -10.18 -50.14
C SER F 17 50.60 -9.36 -49.23
N HIS F 18 51.46 -8.51 -49.77
CA HIS F 18 52.24 -7.62 -48.93
C HIS F 18 51.42 -6.43 -48.44
N MET F 19 50.43 -6.00 -49.22
CA MET F 19 49.46 -5.04 -48.71
C MET F 19 48.53 -5.69 -47.69
N TYR F 20 48.14 -6.94 -47.93
CA TYR F 20 47.42 -7.70 -46.93
C TYR F 20 48.24 -7.86 -45.65
N LEU F 21 49.52 -8.18 -45.78
CA LEU F 21 50.41 -8.23 -44.63
C LEU F 21 50.51 -6.85 -43.96
N ARG F 22 50.48 -5.79 -44.75
CA ARG F 22 50.47 -4.44 -44.19
C ARG F 22 49.13 -4.14 -43.52
N ILE F 23 48.02 -4.50 -44.16
CA ILE F 23 46.71 -4.11 -43.65
C ILE F 23 46.35 -4.92 -42.41
N THR F 24 46.77 -6.19 -42.34
CA THR F 24 46.58 -6.98 -41.13
C THR F 24 47.25 -6.32 -39.93
N ASN F 25 48.52 -5.92 -40.08
CA ASN F 25 49.24 -5.22 -39.02
C ASN F 25 48.60 -3.90 -38.63
N ILE F 26 47.63 -3.40 -39.38
CA ILE F 26 46.83 -2.26 -38.94
C ILE F 26 45.56 -2.71 -38.23
N VAL F 27 44.77 -3.59 -38.86
CA VAL F 27 43.45 -3.94 -38.33
C VAL F 27 43.58 -4.65 -36.99
N GLU F 28 44.56 -5.53 -36.85
CA GLU F 28 44.80 -6.19 -35.58
C GLU F 28 45.61 -5.36 -34.58
N SER F 29 45.89 -4.09 -34.88
CA SER F 29 46.70 -3.30 -33.97
C SER F 29 45.88 -2.87 -32.76
N SER F 30 46.57 -2.65 -31.64
CA SER F 30 45.94 -2.04 -30.47
C SER F 30 45.43 -0.64 -30.76
N PHE F 31 46.08 0.08 -31.68
CA PHE F 31 45.57 1.39 -32.09
C PHE F 31 44.19 1.30 -32.72
N PHE F 32 44.04 0.43 -33.72
CA PHE F 32 42.76 0.31 -34.41
C PHE F 32 41.65 -0.17 -33.48
N THR F 33 41.97 -1.11 -32.58
CA THR F 33 41.00 -1.53 -31.56
C THR F 33 40.53 -0.35 -30.71
N LYS F 34 41.47 0.43 -30.18
CA LYS F 34 41.11 1.59 -29.36
C LYS F 34 40.39 2.66 -30.17
N PHE F 35 40.86 2.92 -31.40
CA PHE F 35 40.23 3.94 -32.24
C PHE F 35 38.75 3.67 -32.44
N ILE F 36 38.39 2.43 -32.76
CA ILE F 36 36.99 2.07 -32.96
C ILE F 36 36.16 2.20 -31.68
N ILE F 37 36.76 1.92 -30.52
CA ILE F 37 36.06 2.11 -29.26
C ILE F 37 35.64 3.57 -29.07
N TYR F 38 36.56 4.50 -29.36
CA TYR F 38 36.22 5.91 -29.21
C TYR F 38 35.17 6.35 -30.22
N LEU F 39 35.20 5.81 -31.43
CA LEU F 39 34.14 6.09 -32.40
C LEU F 39 32.78 5.65 -31.89
N ILE F 40 32.72 4.48 -31.25
CA ILE F 40 31.46 4.01 -30.66
C ILE F 40 31.01 4.93 -29.54
N VAL F 41 31.94 5.32 -28.67
CA VAL F 41 31.60 6.24 -27.58
C VAL F 41 31.10 7.57 -28.12
N LEU F 42 31.76 8.11 -29.16
CA LEU F 42 31.31 9.37 -29.73
C LEU F 42 29.95 9.23 -30.40
N ASN F 43 29.72 8.13 -31.12
CA ASN F 43 28.40 7.91 -31.71
C ASN F 43 27.34 7.73 -30.65
N MET F 44 27.66 7.01 -29.57
CA MET F 44 26.72 6.87 -28.47
C MET F 44 26.39 8.21 -27.82
N VAL F 45 27.39 9.10 -27.68
CA VAL F 45 27.15 10.44 -27.18
C VAL F 45 26.25 11.24 -28.12
N THR F 46 26.50 11.16 -29.44
CA THR F 46 25.64 11.85 -30.38
C THR F 46 24.20 11.34 -30.33
N MET F 47 24.01 10.05 -30.06
CA MET F 47 22.67 9.52 -29.87
C MET F 47 22.03 9.96 -28.57
N MET F 48 22.77 10.63 -27.69
CA MET F 48 22.15 11.24 -26.51
C MET F 48 21.73 12.69 -26.74
N VAL F 49 22.41 13.41 -27.64
CA VAL F 49 22.08 14.83 -27.84
C VAL F 49 20.85 15.01 -28.71
N GLU F 50 20.49 14.03 -29.53
CA GLU F 50 19.27 14.11 -30.32
C GLU F 50 18.06 14.30 -29.42
N LYS F 51 17.11 15.13 -29.89
CA LYS F 51 15.88 15.37 -29.17
C LYS F 51 14.84 15.90 -30.15
N GLU F 52 13.68 15.24 -30.20
CA GLU F 52 12.57 15.67 -31.05
C GLU F 52 12.41 17.19 -31.10
N GLY F 53 12.40 17.82 -29.93
CA GLY F 53 12.42 19.28 -29.85
C GLY F 53 13.79 19.87 -30.08
N GLN F 54 14.21 19.95 -31.35
CA GLN F 54 15.48 20.56 -31.70
C GLN F 54 15.35 21.29 -33.03
N SER F 55 16.33 22.14 -33.30
CA SER F 55 16.38 22.89 -34.55
C SER F 55 16.45 21.94 -35.75
N GLN F 56 15.84 22.39 -36.85
CA GLN F 56 15.97 21.69 -38.12
C GLN F 56 17.43 21.63 -38.58
N HIS F 57 18.16 22.75 -38.43
CA HIS F 57 19.57 22.75 -38.80
C HIS F 57 20.41 21.88 -37.87
N MET F 58 20.06 21.80 -36.59
CA MET F 58 20.71 20.82 -35.71
C MET F 58 20.42 19.41 -36.17
N THR F 59 19.18 19.14 -36.60
CA THR F 59 18.84 17.82 -37.13
C THR F 59 19.62 17.51 -38.40
N GLU F 60 19.75 18.49 -39.29
CA GLU F 60 20.55 18.30 -40.51
C GLU F 60 22.00 18.00 -40.18
N VAL F 61 22.59 18.79 -39.26
CA VAL F 61 23.97 18.55 -38.86
C VAL F 61 24.13 17.17 -38.22
N LEU F 62 23.20 16.79 -37.34
CA LEU F 62 23.24 15.45 -36.75
C LEU F 62 23.03 14.35 -37.78
N TYR F 63 22.24 14.63 -38.82
CA TYR F 63 22.13 13.68 -39.93
C TYR F 63 23.47 13.45 -40.61
N TRP F 64 24.16 14.54 -40.99
CA TRP F 64 25.47 14.40 -41.61
C TRP F 64 26.47 13.69 -40.68
N ILE F 65 26.45 14.02 -39.39
CA ILE F 65 27.37 13.38 -38.46
C ILE F 65 27.09 11.89 -38.36
N ASN F 66 25.82 11.51 -38.26
CA ASN F 66 25.46 10.10 -38.20
C ASN F 66 25.74 9.38 -39.52
N VAL F 67 25.64 10.09 -40.65
CA VAL F 67 26.08 9.53 -41.93
C VAL F 67 27.58 9.29 -41.93
N VAL F 68 28.36 10.21 -41.39
CA VAL F 68 29.80 10.01 -41.27
C VAL F 68 30.11 8.77 -40.45
N PHE F 69 29.44 8.59 -39.32
CA PHE F 69 29.64 7.39 -38.51
C PHE F 69 29.31 6.11 -39.27
N ILE F 70 28.18 6.08 -39.98
CA ILE F 70 27.77 4.83 -40.61
C ILE F 70 28.70 4.43 -41.75
N ILE F 71 29.22 5.39 -42.50
CA ILE F 71 30.23 5.04 -43.51
C ILE F 71 31.55 4.66 -42.86
N LEU F 72 31.89 5.30 -41.74
CA LEU F 72 33.15 5.02 -41.06
C LEU F 72 33.15 3.63 -40.42
N PHE F 73 32.04 3.24 -39.79
CA PHE F 73 31.90 1.85 -39.33
C PHE F 73 31.74 0.87 -40.48
N THR F 74 31.23 1.31 -41.62
CA THR F 74 31.13 0.41 -42.78
C THR F 74 32.50 0.00 -43.31
N ILE F 75 33.42 0.95 -43.45
CA ILE F 75 34.77 0.59 -43.88
C ILE F 75 35.51 -0.23 -42.83
N GLU F 76 35.21 -0.01 -41.55
CA GLU F 76 35.75 -0.88 -40.50
C GLU F 76 35.32 -2.34 -40.69
N ILE F 77 34.03 -2.55 -40.93
CA ILE F 77 33.52 -3.90 -41.19
C ILE F 77 34.18 -4.50 -42.42
N ILE F 78 34.27 -3.73 -43.50
CA ILE F 78 34.90 -4.22 -44.72
C ILE F 78 36.37 -4.55 -44.49
N LEU F 79 37.08 -3.70 -43.74
CA LEU F 79 38.46 -4.03 -43.39
C LEU F 79 38.55 -5.33 -42.60
N ARG F 80 37.73 -5.48 -41.56
CA ARG F 80 37.75 -6.69 -40.76
C ARG F 80 37.40 -7.92 -41.60
N ILE F 81 36.43 -7.79 -42.50
CA ILE F 81 36.14 -8.88 -43.43
C ILE F 81 37.33 -9.15 -44.34
N TYR F 82 37.99 -8.10 -44.82
CA TYR F 82 39.12 -8.29 -45.73
C TYR F 82 40.29 -9.01 -45.06
N VAL F 83 40.50 -8.80 -43.76
CA VAL F 83 41.56 -9.54 -43.08
C VAL F 83 41.09 -10.92 -42.66
N HIS F 84 39.96 -11.00 -41.94
CA HIS F 84 39.55 -12.26 -41.34
C HIS F 84 38.79 -13.17 -42.30
N ARG F 85 38.16 -12.62 -43.33
CA ARG F 85 37.55 -13.39 -44.42
C ARG F 85 36.61 -14.49 -43.92
N ILE F 86 36.92 -15.74 -44.27
CA ILE F 86 36.07 -16.87 -43.94
C ILE F 86 35.87 -17.01 -42.43
N SER F 87 36.83 -16.53 -41.63
CA SER F 87 36.70 -16.62 -40.19
C SER F 87 35.86 -15.49 -39.60
N PHE F 88 35.70 -14.38 -40.31
CA PHE F 88 34.89 -13.28 -39.83
C PHE F 88 33.46 -13.74 -39.56
N PHE F 89 32.87 -14.49 -40.49
CA PHE F 89 31.50 -14.95 -40.36
C PHE F 89 31.38 -16.19 -39.48
N LYS F 90 32.27 -16.31 -38.50
CA LYS F 90 32.25 -17.42 -37.54
C LYS F 90 32.55 -16.98 -36.12
N ASP F 91 33.35 -15.95 -35.90
CA ASP F 91 33.40 -15.25 -34.63
C ASP F 91 32.03 -14.62 -34.36
N PRO F 92 31.33 -15.00 -33.28
CA PRO F 92 30.03 -14.37 -33.00
C PRO F 92 30.11 -12.87 -32.77
N TRP F 93 31.26 -12.37 -32.32
CA TRP F 93 31.40 -10.93 -32.07
C TRP F 93 31.43 -10.15 -33.37
N SER F 94 32.29 -10.57 -34.31
CA SER F 94 32.31 -9.96 -35.64
C SER F 94 30.99 -10.12 -36.36
N LEU F 95 30.33 -11.28 -36.18
CA LEU F 95 29.03 -11.50 -36.80
C LEU F 95 27.97 -10.53 -36.26
N PHE F 96 28.01 -10.25 -34.96
CA PHE F 96 27.10 -9.26 -34.39
C PHE F 96 27.35 -7.86 -34.93
N ASP F 97 28.63 -7.43 -34.97
CA ASP F 97 28.96 -6.11 -35.48
C ASP F 97 28.51 -5.94 -36.94
N PHE F 98 28.64 -7.00 -37.75
CA PHE F 98 28.16 -6.95 -39.12
C PHE F 98 26.65 -6.73 -39.18
N VAL F 99 25.89 -7.51 -38.42
CA VAL F 99 24.44 -7.35 -38.38
C VAL F 99 24.04 -5.94 -37.97
N VAL F 100 24.72 -5.37 -36.97
CA VAL F 100 24.36 -4.04 -36.50
C VAL F 100 24.63 -2.98 -37.56
N VAL F 101 25.71 -3.11 -38.33
CA VAL F 101 25.96 -2.18 -39.42
C VAL F 101 24.89 -2.31 -40.50
N ILE F 102 24.51 -3.53 -40.86
CA ILE F 102 23.46 -3.74 -41.85
C ILE F 102 22.14 -3.12 -41.37
N ILE F 103 21.74 -3.40 -40.14
CA ILE F 103 20.52 -2.81 -39.58
C ILE F 103 20.60 -1.29 -39.55
N SER F 104 21.78 -0.75 -39.25
CA SER F 104 21.92 0.71 -39.17
C SER F 104 21.93 1.37 -40.54
N ILE F 105 22.29 0.65 -41.60
CA ILE F 105 22.06 1.16 -42.95
C ILE F 105 20.57 1.20 -43.27
N VAL F 106 19.87 0.10 -42.99
CA VAL F 106 18.42 0.04 -43.18
C VAL F 106 17.72 1.13 -42.38
N GLY F 107 18.09 1.29 -41.12
CA GLY F 107 17.51 2.30 -40.26
C GLY F 107 17.75 3.75 -40.62
N MET F 108 18.42 4.02 -41.73
CA MET F 108 18.64 5.41 -42.12
C MET F 108 18.44 5.69 -43.60
N PHE F 109 18.32 4.67 -44.46
CA PHE F 109 18.12 4.90 -45.87
C PHE F 109 17.03 4.04 -46.48
N LEU F 110 16.35 3.21 -45.68
CA LEU F 110 15.22 2.42 -46.18
C LEU F 110 14.06 2.33 -45.21
N ALA F 111 14.22 2.75 -43.95
CA ALA F 111 13.11 2.74 -43.01
C ALA F 111 11.95 3.60 -43.48
N ASP F 112 12.25 4.75 -44.09
CA ASP F 112 11.21 5.53 -44.74
C ASP F 112 10.54 4.76 -45.86
N LEU F 113 11.34 4.15 -46.74
CA LEU F 113 10.79 3.34 -47.82
C LEU F 113 10.02 2.12 -47.30
N ILE F 114 10.34 1.65 -46.10
CA ILE F 114 9.55 0.59 -45.47
C ILE F 114 8.25 1.16 -44.89
N GLU F 115 8.38 2.14 -43.99
CA GLU F 115 7.23 2.67 -43.28
C GLU F 115 6.23 3.37 -44.21
N THR F 116 6.70 3.86 -45.37
CA THR F 116 5.77 4.47 -46.30
C THR F 116 4.89 3.46 -47.02
N TYR F 117 5.17 2.16 -46.89
CA TYR F 117 4.33 1.14 -47.51
C TYR F 117 3.81 0.13 -46.50
N PHE F 118 4.69 -0.50 -45.72
CA PHE F 118 4.29 -1.36 -44.61
C PHE F 118 4.08 -0.53 -43.34
N VAL F 119 3.18 0.45 -43.45
CA VAL F 119 2.95 1.38 -42.35
C VAL F 119 2.36 0.62 -41.15
N SER F 120 3.00 0.78 -40.00
CA SER F 120 2.54 0.13 -38.77
C SER F 120 3.04 0.92 -37.58
N PRO F 121 2.21 1.17 -36.57
CA PRO F 121 2.70 1.84 -35.35
C PRO F 121 3.67 1.01 -34.53
N THR F 122 3.97 -0.22 -34.93
CA THR F 122 5.06 -0.96 -34.30
C THR F 122 6.43 -0.50 -34.77
N LEU F 123 6.56 -0.09 -36.03
CA LEU F 123 7.88 0.20 -36.58
C LEU F 123 8.48 1.45 -35.95
N PHE F 124 7.65 2.45 -35.65
CA PHE F 124 8.09 3.59 -34.85
C PHE F 124 8.65 3.16 -33.50
N ARG F 125 8.31 1.95 -33.04
CA ARG F 125 8.88 1.37 -31.83
C ARG F 125 9.90 0.27 -32.10
N VAL F 126 9.80 -0.42 -33.23
CA VAL F 126 10.72 -1.52 -33.51
C VAL F 126 12.05 -1.01 -34.06
N ILE F 127 12.02 0.03 -34.91
CA ILE F 127 13.23 0.54 -35.52
C ILE F 127 14.17 1.18 -34.50
N ARG F 128 13.72 1.39 -33.26
CA ARG F 128 14.63 1.67 -32.15
C ARG F 128 15.78 0.68 -32.08
N LEU F 129 15.56 -0.55 -32.58
CA LEU F 129 16.59 -1.58 -32.52
C LEU F 129 17.90 -1.14 -33.15
N ALA F 130 17.84 -0.29 -34.17
CA ALA F 130 19.08 0.24 -34.75
C ALA F 130 19.86 1.08 -33.75
N ARG F 131 19.17 1.76 -32.85
CA ARG F 131 19.86 2.47 -31.77
C ARG F 131 20.43 1.50 -30.75
N ILE F 132 19.58 0.60 -30.25
CA ILE F 132 20.00 -0.34 -29.21
C ILE F 132 21.18 -1.19 -29.66
N GLY F 133 21.17 -1.62 -30.92
CA GLY F 133 22.28 -2.41 -31.44
C GLY F 133 23.60 -1.67 -31.41
N ARG F 134 23.59 -0.38 -31.71
CA ARG F 134 24.83 0.40 -31.68
C ARG F 134 25.32 0.67 -30.26
N ILE F 135 24.44 0.61 -29.26
CA ILE F 135 24.90 0.61 -27.88
C ILE F 135 25.67 -0.67 -27.55
N LEU F 136 25.11 -1.82 -27.98
CA LEU F 136 25.73 -3.11 -27.69
C LEU F 136 27.11 -3.28 -28.30
N ARG F 137 27.43 -2.54 -29.37
CA ARG F 137 28.80 -2.57 -29.88
C ARG F 137 29.83 -2.13 -28.85
N LEU F 138 29.43 -1.38 -27.83
CA LEU F 138 30.36 -1.01 -26.77
C LEU F 138 30.77 -2.21 -25.92
N VAL F 139 30.00 -3.29 -25.93
CA VAL F 139 30.48 -4.57 -25.41
C VAL F 139 31.42 -5.23 -26.41
N THR F 140 31.00 -5.32 -27.66
CA THR F 140 31.72 -6.13 -28.65
C THR F 140 33.11 -5.58 -28.93
N ALA F 141 33.28 -4.25 -28.89
CA ALA F 141 34.58 -3.67 -29.21
C ALA F 141 35.56 -3.75 -28.04
N VAL F 142 35.08 -3.58 -26.82
CA VAL F 142 35.99 -3.51 -25.67
C VAL F 142 36.41 -4.91 -25.25
N PRO F 143 37.71 -5.22 -25.29
CA PRO F 143 38.16 -6.59 -24.94
C PRO F 143 37.76 -7.04 -23.55
N GLN F 144 37.80 -6.13 -22.57
CA GLN F 144 37.39 -6.48 -21.22
C GLN F 144 35.90 -6.82 -21.14
N MET F 145 35.10 -6.26 -22.03
CA MET F 145 33.67 -6.51 -22.02
C MET F 145 33.32 -7.82 -22.71
N ARG F 146 33.98 -8.12 -23.83
CA ARG F 146 33.87 -9.47 -24.40
C ARG F 146 34.26 -10.54 -23.39
N LYS F 147 35.30 -10.29 -22.60
CA LYS F 147 35.74 -11.26 -21.60
C LYS F 147 34.66 -11.52 -20.55
N ILE F 148 34.12 -10.44 -19.96
CA ILE F 148 33.11 -10.62 -18.91
C ILE F 148 31.82 -11.22 -19.46
N VAL F 149 31.43 -10.85 -20.67
CA VAL F 149 30.19 -11.38 -21.24
C VAL F 149 30.31 -12.86 -21.58
N SER F 150 31.45 -13.26 -22.15
CA SER F 150 31.67 -14.69 -22.42
C SER F 150 31.79 -15.49 -21.13
N ALA F 151 32.35 -14.90 -20.07
CA ALA F 151 32.35 -15.57 -18.76
C ALA F 151 30.93 -15.78 -18.25
N LEU F 152 30.10 -14.73 -18.31
CA LEU F 152 28.70 -14.86 -17.90
C LEU F 152 27.94 -15.89 -18.73
N ILE F 153 28.13 -15.87 -20.05
CA ILE F 153 27.45 -16.84 -20.92
C ILE F 153 27.88 -18.27 -20.62
N SER F 154 29.17 -18.47 -20.32
CA SER F 154 29.67 -19.80 -20.03
C SER F 154 29.06 -20.40 -18.76
N VAL F 155 28.53 -19.57 -17.87
CA VAL F 155 27.87 -20.09 -16.67
C VAL F 155 26.50 -20.67 -17.02
N ILE F 156 25.87 -20.20 -18.10
CA ILE F 156 24.48 -20.58 -18.38
C ILE F 156 24.31 -22.07 -18.62
N PRO F 157 25.15 -22.77 -19.39
CA PRO F 157 24.93 -24.22 -19.57
C PRO F 157 24.87 -25.02 -18.28
N GLY F 158 25.67 -24.65 -17.27
CA GLY F 158 25.62 -25.36 -16.01
C GLY F 158 24.34 -25.17 -15.23
N MET F 159 23.61 -24.09 -15.49
CA MET F 159 22.35 -23.82 -14.80
C MET F 159 21.15 -24.52 -15.42
N LEU F 160 21.27 -25.07 -16.62
CA LEU F 160 20.09 -25.44 -17.39
C LEU F 160 19.28 -26.53 -16.69
N SER F 161 19.94 -27.49 -16.04
CA SER F 161 19.21 -28.54 -15.35
C SER F 161 18.46 -28.03 -14.13
N VAL F 162 19.06 -27.10 -13.37
CA VAL F 162 18.35 -26.56 -12.21
C VAL F 162 17.30 -25.52 -12.62
N ILE F 163 17.52 -24.81 -13.72
CA ILE F 163 16.47 -23.93 -14.26
C ILE F 163 15.30 -24.74 -14.78
N ALA F 164 15.57 -25.86 -15.45
CA ALA F 164 14.49 -26.74 -15.89
C ALA F 164 13.71 -27.30 -14.71
N LEU F 165 14.42 -27.67 -13.63
CA LEU F 165 13.74 -28.15 -12.43
C LEU F 165 12.84 -27.08 -11.83
N MET F 166 13.37 -25.86 -11.67
CA MET F 166 12.56 -24.76 -11.14
C MET F 166 11.35 -24.48 -12.02
N THR F 167 11.51 -24.53 -13.34
CA THR F 167 10.38 -24.29 -14.24
C THR F 167 9.31 -25.36 -14.08
N LEU F 168 9.72 -26.62 -13.89
CA LEU F 168 8.76 -27.69 -13.70
C LEU F 168 8.02 -27.56 -12.36
N PHE F 169 8.74 -27.20 -11.30
CA PHE F 169 8.07 -26.92 -10.02
C PHE F 169 7.09 -25.76 -10.15
N PHE F 170 7.49 -24.69 -10.83
CA PHE F 170 6.58 -23.58 -11.08
C PHE F 170 5.32 -24.02 -11.81
N TYR F 171 5.48 -24.85 -12.83
CA TYR F 171 4.33 -25.36 -13.58
C TYR F 171 3.40 -26.18 -12.70
N ILE F 172 3.95 -27.05 -11.85
CA ILE F 172 3.14 -27.84 -10.94
C ILE F 172 2.35 -26.95 -9.97
N PHE F 173 3.04 -26.00 -9.35
CA PHE F 173 2.34 -25.09 -8.44
C PHE F 173 1.35 -24.18 -9.18
N ALA F 174 1.65 -23.79 -10.42
CA ALA F 174 0.72 -22.95 -11.16
C ALA F 174 -0.56 -23.70 -11.49
N ILE F 175 -0.46 -24.99 -11.81
CA ILE F 175 -1.66 -25.81 -11.98
C ILE F 175 -2.49 -25.83 -10.70
N MET F 176 -1.83 -26.13 -9.57
CA MET F 176 -2.54 -26.24 -8.31
C MET F 176 -3.12 -24.90 -7.86
N ALA F 177 -2.34 -23.84 -7.96
CA ALA F 177 -2.81 -22.52 -7.51
C ALA F 177 -3.99 -22.02 -8.34
N THR F 178 -3.99 -22.30 -9.64
CA THR F 178 -5.15 -21.98 -10.46
C THR F 178 -6.38 -22.75 -10.01
N GLN F 179 -6.24 -24.05 -9.76
CA GLN F 179 -7.37 -24.85 -9.33
C GLN F 179 -7.84 -24.52 -7.91
N LEU F 180 -6.92 -24.16 -7.02
CA LEU F 180 -7.30 -23.88 -5.64
C LEU F 180 -7.90 -22.48 -5.48
N PHE F 181 -7.23 -21.46 -6.00
CA PHE F 181 -7.59 -20.09 -5.70
C PHE F 181 -8.17 -19.32 -6.88
N GLY F 182 -7.99 -19.79 -8.11
CA GLY F 182 -8.41 -19.04 -9.28
C GLY F 182 -9.90 -18.85 -9.42
N GLU F 183 -10.70 -19.69 -8.77
CA GLU F 183 -12.15 -19.51 -8.82
C GLU F 183 -12.59 -18.20 -8.20
N ARG F 184 -11.91 -17.75 -7.14
CA ARG F 184 -12.33 -16.55 -6.43
C ARG F 184 -11.35 -15.40 -6.51
N PHE F 185 -10.10 -15.65 -6.87
CA PHE F 185 -9.11 -14.61 -7.07
C PHE F 185 -8.59 -14.68 -8.51
N PRO F 186 -9.46 -14.44 -9.50
CA PRO F 186 -9.06 -14.64 -10.90
C PRO F 186 -7.97 -13.69 -11.35
N GLU F 187 -7.92 -12.47 -10.80
CA GLU F 187 -6.86 -11.53 -11.13
C GLU F 187 -5.47 -12.02 -10.74
N TRP F 188 -5.40 -13.05 -9.89
CA TRP F 188 -4.13 -13.60 -9.44
C TRP F 188 -3.88 -15.02 -9.90
N PHE F 189 -4.94 -15.83 -10.04
CA PHE F 189 -4.78 -17.25 -10.28
C PHE F 189 -5.77 -17.77 -11.32
N GLY F 190 -6.56 -16.91 -11.95
CA GLY F 190 -7.66 -17.37 -12.77
C GLY F 190 -7.26 -18.16 -14.00
N THR F 191 -6.04 -17.98 -14.48
CA THR F 191 -5.51 -18.81 -15.56
C THR F 191 -4.09 -19.23 -15.22
N LEU F 192 -3.61 -20.23 -15.95
CA LEU F 192 -2.25 -20.71 -15.74
C LEU F 192 -1.22 -19.61 -15.90
N GLY F 193 -1.46 -18.66 -16.82
CA GLY F 193 -0.53 -17.55 -16.97
C GLY F 193 -0.61 -16.52 -15.87
N GLU F 194 -1.81 -16.27 -15.34
CA GLU F 194 -1.95 -15.47 -14.13
C GLU F 194 -1.18 -16.10 -12.98
N SER F 195 -1.35 -17.42 -12.81
CA SER F 195 -0.75 -18.12 -11.68
C SER F 195 0.77 -18.16 -11.80
N PHE F 196 1.29 -18.40 -13.00
CA PHE F 196 2.73 -18.32 -13.22
C PHE F 196 3.28 -16.95 -12.82
N TYR F 197 2.60 -15.88 -13.21
CA TYR F 197 3.07 -14.54 -12.87
C TYR F 197 3.01 -14.30 -11.36
N THR F 198 1.91 -14.69 -10.72
CA THR F 198 1.79 -14.46 -9.28
C THR F 198 2.78 -15.30 -8.47
N LEU F 199 3.03 -16.54 -8.90
CA LEU F 199 4.05 -17.34 -8.23
C LEU F 199 5.44 -16.78 -8.42
N PHE F 200 5.72 -16.16 -9.56
CA PHE F 200 7.01 -15.50 -9.75
C PHE F 200 7.14 -14.29 -8.83
N GLN F 201 6.07 -13.51 -8.68
CA GLN F 201 6.06 -12.45 -7.67
C GLN F 201 6.33 -12.99 -6.28
N VAL F 202 5.66 -14.08 -5.91
CA VAL F 202 5.88 -14.69 -4.60
C VAL F 202 7.32 -15.17 -4.45
N MET F 203 7.89 -15.74 -5.50
CA MET F 203 9.29 -16.16 -5.43
C MET F 203 10.22 -14.99 -5.16
N THR F 204 9.96 -13.84 -5.79
CA THR F 204 10.72 -12.63 -5.48
C THR F 204 10.39 -12.05 -4.12
N LEU F 205 9.46 -12.66 -3.38
CA LEU F 205 9.01 -12.20 -2.07
C LEU F 205 8.36 -10.82 -2.10
N GLU F 206 7.98 -10.34 -3.29
CA GLU F 206 7.47 -8.98 -3.42
C GLU F 206 6.00 -8.94 -3.02
N SER F 207 5.70 -8.24 -1.93
CA SER F 207 4.35 -8.14 -1.39
C SER F 207 3.69 -9.50 -1.19
N TRP F 208 4.49 -10.55 -0.99
CA TRP F 208 3.96 -11.90 -1.04
C TRP F 208 2.92 -12.14 0.05
N SER F 209 3.13 -11.57 1.25
CA SER F 209 2.18 -11.79 2.35
C SER F 209 1.09 -10.74 2.40
N MET F 210 1.47 -9.46 2.50
CA MET F 210 0.46 -8.41 2.64
C MET F 210 -0.36 -8.25 1.38
N GLY F 211 0.22 -8.54 0.21
CA GLY F 211 -0.46 -8.31 -1.05
C GLY F 211 -1.19 -9.52 -1.59
N ILE F 212 -0.71 -10.71 -1.31
CA ILE F 212 -1.32 -11.92 -1.86
C ILE F 212 -1.90 -12.82 -0.77
N VAL F 213 -1.06 -13.30 0.14
CA VAL F 213 -1.46 -14.44 0.96
C VAL F 213 -2.39 -14.04 2.11
N ARG F 214 -2.16 -12.89 2.73
CA ARG F 214 -3.14 -12.42 3.71
C ARG F 214 -4.51 -12.16 3.11
N PRO F 215 -4.65 -11.51 1.95
CA PRO F 215 -5.96 -11.48 1.31
C PRO F 215 -6.53 -12.85 1.00
N LEU F 216 -5.70 -13.78 0.51
CA LEU F 216 -6.15 -15.15 0.31
C LEU F 216 -6.67 -15.80 1.59
N MET F 217 -5.97 -15.58 2.72
CA MET F 217 -6.40 -16.20 3.96
C MET F 217 -7.63 -15.56 4.56
N GLU F 218 -8.06 -14.40 4.06
CA GLU F 218 -9.41 -13.93 4.36
C GLU F 218 -10.47 -14.93 3.93
N VAL F 219 -10.17 -15.72 2.89
CA VAL F 219 -11.12 -16.64 2.29
C VAL F 219 -10.69 -18.08 2.48
N TYR F 220 -9.38 -18.34 2.42
CA TYR F 220 -8.82 -19.68 2.40
C TYR F 220 -7.82 -19.73 3.56
N PRO F 221 -8.28 -20.01 4.77
CA PRO F 221 -7.41 -19.83 5.95
C PRO F 221 -6.10 -20.59 5.88
N TYR F 222 -6.10 -21.78 5.29
CA TYR F 222 -4.90 -22.59 5.16
C TYR F 222 -4.09 -22.29 3.92
N ALA F 223 -4.35 -21.16 3.24
CA ALA F 223 -3.56 -20.81 2.06
C ALA F 223 -2.07 -20.70 2.38
N TRP F 224 -1.72 -20.39 3.63
CA TRP F 224 -0.33 -20.40 4.05
C TRP F 224 0.33 -21.76 3.85
N VAL F 225 -0.45 -22.84 3.93
CA VAL F 225 0.10 -24.18 3.73
C VAL F 225 0.53 -24.40 2.29
N PHE F 226 0.02 -23.60 1.35
CA PHE F 226 0.50 -23.64 -0.02
C PHE F 226 1.75 -22.79 -0.22
N PHE F 227 1.69 -21.51 0.14
CA PHE F 227 2.70 -20.56 -0.28
C PHE F 227 3.99 -20.61 0.53
N ILE F 228 3.92 -20.95 1.81
CA ILE F 228 5.13 -21.01 2.63
C ILE F 228 6.00 -22.19 2.23
N PRO F 229 5.45 -23.40 2.03
CA PRO F 229 6.27 -24.46 1.41
C PRO F 229 6.79 -24.12 0.03
N PHE F 230 6.01 -23.40 -0.78
CA PHE F 230 6.50 -22.91 -2.07
C PHE F 230 7.72 -22.04 -1.90
N ILE F 231 7.68 -21.09 -0.97
CA ILE F 231 8.82 -20.19 -0.73
C ILE F 231 10.05 -20.99 -0.33
N PHE F 232 9.91 -21.96 0.57
CA PHE F 232 11.04 -22.80 0.95
C PHE F 232 11.63 -23.54 -0.25
N VAL F 233 10.78 -24.12 -1.09
CA VAL F 233 11.28 -24.88 -2.24
C VAL F 233 12.05 -23.97 -3.20
N VAL F 234 11.45 -22.85 -3.61
CA VAL F 234 12.11 -22.00 -4.60
C VAL F 234 13.34 -21.30 -4.02
N THR F 235 13.30 -20.92 -2.75
CA THR F 235 14.50 -20.36 -2.11
C THR F 235 15.62 -21.40 -2.04
N PHE F 236 15.30 -22.64 -1.68
CA PHE F 236 16.31 -23.69 -1.61
C PHE F 236 16.91 -23.98 -2.97
N VAL F 237 16.09 -24.02 -4.02
CA VAL F 237 16.61 -24.23 -5.37
C VAL F 237 17.44 -23.04 -5.83
N MET F 238 17.02 -21.82 -5.52
CA MET F 238 17.82 -20.65 -5.84
C MET F 238 19.17 -20.65 -5.12
N ILE F 239 19.18 -21.02 -3.85
CA ILE F 239 20.44 -21.12 -3.11
C ILE F 239 21.38 -22.11 -3.79
N ASN F 240 20.89 -23.31 -4.08
CA ASN F 240 21.74 -24.33 -4.70
C ASN F 240 22.15 -23.97 -6.10
N LEU F 241 21.33 -23.20 -6.83
CA LEU F 241 21.77 -22.67 -8.11
C LEU F 241 22.99 -21.77 -7.96
N VAL F 242 22.96 -20.86 -6.98
CA VAL F 242 24.08 -19.95 -6.77
C VAL F 242 25.30 -20.71 -6.24
N VAL F 243 25.10 -21.64 -5.32
CA VAL F 243 26.21 -22.45 -4.81
C VAL F 243 26.87 -23.23 -5.93
N ALA F 244 26.08 -23.77 -6.86
CA ALA F 244 26.65 -24.48 -7.99
C ALA F 244 27.57 -23.59 -8.82
N ILE F 245 27.17 -22.34 -9.05
CA ILE F 245 28.03 -21.41 -9.79
C ILE F 245 29.31 -21.12 -9.02
N ILE F 246 29.22 -20.99 -7.70
CA ILE F 246 30.42 -20.77 -6.89
C ILE F 246 31.38 -21.95 -6.99
N VAL F 247 30.88 -23.16 -6.75
CA VAL F 247 31.78 -24.31 -6.69
C VAL F 247 32.27 -24.72 -8.08
N ASP F 248 31.53 -24.41 -9.13
CA ASP F 248 32.04 -24.59 -10.48
C ASP F 248 33.24 -23.70 -10.75
N ALA F 249 33.11 -22.40 -10.47
CA ALA F 249 34.22 -21.48 -10.63
C ALA F 249 35.41 -21.85 -9.75
N MET F 250 35.15 -22.31 -8.53
CA MET F 250 36.23 -22.78 -7.67
C MET F 250 36.87 -24.06 -8.22
N ALA F 251 36.09 -24.95 -8.81
CA ALA F 251 36.66 -26.13 -9.45
C ALA F 251 37.60 -25.75 -10.58
N ILE F 252 37.26 -24.71 -11.34
CA ILE F 252 38.15 -24.23 -12.40
C ILE F 252 39.47 -23.73 -11.83
N LEU F 253 39.43 -23.10 -10.65
CA LEU F 253 40.65 -22.69 -9.98
C LEU F 253 41.43 -23.89 -9.46
N ASN F 254 40.81 -24.67 -8.57
CA ASN F 254 41.51 -25.77 -7.91
C ASN F 254 42.13 -26.75 -8.90
N GLN F 255 41.48 -26.98 -10.04
CA GLN F 255 42.08 -27.83 -11.07
C GLN F 255 43.45 -27.32 -11.52
N LYS F 256 43.66 -26.00 -11.50
CA LYS F 256 44.96 -25.46 -11.90
C LYS F 256 45.99 -25.60 -10.79
N GLU F 257 45.64 -25.20 -9.57
CA GLU F 257 46.50 -25.44 -8.42
C GLU F 257 46.93 -26.90 -8.33
N GLU F 258 45.99 -27.82 -8.49
CA GLU F 258 46.30 -29.25 -8.50
C GLU F 258 47.38 -29.60 -9.51
N GLN F 259 47.16 -29.27 -10.79
CA GLN F 259 48.11 -29.67 -11.82
C GLN F 259 49.47 -29.02 -11.63
N HIS F 260 49.51 -27.75 -11.21
CA HIS F 260 50.80 -27.10 -10.97
C HIS F 260 51.61 -27.80 -9.90
N ILE F 261 50.94 -28.36 -8.88
CA ILE F 261 51.63 -29.15 -7.88
C ILE F 261 52.11 -30.47 -8.48
N ILE F 262 51.28 -31.12 -9.29
CA ILE F 262 51.69 -32.36 -9.95
C ILE F 262 52.86 -32.11 -10.89
N ASP F 263 52.78 -31.04 -11.69
CA ASP F 263 53.88 -30.70 -12.58
C ASP F 263 55.20 -30.53 -11.83
N GLU F 264 55.16 -29.87 -10.67
CA GLU F 264 56.37 -29.75 -9.86
C GLU F 264 56.75 -31.07 -9.18
N VAL F 265 55.78 -31.90 -8.85
CA VAL F 265 56.09 -33.26 -8.41
C VAL F 265 56.78 -34.04 -9.51
N GLN F 266 56.34 -33.85 -10.77
CA GLN F 266 56.97 -34.54 -11.88
C GLN F 266 58.30 -33.90 -12.29
N SER F 267 58.44 -32.59 -12.08
CA SER F 267 59.76 -31.98 -12.14
C SER F 267 60.71 -32.62 -11.13
N HIS F 268 60.27 -32.74 -9.88
CA HIS F 268 61.08 -33.39 -8.85
C HIS F 268 61.33 -34.85 -9.19
N GLU F 269 60.34 -35.52 -9.78
CA GLU F 269 60.55 -36.86 -10.32
C GLU F 269 61.71 -36.88 -11.32
N ASP F 270 61.71 -35.93 -12.26
CA ASP F 270 62.80 -35.84 -13.23
C ASP F 270 64.14 -35.58 -12.55
N ASN F 271 64.20 -34.53 -11.73
CA ASN F 271 65.45 -34.10 -11.11
C ASN F 271 66.14 -35.23 -10.33
N ILE F 272 65.36 -36.08 -9.67
CA ILE F 272 65.93 -37.13 -8.83
C ILE F 272 66.19 -38.41 -9.63
N ASN F 273 65.21 -38.87 -10.41
CA ASN F 273 65.35 -40.18 -11.03
C ASN F 273 66.39 -40.18 -12.15
N ASN F 274 66.56 -39.06 -12.86
CA ASN F 274 67.68 -38.94 -13.79
C ASN F 274 69.04 -38.98 -13.09
N GLU F 275 69.08 -38.78 -11.79
CA GLU F 275 70.30 -38.98 -11.01
C GLU F 275 70.42 -40.38 -10.44
N ILE F 276 69.29 -40.99 -10.06
CA ILE F 276 69.30 -42.40 -9.66
C ILE F 276 69.71 -43.32 -10.79
N ILE F 277 69.55 -42.89 -12.04
CA ILE F 277 70.18 -43.57 -13.16
C ILE F 277 71.70 -43.49 -13.03
N LYS F 278 72.23 -42.26 -12.97
CA LYS F 278 73.67 -42.07 -12.91
C LYS F 278 74.29 -42.82 -11.73
N LEU F 279 73.63 -42.81 -10.58
CA LEU F 279 74.19 -43.40 -9.37
C LEU F 279 74.47 -44.89 -9.47
N ARG F 280 74.07 -45.56 -10.55
CA ARG F 280 74.50 -46.93 -10.79
C ARG F 280 75.61 -47.06 -11.83
N GLU F 281 75.57 -46.26 -12.91
CA GLU F 281 76.68 -46.26 -13.84
C GLU F 281 77.92 -45.62 -13.23
N GLU F 282 77.74 -44.70 -12.28
CA GLU F 282 78.85 -44.20 -11.49
C GLU F 282 79.50 -45.27 -10.61
N ILE F 283 78.85 -46.43 -10.44
CA ILE F 283 79.49 -47.54 -9.72
C ILE F 283 80.36 -48.39 -10.64
N VAL F 284 80.22 -48.24 -11.96
CA VAL F 284 80.95 -49.10 -12.89
C VAL F 284 82.45 -48.82 -12.82
N GLU F 285 82.83 -47.61 -12.43
CA GLU F 285 84.23 -47.31 -12.13
C GLU F 285 84.67 -47.96 -10.82
N GLU G 1 -13.81 13.99 4.21
CA GLU G 1 -13.95 13.81 5.65
C GLU G 1 -14.08 12.33 5.99
N VAL G 2 -13.49 11.94 7.12
CA VAL G 2 -13.89 10.71 7.80
C VAL G 2 -15.29 10.88 8.36
N GLN G 3 -16.17 9.95 8.03
CA GLN G 3 -17.56 10.03 8.47
C GLN G 3 -18.08 8.64 8.80
N LEU G 4 -18.92 8.56 9.82
CA LEU G 4 -19.61 7.34 10.20
C LEU G 4 -21.08 7.68 10.38
N VAL G 5 -21.97 6.86 9.80
CA VAL G 5 -23.40 7.03 9.99
C VAL G 5 -24.02 5.71 10.41
N GLU G 6 -24.64 5.68 11.58
CA GLU G 6 -25.34 4.52 12.08
C GLU G 6 -26.78 4.51 11.57
N SER G 7 -27.35 3.31 11.50
CA SER G 7 -28.70 3.12 10.96
C SER G 7 -29.26 1.84 11.55
N GLY G 8 -30.57 1.69 11.40
CA GLY G 8 -31.33 0.82 12.29
C GLY G 8 -31.77 1.56 13.52
N GLY G 9 -32.03 0.79 14.58
CA GLY G 9 -32.53 1.40 15.79
C GLY G 9 -34.04 1.54 15.80
N GLY G 10 -34.51 2.36 16.74
CA GLY G 10 -35.92 2.49 17.01
C GLY G 10 -36.44 1.51 18.04
N CYS G 11 -37.76 1.39 18.07
CA CYS G 11 -38.43 0.64 19.11
C CYS G 11 -38.27 -0.86 18.88
N VAL G 12 -38.13 -1.61 19.97
CA VAL G 12 -38.32 -3.06 19.96
C VAL G 12 -39.00 -3.48 21.25
N LYS G 13 -39.62 -4.66 21.20
CA LYS G 13 -40.12 -5.32 22.39
C LYS G 13 -38.97 -5.97 23.16
N PRO G 14 -39.11 -6.14 24.47
CA PRO G 14 -38.15 -6.97 25.21
C PRO G 14 -38.11 -8.38 24.64
N GLY G 15 -36.93 -9.00 24.72
CA GLY G 15 -36.67 -10.23 24.02
C GLY G 15 -36.51 -10.12 22.53
N GLY G 16 -36.79 -8.95 21.95
CA GLY G 16 -36.70 -8.76 20.52
C GLY G 16 -35.27 -8.79 20.02
N SER G 17 -35.15 -8.58 18.71
CA SER G 17 -33.87 -8.64 18.02
C SER G 17 -33.80 -7.51 17.02
N LEU G 18 -32.60 -6.95 16.85
CA LEU G 18 -32.41 -5.80 15.98
C LEU G 18 -30.98 -5.81 15.49
N LYS G 19 -30.77 -5.31 14.27
CA LYS G 19 -29.45 -5.18 13.69
C LYS G 19 -29.16 -3.71 13.39
N LEU G 20 -28.13 -3.17 14.02
CA LEU G 20 -27.61 -1.86 13.69
C LEU G 20 -26.60 -1.96 12.55
N SER G 21 -26.52 -0.90 11.76
CA SER G 21 -25.58 -0.81 10.64
C SER G 21 -24.87 0.52 10.69
N CYS G 22 -23.57 0.50 10.41
CA CYS G 22 -22.75 1.70 10.36
C CYS G 22 -22.03 1.74 9.02
N ALA G 23 -22.13 2.86 8.33
CA ALA G 23 -21.44 3.06 7.06
C ALA G 23 -20.24 3.97 7.26
N ALA G 24 -19.09 3.55 6.75
CA ALA G 24 -17.85 4.29 6.92
C ALA G 24 -17.46 4.97 5.61
N SER G 25 -16.86 6.15 5.74
CA SER G 25 -16.43 6.92 4.58
C SER G 25 -15.20 7.73 4.95
N GLY G 26 -14.40 8.04 3.93
CA GLY G 26 -13.26 8.93 4.12
C GLY G 26 -12.03 8.31 4.74
N PHE G 27 -12.01 6.99 4.95
CA PHE G 27 -10.82 6.33 5.42
C PHE G 27 -10.83 4.89 4.95
N THR G 28 -9.65 4.26 4.98
CA THR G 28 -9.54 2.85 4.67
C THR G 28 -10.15 2.02 5.80
N PHE G 29 -11.42 1.67 5.64
CA PHE G 29 -12.17 0.97 6.67
C PHE G 29 -11.48 -0.32 7.13
N SER G 30 -10.92 -1.07 6.18
CA SER G 30 -10.24 -2.31 6.50
C SER G 30 -8.92 -2.14 7.25
N ASN G 31 -8.41 -0.93 7.41
CA ASN G 31 -7.23 -0.72 8.24
C ASN G 31 -7.52 -0.54 9.71
N TYR G 32 -8.78 -0.40 10.12
CA TYR G 32 -9.11 0.01 11.47
C TYR G 32 -10.00 -1.01 12.15
N ALA G 33 -9.72 -1.28 13.43
CA ALA G 33 -10.70 -1.87 14.31
C ALA G 33 -11.84 -0.90 14.59
N MET G 34 -13.01 -1.43 14.91
CA MET G 34 -14.19 -0.62 15.12
C MET G 34 -14.87 -1.07 16.40
N SER G 35 -15.50 -0.11 17.09
CA SER G 35 -16.22 -0.40 18.32
C SER G 35 -17.65 0.12 18.23
N TRP G 36 -18.52 -0.48 19.04
CA TRP G 36 -19.82 0.08 19.38
C TRP G 36 -19.81 0.51 20.85
N VAL G 37 -20.30 1.72 21.12
CA VAL G 37 -20.39 2.24 22.48
C VAL G 37 -21.83 2.67 22.75
N ARG G 38 -22.41 2.16 23.83
CA ARG G 38 -23.69 2.67 24.33
C ARG G 38 -23.49 4.02 25.02
N GLN G 39 -24.54 4.85 24.95
CA GLN G 39 -24.79 5.87 25.95
C GLN G 39 -26.20 5.69 26.48
N THR G 40 -26.31 5.29 27.74
CA THR G 40 -27.60 5.05 28.37
C THR G 40 -28.26 6.36 28.75
N PRO G 41 -29.56 6.35 29.08
CA PRO G 41 -30.27 7.63 29.28
C PRO G 41 -29.71 8.50 30.39
N GLU G 42 -29.10 7.92 31.42
CA GLU G 42 -28.38 8.71 32.42
C GLU G 42 -26.98 9.15 31.94
N LYS G 43 -26.74 9.05 30.64
CA LYS G 43 -25.56 9.51 29.92
C LYS G 43 -24.28 8.75 30.27
N ARG G 44 -24.38 7.65 31.02
CA ARG G 44 -23.23 6.77 31.19
C ARG G 44 -22.83 6.15 29.84
N LEU G 45 -21.56 6.28 29.49
CA LEU G 45 -21.02 5.59 28.33
C LEU G 45 -20.62 4.16 28.69
N GLU G 46 -20.91 3.22 27.77
CA GLU G 46 -20.58 1.82 27.97
C GLU G 46 -20.21 1.20 26.63
N TRP G 47 -18.95 0.78 26.49
CA TRP G 47 -18.53 0.03 25.32
C TRP G 47 -19.19 -1.35 25.29
N VAL G 48 -19.70 -1.75 24.13
CA VAL G 48 -20.42 -3.00 24.01
C VAL G 48 -19.80 -3.99 23.03
N ALA G 49 -19.02 -3.56 22.04
CA ALA G 49 -18.38 -4.54 21.17
C ALA G 49 -17.18 -3.92 20.47
N THR G 50 -16.19 -4.75 20.17
CA THR G 50 -15.05 -4.39 19.34
C THR G 50 -14.83 -5.50 18.32
N ILE G 51 -14.42 -5.12 17.11
CA ILE G 51 -14.04 -6.08 16.08
C ILE G 51 -12.69 -5.66 15.51
N SER G 52 -11.82 -6.64 15.28
CA SER G 52 -10.54 -6.38 14.66
C SER G 52 -10.73 -5.91 13.21
N ASN G 53 -9.63 -5.42 12.62
CA ASN G 53 -9.72 -4.78 11.31
C ASN G 53 -10.04 -5.77 10.21
N GLY G 54 -9.60 -7.02 10.34
CA GLY G 54 -10.00 -8.06 9.42
C GLY G 54 -11.26 -8.80 9.80
N GLY G 55 -11.87 -8.47 10.93
CA GLY G 55 -13.07 -9.12 11.38
C GLY G 55 -12.87 -10.44 12.09
N ARG G 56 -11.62 -10.90 12.22
CA ARG G 56 -11.38 -12.25 12.70
C ARG G 56 -11.43 -12.35 14.22
N TYR G 57 -11.34 -11.23 14.93
CA TYR G 57 -11.43 -11.21 16.38
C TYR G 57 -12.52 -10.24 16.80
N THR G 58 -13.30 -10.63 17.79
CA THR G 58 -14.37 -9.81 18.33
C THR G 58 -14.37 -9.89 19.84
N TYR G 59 -14.76 -8.80 20.49
CA TYR G 59 -14.65 -8.66 21.94
C TYR G 59 -15.92 -8.02 22.47
N TYR G 60 -16.35 -8.47 23.65
CA TYR G 60 -17.59 -8.00 24.25
C TYR G 60 -17.43 -7.99 25.76
N PRO G 61 -18.14 -7.11 26.46
CA PRO G 61 -18.32 -7.28 27.90
C PRO G 61 -19.34 -8.38 28.20
N ASP G 62 -19.26 -8.88 29.43
CA ASP G 62 -20.17 -9.93 29.86
C ASP G 62 -21.62 -9.46 29.99
N SER G 63 -21.86 -8.15 29.98
CA SER G 63 -23.22 -7.64 29.87
C SER G 63 -23.90 -8.03 28.57
N VAL G 64 -23.15 -8.28 27.50
CA VAL G 64 -23.71 -8.50 26.18
C VAL G 64 -23.17 -9.74 25.49
N LYS G 65 -22.18 -10.42 26.06
CA LYS G 65 -21.69 -11.67 25.51
C LYS G 65 -22.83 -12.63 25.18
N GLY G 66 -22.78 -13.17 23.96
CA GLY G 66 -23.79 -14.08 23.45
C GLY G 66 -25.09 -13.43 23.03
N ARG G 67 -25.43 -12.29 23.63
CA ARG G 67 -26.60 -11.55 23.16
C ARG G 67 -26.28 -10.73 21.92
N PHE G 68 -25.12 -10.10 21.88
CA PHE G 68 -24.73 -9.25 20.76
C PHE G 68 -23.68 -9.95 19.91
N THR G 69 -23.57 -9.51 18.65
CA THR G 69 -22.55 -10.01 17.75
C THR G 69 -22.15 -8.87 16.83
N ILE G 70 -20.91 -8.42 16.95
CA ILE G 70 -20.37 -7.42 16.05
C ILE G 70 -19.82 -8.10 14.80
N SER G 71 -20.01 -7.45 13.65
CA SER G 71 -19.52 -7.97 12.39
C SER G 71 -19.27 -6.80 11.45
N ARG G 72 -18.53 -7.07 10.38
CA ARG G 72 -18.15 -6.03 9.43
C ARG G 72 -18.07 -6.64 8.05
N ASP G 73 -18.22 -5.80 7.03
CA ASP G 73 -17.93 -6.16 5.65
C ASP G 73 -16.96 -5.13 5.11
N ASN G 74 -15.70 -5.55 4.91
CA ASN G 74 -14.67 -4.61 4.48
C ASN G 74 -14.84 -4.17 3.03
N ALA G 75 -15.66 -4.88 2.25
CA ALA G 75 -15.95 -4.42 0.89
C ALA G 75 -17.08 -3.40 0.88
N LYS G 76 -18.15 -3.66 1.62
CA LYS G 76 -19.23 -2.70 1.75
C LYS G 76 -18.85 -1.49 2.61
N ASN G 77 -17.70 -1.53 3.27
CA ASN G 77 -17.28 -0.48 4.20
C ASN G 77 -18.34 -0.25 5.27
N SER G 78 -18.89 -1.34 5.78
CA SER G 78 -20.01 -1.28 6.70
C SER G 78 -19.71 -2.10 7.95
N LEU G 79 -20.26 -1.65 9.06
CA LEU G 79 -20.10 -2.30 10.36
C LEU G 79 -21.48 -2.63 10.89
N TYR G 80 -21.61 -3.79 11.50
CA TYR G 80 -22.91 -4.26 11.98
C TYR G 80 -22.84 -4.64 13.45
N LEU G 81 -23.96 -4.44 14.15
CA LEU G 81 -24.18 -5.01 15.47
C LEU G 81 -25.52 -5.76 15.45
N GLN G 82 -25.47 -7.08 15.41
CA GLN G 82 -26.64 -7.88 15.71
C GLN G 82 -26.90 -7.88 17.22
N MET G 83 -28.13 -7.60 17.60
CA MET G 83 -28.54 -7.68 18.99
C MET G 83 -29.71 -8.65 19.13
N SER G 84 -29.74 -9.37 20.25
CA SER G 84 -30.74 -10.40 20.49
C SER G 84 -31.02 -10.48 21.97
N SER G 85 -32.19 -11.03 22.31
CA SER G 85 -32.67 -11.09 23.69
C SER G 85 -32.60 -9.72 24.35
N LEU G 86 -33.03 -8.70 23.59
CA LEU G 86 -32.88 -7.32 24.03
C LEU G 86 -33.67 -7.06 25.31
N ARG G 87 -33.10 -6.22 26.17
CA ARG G 87 -33.64 -5.93 27.47
C ARG G 87 -33.71 -4.42 27.65
N SER G 88 -34.50 -3.99 28.64
CA SER G 88 -34.59 -2.56 28.94
C SER G 88 -33.25 -1.97 29.31
N GLU G 89 -32.34 -2.77 29.85
CA GLU G 89 -30.94 -2.37 30.01
C GLU G 89 -30.35 -1.83 28.70
N ASP G 90 -30.74 -2.41 27.57
CA ASP G 90 -30.16 -2.06 26.28
C ASP G 90 -30.74 -0.79 25.66
N THR G 91 -31.67 -0.12 26.32
CA THR G 91 -32.13 1.19 25.88
C THR G 91 -30.99 2.20 25.95
N ALA G 92 -30.51 2.65 24.81
CA ALA G 92 -29.36 3.56 24.76
C ALA G 92 -29.24 4.15 23.38
N MET G 93 -28.46 5.23 23.27
CA MET G 93 -27.85 5.63 22.02
C MET G 93 -26.62 4.76 21.74
N TYR G 94 -26.56 4.20 20.54
CA TYR G 94 -25.44 3.36 20.12
C TYR G 94 -24.59 4.12 19.12
N TYR G 95 -23.31 4.30 19.45
CA TYR G 95 -22.36 4.96 18.56
C TYR G 95 -21.41 3.97 17.91
N CYS G 96 -21.25 4.09 16.61
CA CYS G 96 -20.18 3.45 15.87
C CYS G 96 -18.92 4.32 15.98
N ALA G 97 -17.79 3.71 16.31
CA ALA G 97 -16.58 4.48 16.52
C ALA G 97 -15.35 3.78 15.96
N ARG G 98 -14.48 4.58 15.34
CA ARG G 98 -13.20 4.12 14.79
C ARG G 98 -12.10 4.23 15.85
N HIS G 99 -11.19 3.26 15.84
CA HIS G 99 -10.03 3.31 16.73
C HIS G 99 -9.00 4.33 16.25
N LEU G 100 -8.30 4.92 17.23
CA LEU G 100 -7.29 5.94 16.95
C LEU G 100 -6.15 5.42 16.08
N TYR G 101 -5.74 4.17 16.28
CA TYR G 101 -4.59 3.61 15.59
C TYR G 101 -5.03 2.50 14.65
N ARG G 102 -4.29 2.34 13.56
CA ARG G 102 -4.59 1.28 12.62
C ARG G 102 -4.27 -0.08 13.22
N TYR G 103 -5.13 -1.06 12.95
CA TYR G 103 -5.02 -2.44 13.40
C TYR G 103 -5.11 -2.60 14.91
N ASP G 104 -4.83 -1.54 15.66
CA ASP G 104 -4.95 -1.58 17.11
C ASP G 104 -6.40 -1.87 17.50
N VAL G 105 -6.61 -2.93 18.27
CA VAL G 105 -7.93 -3.25 18.79
C VAL G 105 -8.18 -2.61 20.15
N GLY G 106 -7.28 -1.71 20.57
CA GLY G 106 -7.42 -1.01 21.82
C GLY G 106 -7.18 0.48 21.67
N GLY G 107 -6.71 1.08 22.75
CA GLY G 107 -6.40 2.49 22.77
C GLY G 107 -7.59 3.41 22.92
N ALA G 108 -7.93 4.14 21.85
CA ALA G 108 -8.91 5.20 21.93
C ALA G 108 -9.78 5.20 20.68
N LEU G 109 -10.89 5.91 20.78
CA LEU G 109 -11.90 5.97 19.72
C LEU G 109 -11.90 7.39 19.17
N ASP G 110 -11.27 7.56 18.01
CA ASP G 110 -10.96 8.90 17.52
C ASP G 110 -12.10 9.54 16.73
N TYR G 111 -12.95 8.75 16.09
CA TYR G 111 -14.13 9.30 15.41
C TYR G 111 -15.37 8.51 15.80
N TRP G 112 -16.45 9.22 16.10
CA TRP G 112 -17.71 8.65 16.52
C TRP G 112 -18.81 9.07 15.56
N GLY G 113 -19.70 8.15 15.20
CA GLY G 113 -20.84 8.50 14.38
C GLY G 113 -21.86 9.31 15.15
N GLN G 114 -22.96 9.65 14.47
CA GLN G 114 -24.01 10.43 15.12
C GLN G 114 -24.81 9.61 16.13
N GLY G 115 -24.82 8.29 15.98
CA GLY G 115 -25.58 7.41 16.86
C GLY G 115 -26.93 7.01 16.28
N THR G 116 -27.45 5.90 16.76
CA THR G 116 -28.83 5.50 16.59
C THR G 116 -29.43 5.08 17.93
N CYS G 117 -30.64 5.54 18.20
CA CYS G 117 -31.34 5.18 19.43
C CYS G 117 -31.91 3.78 19.34
N VAL G 118 -31.89 3.08 20.46
CA VAL G 118 -32.64 1.83 20.63
C VAL G 118 -33.50 1.97 21.86
N THR G 119 -34.79 1.65 21.73
CA THR G 119 -35.76 1.75 22.82
C THR G 119 -36.41 0.38 23.01
N VAL G 120 -35.84 -0.44 23.89
CA VAL G 120 -36.42 -1.73 24.24
C VAL G 120 -37.54 -1.47 25.25
N SER G 121 -38.78 -1.49 24.77
CA SER G 121 -39.92 -1.23 25.65
C SER G 121 -41.13 -2.01 25.16
N SER G 122 -41.95 -2.44 26.12
CA SER G 122 -43.23 -3.07 25.81
C SER G 122 -44.24 -2.09 25.23
N ALA G 123 -44.20 -0.83 25.67
CA ALA G 123 -45.27 0.13 25.35
C ALA G 123 -45.45 0.30 23.85
N LYS G 124 -46.70 0.64 23.48
CA LYS G 124 -47.10 0.72 22.08
C LYS G 124 -46.50 1.94 21.40
N THR G 125 -45.76 1.70 20.31
CA THR G 125 -45.33 2.76 19.42
C THR G 125 -46.51 3.56 18.91
N THR G 126 -46.40 4.89 18.98
CA THR G 126 -47.51 5.80 18.68
C THR G 126 -46.97 7.02 17.96
N ALA G 127 -47.86 7.66 17.15
CA ALA G 127 -47.42 8.79 16.35
C ALA G 127 -47.58 10.11 17.10
N PRO G 128 -46.71 11.08 16.83
CA PRO G 128 -46.82 12.40 17.46
C PRO G 128 -48.03 13.18 16.95
N SER G 129 -48.89 13.59 17.87
CA SER G 129 -49.83 14.67 17.61
C SER G 129 -49.09 16.00 17.60
N VAL G 130 -49.08 16.67 16.45
CA VAL G 130 -48.30 17.90 16.27
C VAL G 130 -49.26 19.08 16.21
N TYR G 131 -49.20 19.95 17.22
CA TYR G 131 -50.08 21.10 17.32
C TYR G 131 -49.32 22.40 17.14
N PRO G 132 -49.77 23.29 16.26
CA PRO G 132 -49.22 24.65 16.23
C PRO G 132 -49.44 25.39 17.55
N LEU G 133 -48.47 26.20 17.93
CA LEU G 133 -48.62 27.19 19.00
C LEU G 133 -48.70 28.57 18.38
N ALA G 134 -49.90 28.93 17.92
CA ALA G 134 -50.13 30.27 17.41
C ALA G 134 -50.05 31.31 18.53
N PRO G 135 -49.33 32.42 18.31
CA PRO G 135 -49.06 33.36 19.41
C PRO G 135 -50.32 34.08 19.84
N VAL G 136 -50.28 34.56 21.10
CA VAL G 136 -51.40 35.31 21.67
C VAL G 136 -51.69 36.55 20.83
N CYS G 137 -52.98 36.82 20.63
CA CYS G 137 -53.48 38.09 20.12
C CYS G 137 -53.33 39.14 21.24
N GLY G 138 -52.35 40.02 21.10
CA GLY G 138 -52.00 40.90 22.20
C GLY G 138 -50.93 41.93 21.87
N ASP G 139 -49.76 41.83 22.51
CA ASP G 139 -48.68 42.76 22.21
C ASP G 139 -48.05 42.48 20.85
N THR G 140 -47.71 41.22 20.59
CA THR G 140 -47.52 40.70 19.23
C THR G 140 -46.62 41.62 18.39
N THR G 141 -45.62 42.22 19.03
CA THR G 141 -45.05 43.49 18.60
C THR G 141 -44.40 43.43 17.22
N GLY G 142 -44.29 42.26 16.62
CA GLY G 142 -43.86 42.17 15.24
C GLY G 142 -42.37 42.38 14.99
N SER G 143 -41.77 43.32 15.73
CA SER G 143 -40.32 43.44 15.71
C SER G 143 -39.64 42.13 16.10
N SER G 144 -40.19 41.43 17.09
CA SER G 144 -40.04 39.99 17.19
C SER G 144 -41.33 39.39 17.71
N VAL G 145 -41.54 38.11 17.41
CA VAL G 145 -42.63 37.34 17.98
C VAL G 145 -42.12 35.93 18.24
N THR G 146 -42.50 35.36 19.38
CA THR G 146 -42.19 33.97 19.67
C THR G 146 -43.23 33.05 19.04
N LEU G 147 -42.75 32.02 18.36
CA LEU G 147 -43.58 31.01 17.73
C LEU G 147 -43.17 29.65 18.26
N GLY G 148 -44.12 28.72 18.30
CA GLY G 148 -43.87 27.44 18.92
C GLY G 148 -44.51 26.30 18.17
N CYS G 149 -43.97 25.11 18.42
CA CYS G 149 -44.47 23.87 17.83
C CYS G 149 -44.57 22.84 18.95
N LEU G 150 -45.68 22.13 19.01
CA LEU G 150 -45.92 21.15 20.06
C LEU G 150 -46.05 19.77 19.44
N VAL G 151 -45.25 18.84 19.93
CA VAL G 151 -45.10 17.51 19.33
C VAL G 151 -45.41 16.51 20.44
N LYS G 152 -46.61 15.96 20.43
CA LYS G 152 -47.20 15.38 21.64
C LYS G 152 -47.70 13.97 21.38
N GLY G 153 -47.60 13.13 22.41
CA GLY G 153 -48.24 11.83 22.42
C GLY G 153 -47.52 10.72 21.69
N TYR G 154 -46.26 10.91 21.32
CA TYR G 154 -45.51 9.86 20.66
C TYR G 154 -44.77 9.00 21.70
N PHE G 155 -44.25 7.86 21.25
CA PHE G 155 -43.51 6.97 22.12
C PHE G 155 -42.26 6.43 21.44
N CYS G 156 -41.29 6.06 22.28
CA CYS G 156 -39.86 5.96 22.01
C CYS G 156 -39.23 7.35 21.87
N GLU G 157 -38.03 7.52 22.43
CA GLU G 157 -37.43 8.84 22.47
C GLU G 157 -37.00 9.28 21.09
N CYS G 158 -36.41 8.37 20.32
CA CYS G 158 -35.85 8.68 19.02
C CYS G 158 -35.62 7.36 18.28
N PRO G 159 -35.39 7.39 16.95
CA PRO G 159 -35.23 8.54 16.05
C PRO G 159 -36.44 9.47 15.96
N VAL G 160 -36.15 10.75 16.19
CA VAL G 160 -37.12 11.83 16.05
C VAL G 160 -36.35 13.04 15.54
N THR G 161 -37.06 13.94 14.85
CA THR G 161 -36.41 15.15 14.36
C THR G 161 -37.46 16.25 14.28
N LEU G 162 -37.03 17.47 14.59
CA LEU G 162 -37.82 18.66 14.37
C LEU G 162 -36.93 19.69 13.68
N THR G 163 -37.52 20.44 12.75
CA THR G 163 -36.77 21.43 11.99
C THR G 163 -37.73 22.56 11.62
N TRP G 164 -37.18 23.76 11.51
CA TRP G 164 -37.96 24.95 11.16
C TRP G 164 -37.62 25.41 9.75
N ASN G 165 -38.66 25.57 8.93
CA ASN G 165 -38.55 26.03 7.55
C ASN G 165 -37.43 25.33 6.78
N SER G 166 -37.46 23.99 6.83
CA SER G 166 -36.47 23.14 6.17
C SER G 166 -35.03 23.50 6.56
N GLY G 167 -34.84 24.07 7.74
CA GLY G 167 -33.52 24.39 8.21
C GLY G 167 -33.00 25.78 7.88
N SER G 168 -33.75 26.57 7.11
CA SER G 168 -33.37 27.96 6.91
C SER G 168 -33.34 28.74 8.22
N LEU G 169 -34.24 28.39 9.14
CA LEU G 169 -34.20 28.91 10.50
C LEU G 169 -33.20 28.12 11.34
N SER G 170 -31.96 28.04 10.87
CA SER G 170 -30.85 27.49 11.65
C SER G 170 -30.35 28.48 12.69
N SER G 171 -31.23 29.35 13.19
CA SER G 171 -30.88 30.32 14.22
C SER G 171 -32.16 30.75 14.91
N GLY G 172 -32.01 31.32 16.10
CA GLY G 172 -33.16 31.68 16.90
C GLY G 172 -33.98 30.52 17.40
N VAL G 173 -33.50 29.30 17.24
CA VAL G 173 -34.24 28.08 17.55
C VAL G 173 -33.78 27.54 18.89
N HIS G 174 -34.72 27.07 19.69
CA HIS G 174 -34.42 26.36 20.93
C HIS G 174 -35.36 25.17 21.02
N THR G 175 -34.81 23.97 20.86
CA THR G 175 -35.58 22.74 20.91
C THR G 175 -35.41 22.08 22.26
N PHE G 176 -36.53 21.76 22.90
CA PHE G 176 -36.49 21.28 24.27
C PHE G 176 -36.50 19.76 24.30
N PRO G 177 -35.67 19.18 25.17
CA PRO G 177 -35.64 17.72 25.33
C PRO G 177 -37.02 17.13 25.58
N ALA G 178 -37.27 15.97 24.99
CA ALA G 178 -38.52 15.24 25.22
C ALA G 178 -38.62 14.80 26.67
N VAL G 179 -39.82 14.89 27.23
CA VAL G 179 -40.09 14.51 28.60
C VAL G 179 -41.42 13.76 28.64
N LEU G 180 -41.49 12.74 29.50
CA LEU G 180 -42.69 11.92 29.58
C LEU G 180 -43.83 12.66 30.26
N GLN G 181 -45.04 12.39 29.78
CA GLN G 181 -46.26 12.49 30.57
C GLN G 181 -46.64 11.10 31.04
N SER G 182 -47.92 10.77 31.02
CA SER G 182 -48.34 9.39 31.28
C SER G 182 -47.90 8.53 30.10
N ASP G 183 -46.76 7.86 30.26
CA ASP G 183 -46.22 6.87 29.33
C ASP G 183 -45.96 7.42 27.92
N LEU G 184 -46.25 8.70 27.68
CA LEU G 184 -46.07 9.28 26.37
C LEU G 184 -45.20 10.53 26.45
N TYR G 185 -44.37 10.72 25.43
CA TYR G 185 -43.47 11.86 25.39
C TYR G 185 -44.21 13.11 24.90
N THR G 186 -43.81 14.25 25.44
CA THR G 186 -44.09 15.55 24.85
C THR G 186 -42.78 16.24 24.50
N LEU G 187 -42.69 16.74 23.28
CA LEU G 187 -41.61 17.59 22.84
C LEU G 187 -42.18 18.92 22.37
N SER G 188 -41.38 19.98 22.50
CA SER G 188 -41.76 21.25 21.91
C SER G 188 -40.51 21.99 21.44
N SER G 189 -40.71 23.00 20.61
CA SER G 189 -39.63 23.84 20.14
C SER G 189 -40.12 25.28 20.01
N SER G 190 -39.19 26.22 20.20
CA SER G 190 -39.48 27.64 20.09
C SER G 190 -38.64 28.23 18.97
N VAL G 191 -39.23 29.12 18.19
CA VAL G 191 -38.49 30.01 17.30
C VAL G 191 -39.01 31.43 17.47
N THR G 192 -38.09 32.38 17.52
CA THR G 192 -38.42 33.80 17.60
C THR G 192 -37.94 34.50 16.33
N VAL G 193 -38.86 35.19 15.65
CA VAL G 193 -38.61 35.71 14.32
C VAL G 193 -39.18 37.12 14.21
N THR G 194 -38.60 37.91 13.32
CA THR G 194 -39.18 39.18 12.92
C THR G 194 -40.36 38.93 11.98
N SER G 195 -41.35 39.82 12.03
CA SER G 195 -42.54 39.71 11.20
C SER G 195 -42.25 39.74 9.70
N SER G 196 -41.02 40.08 9.30
CA SER G 196 -40.58 39.93 7.92
C SER G 196 -40.72 38.51 7.39
N THR G 197 -41.01 37.51 8.23
CA THR G 197 -41.38 36.18 7.75
C THR G 197 -42.68 35.67 8.37
N TRP G 198 -43.39 36.46 9.15
CA TRP G 198 -44.59 35.98 9.82
C TRP G 198 -45.59 37.12 9.94
N PRO G 199 -46.89 36.86 9.74
CA PRO G 199 -47.54 35.58 9.41
C PRO G 199 -47.33 35.09 7.98
N SER G 200 -46.85 33.86 7.84
CA SER G 200 -46.87 33.15 6.56
C SER G 200 -46.56 31.69 6.84
N GLN G 201 -46.85 30.85 5.85
CA GLN G 201 -46.54 29.43 5.93
C GLN G 201 -45.03 29.16 5.86
N SER G 202 -44.22 30.18 5.64
CA SER G 202 -42.77 30.05 5.76
C SER G 202 -42.37 29.48 7.12
N ILE G 203 -43.11 29.82 8.17
CA ILE G 203 -42.90 29.19 9.46
C ILE G 203 -43.59 27.84 9.47
N THR G 204 -42.91 26.85 8.89
CA THR G 204 -43.33 25.45 8.94
C THR G 204 -42.54 24.74 10.02
N CYS G 205 -43.25 24.03 10.90
CA CYS G 205 -42.60 23.09 11.82
C CYS G 205 -42.42 21.75 11.11
N ASN G 206 -41.23 21.52 10.57
CA ASN G 206 -40.88 20.25 9.97
C ASN G 206 -40.50 19.27 11.06
N VAL G 207 -41.30 18.21 11.23
CA VAL G 207 -41.11 17.24 12.30
C VAL G 207 -41.34 15.85 11.74
N ALA G 208 -40.55 14.88 12.22
CA ALA G 208 -40.63 13.51 11.75
C ALA G 208 -40.43 12.57 12.92
N HIS G 209 -41.09 11.41 12.85
CA HIS G 209 -40.93 10.35 13.84
C HIS G 209 -40.88 9.02 13.10
N PRO G 210 -39.72 8.68 12.54
CA PRO G 210 -39.61 7.44 11.75
C PRO G 210 -39.97 6.18 12.52
N ALA G 211 -39.86 6.19 13.86
CA ALA G 211 -40.29 5.04 14.65
C ALA G 211 -41.77 4.74 14.50
N SER G 212 -42.58 5.73 14.10
CA SER G 212 -43.96 5.48 13.68
C SER G 212 -44.19 5.84 12.23
N SER G 213 -43.13 5.83 11.41
CA SER G 213 -43.20 6.19 9.98
C SER G 213 -43.88 7.54 9.73
N THR G 214 -43.87 8.43 10.72
CA THR G 214 -44.72 9.61 10.69
C THR G 214 -43.89 10.84 10.31
N LYS G 215 -44.43 11.64 9.40
CA LYS G 215 -43.90 12.98 9.14
C LYS G 215 -45.06 13.92 8.87
N VAL G 216 -44.95 15.15 9.37
CA VAL G 216 -45.89 16.22 9.05
C VAL G 216 -45.11 17.53 9.00
N ASP G 217 -45.74 18.54 8.37
CA ASP G 217 -45.12 19.84 8.14
C ASP G 217 -46.13 20.93 8.49
N LYS G 218 -46.58 20.93 9.75
CA LYS G 218 -47.65 21.82 10.17
C LYS G 218 -47.21 23.28 10.16
N LYS G 219 -48.18 24.16 9.91
CA LYS G 219 -47.93 25.59 9.78
C LYS G 219 -48.38 26.31 11.04
N ILE G 220 -47.57 27.26 11.49
CA ILE G 220 -47.94 28.12 12.63
C ILE G 220 -48.70 29.30 12.03
N GLU G 221 -49.98 29.06 11.73
CA GLU G 221 -50.80 30.07 11.10
C GLU G 221 -51.04 31.25 12.04
N PRO G 222 -51.32 32.42 11.49
CA PRO G 222 -51.73 33.55 12.34
C PRO G 222 -52.98 33.21 13.14
N ARG G 223 -52.95 33.55 14.43
CA ARG G 223 -54.09 33.31 15.30
C ARG G 223 -55.15 34.39 15.08
N GLY G 224 -56.40 34.02 15.31
CA GLY G 224 -57.51 34.96 15.26
C GLY G 224 -58.71 34.54 16.08
N GLU H 1 -13.87 -3.82 33.68
CA GLU H 1 -12.99 -4.53 34.60
C GLU H 1 -12.27 -3.55 35.53
N ILE H 2 -11.82 -2.44 34.97
CA ILE H 2 -11.25 -1.33 35.72
C ILE H 2 -12.26 -0.21 35.72
N VAL H 3 -12.67 0.23 36.90
CA VAL H 3 -13.62 1.34 37.03
C VAL H 3 -12.86 2.66 37.06
N LEU H 4 -13.40 3.65 36.36
CA LEU H 4 -12.92 5.02 36.40
C LEU H 4 -13.96 5.86 37.13
N THR H 5 -13.53 6.59 38.15
CA THR H 5 -14.40 7.52 38.86
C THR H 5 -13.94 8.94 38.63
N GLN H 6 -14.90 9.83 38.37
CA GLN H 6 -14.63 11.22 38.07
C GLN H 6 -15.21 12.12 39.16
N SER H 7 -14.44 13.15 39.53
CA SER H 7 -14.86 14.11 40.53
C SER H 7 -14.53 15.51 40.04
N PRO H 8 -15.43 16.48 40.23
CA PRO H 8 -16.83 16.33 40.67
C PRO H 8 -17.72 15.80 39.55
N ALA H 9 -18.97 15.45 39.86
CA ALA H 9 -19.93 15.12 38.83
C ALA H 9 -20.43 16.36 38.09
N LEU H 10 -20.54 17.49 38.79
CA LEU H 10 -20.86 18.77 38.18
C LEU H 10 -19.92 19.84 38.72
N MET H 11 -19.53 20.77 37.84
CA MET H 11 -18.68 21.88 38.23
C MET H 11 -19.21 23.15 37.60
N ALA H 12 -19.22 24.24 38.38
CA ALA H 12 -19.77 25.52 37.96
C ALA H 12 -18.66 26.57 38.00
N ALA H 13 -17.99 26.77 36.87
CA ALA H 13 -16.80 27.59 36.79
C ALA H 13 -17.10 28.92 36.11
N SER H 14 -16.53 30.00 36.66
CA SER H 14 -16.64 31.30 36.01
C SER H 14 -15.86 31.30 34.69
N PRO H 15 -16.29 32.09 33.72
CA PRO H 15 -15.38 32.48 32.63
C PRO H 15 -14.07 33.03 33.16
N GLY H 16 -12.97 32.55 32.59
CA GLY H 16 -11.64 32.93 33.02
C GLY H 16 -11.08 32.20 34.22
N GLU H 17 -11.88 31.41 34.93
CA GLU H 17 -11.33 30.57 35.99
C GLU H 17 -10.46 29.47 35.40
N LYS H 18 -9.39 29.13 36.11
CA LYS H 18 -8.73 27.85 35.93
C LYS H 18 -9.62 26.74 36.45
N VAL H 19 -9.82 25.70 35.64
CA VAL H 19 -10.68 24.57 35.99
C VAL H 19 -9.83 23.31 36.00
N THR H 20 -10.07 22.44 36.97
CA THR H 20 -9.44 21.13 37.00
C THR H 20 -10.45 20.07 37.41
N ILE H 21 -10.50 18.98 36.64
CA ILE H 21 -11.37 17.85 36.90
C ILE H 21 -10.50 16.61 36.99
N THR H 22 -10.90 15.67 37.85
CA THR H 22 -10.06 14.53 38.21
C THR H 22 -10.69 13.23 37.74
N CYS H 23 -9.85 12.32 37.26
CA CYS H 23 -10.23 10.94 36.97
C CYS H 23 -9.36 10.02 37.81
N SER H 24 -9.99 9.19 38.63
CA SER H 24 -9.28 8.27 39.50
C SER H 24 -9.53 6.83 39.06
N VAL H 25 -8.47 6.03 39.05
CA VAL H 25 -8.48 4.70 38.44
C VAL H 25 -8.29 3.68 39.55
N SER H 26 -9.13 2.63 39.54
CA SER H 26 -9.08 1.63 40.59
C SER H 26 -7.80 0.79 40.57
N LEU H 27 -7.00 0.89 39.51
CA LEU H 27 -5.70 0.23 39.43
C LEU H 27 -4.74 1.14 38.69
N SER H 28 -3.46 0.94 38.92
CA SER H 28 -2.46 1.70 38.17
C SER H 28 -2.52 1.31 36.69
N ILE H 29 -2.54 2.32 35.82
CA ILE H 29 -2.55 2.12 34.39
C ILE H 29 -1.47 2.98 33.77
N SER H 30 -1.06 2.62 32.56
CA SER H 30 -0.13 3.44 31.80
C SER H 30 -0.79 4.76 31.42
N SER H 31 -0.03 5.85 31.59
CA SER H 31 -0.50 7.16 31.15
C SER H 31 -0.75 7.23 29.65
N SER H 32 -0.12 6.35 28.87
CA SER H 32 -0.42 6.24 27.46
C SER H 32 -1.82 5.71 27.18
N ASN H 33 -2.48 5.13 28.18
CA ASN H 33 -3.72 4.40 27.98
C ASN H 33 -4.93 5.11 28.57
N LEU H 34 -4.75 6.32 29.09
CA LEU H 34 -5.85 7.12 29.62
C LEU H 34 -6.19 8.20 28.61
N PHE H 35 -7.48 8.38 28.32
CA PHE H 35 -7.94 9.30 27.29
C PHE H 35 -9.08 10.14 27.84
N TRP H 36 -9.30 11.29 27.19
CA TRP H 36 -10.39 12.17 27.55
C TRP H 36 -11.25 12.48 26.33
N TYR H 37 -12.57 12.55 26.55
CA TYR H 37 -13.51 12.93 25.52
C TYR H 37 -14.33 14.12 25.98
N GLN H 38 -14.71 14.97 25.05
CA GLN H 38 -15.69 16.03 25.29
C GLN H 38 -16.96 15.71 24.53
N GLN H 39 -18.09 15.65 25.24
CA GLN H 39 -19.40 15.55 24.62
C GLN H 39 -20.19 16.83 24.86
N LYS H 40 -20.57 17.50 23.78
CA LYS H 40 -21.52 18.60 23.81
C LYS H 40 -22.94 18.06 23.82
N CYS H 41 -23.89 18.94 24.13
CA CYS H 41 -25.30 18.56 24.24
C CYS H 41 -25.78 17.85 22.99
N GLU H 42 -26.22 16.60 23.17
CA GLU H 42 -26.84 15.80 22.11
C GLU H 42 -26.02 15.81 20.82
N THR H 43 -24.71 15.64 20.97
CA THR H 43 -23.83 15.22 19.89
C THR H 43 -22.98 14.06 20.41
N SER H 44 -22.36 13.34 19.48
CA SER H 44 -21.48 12.25 19.87
C SER H 44 -20.26 12.79 20.60
N PRO H 45 -19.63 11.96 21.43
CA PRO H 45 -18.37 12.37 22.05
C PRO H 45 -17.28 12.62 21.01
N LYS H 46 -16.39 13.55 21.34
CA LYS H 46 -15.23 13.81 20.53
C LYS H 46 -13.96 13.58 21.34
N PRO H 47 -12.94 12.97 20.76
CA PRO H 47 -11.66 12.85 21.48
C PRO H 47 -11.07 14.21 21.81
N TRP H 48 -10.46 14.29 22.97
CA TRP H 48 -9.98 15.57 23.47
C TRP H 48 -8.53 15.54 23.89
N ILE H 49 -8.10 14.49 24.59
CA ILE H 49 -6.70 14.30 24.94
C ILE H 49 -6.31 12.86 24.67
N TYR H 50 -5.16 12.68 24.04
CA TYR H 50 -4.63 11.37 23.67
C TYR H 50 -3.46 11.04 24.59
N GLY H 51 -3.52 9.86 25.20
CA GLY H 51 -2.75 9.67 26.41
C GLY H 51 -3.17 10.70 27.45
N THR H 52 -2.35 10.77 28.49
CA THR H 52 -2.67 11.68 29.59
C THR H 52 -2.67 13.14 29.16
N SER H 53 -1.89 13.50 28.13
CA SER H 53 -1.52 14.90 27.97
C SER H 53 -1.49 15.41 26.53
N LYS H 54 -1.44 14.56 25.51
CA LYS H 54 -1.42 15.04 24.14
C LYS H 54 -2.81 15.47 23.71
N LEU H 55 -2.99 16.77 23.51
CA LEU H 55 -4.28 17.29 23.03
C LEU H 55 -4.62 16.70 21.66
N ALA H 56 -5.92 16.46 21.45
CA ALA H 56 -6.40 16.06 20.15
C ALA H 56 -6.34 17.23 19.17
N SER H 57 -6.34 16.90 17.88
CA SER H 57 -6.23 17.91 16.84
C SER H 57 -7.41 18.87 16.89
N GLY H 58 -7.12 20.16 17.12
CA GLY H 58 -8.12 21.19 17.20
C GLY H 58 -8.59 21.54 18.60
N VAL H 59 -8.07 20.87 19.62
CA VAL H 59 -8.42 21.23 21.00
C VAL H 59 -7.70 22.51 21.39
N PRO H 60 -8.40 23.50 21.95
CA PRO H 60 -7.73 24.75 22.34
C PRO H 60 -6.62 24.49 23.35
N VAL H 61 -5.47 25.10 23.12
CA VAL H 61 -4.28 24.91 23.94
C VAL H 61 -4.46 25.43 25.37
N ARG H 62 -5.63 25.99 25.68
CA ARG H 62 -5.95 26.23 27.07
C ARG H 62 -6.27 24.95 27.82
N PHE H 63 -6.59 23.87 27.11
CA PHE H 63 -6.75 22.56 27.74
C PHE H 63 -5.39 21.93 27.99
N SER H 64 -5.28 21.21 29.10
CA SER H 64 -4.12 20.36 29.33
C SER H 64 -4.54 19.17 30.18
N GLY H 65 -3.72 18.13 30.14
CA GLY H 65 -3.95 16.96 30.97
C GLY H 65 -2.66 16.50 31.62
N SER H 66 -2.81 15.99 32.85
CA SER H 66 -1.66 15.56 33.64
C SER H 66 -2.12 14.48 34.59
N GLY H 67 -1.20 13.61 34.96
CA GLY H 67 -1.50 12.50 35.84
C GLY H 67 -0.61 11.31 35.56
N SER H 68 -0.67 10.34 36.46
CA SER H 68 -0.01 9.07 36.26
C SER H 68 -0.58 8.06 37.25
N GLY H 69 -0.33 6.78 36.97
CA GLY H 69 -0.75 5.69 37.82
C GLY H 69 -2.24 5.59 38.02
N THR H 70 -2.73 5.89 39.22
CA THR H 70 -4.14 5.78 39.55
C THR H 70 -4.89 7.10 39.48
N SER H 71 -4.20 8.21 39.22
CA SER H 71 -4.86 9.52 39.29
C SER H 71 -4.45 10.38 38.10
N TYR H 72 -5.46 10.99 37.48
CA TYR H 72 -5.30 11.77 36.25
C TYR H 72 -6.21 12.99 36.35
N SER H 73 -5.89 14.01 35.56
CA SER H 73 -6.71 15.21 35.58
C SER H 73 -6.70 15.88 34.21
N LEU H 74 -7.77 16.62 33.94
CA LEU H 74 -7.83 17.54 32.82
C LEU H 74 -8.00 18.94 33.37
N THR H 75 -7.30 19.91 32.76
CA THR H 75 -7.33 21.28 33.22
C THR H 75 -7.70 22.20 32.07
N ILE H 76 -8.50 23.23 32.37
CA ILE H 76 -8.65 24.40 31.51
C ILE H 76 -8.01 25.59 32.21
N SER H 77 -7.10 26.28 31.52
CA SER H 77 -6.42 27.42 32.13
C SER H 77 -7.36 28.60 32.29
N SER H 78 -8.35 28.74 31.41
CA SER H 78 -9.29 29.85 31.48
C SER H 78 -10.54 29.44 30.70
N MET H 79 -11.60 29.12 31.42
CA MET H 79 -12.79 28.54 30.80
C MET H 79 -13.52 29.53 29.92
N GLU H 80 -14.06 29.04 28.81
CA GLU H 80 -14.90 29.80 27.90
C GLU H 80 -16.23 29.09 27.73
N CYS H 81 -17.23 29.82 27.25
CA CYS H 81 -18.57 29.25 27.12
C CYS H 81 -18.59 28.03 26.22
N GLU H 82 -17.71 27.97 25.21
CA GLU H 82 -17.58 26.78 24.38
C GLU H 82 -17.01 25.57 25.12
N ASP H 83 -16.47 25.76 26.33
CA ASP H 83 -16.00 24.63 27.13
C ASP H 83 -17.11 23.94 27.92
N ALA H 84 -18.29 24.53 28.01
CA ALA H 84 -19.40 23.95 28.76
C ALA H 84 -19.86 22.64 28.11
N ALA H 85 -19.51 21.52 28.72
CA ALA H 85 -19.69 20.19 28.14
C ALA H 85 -19.50 19.17 29.24
N THR H 86 -19.79 17.91 28.90
CA THR H 86 -19.44 16.78 29.75
C THR H 86 -18.14 16.15 29.25
N TYR H 87 -17.19 15.96 30.17
CA TYR H 87 -15.89 15.37 29.87
C TYR H 87 -15.80 13.97 30.46
N TYR H 88 -15.49 12.99 29.62
CA TYR H 88 -15.33 11.61 30.03
C TYR H 88 -13.87 11.20 29.93
N CYS H 89 -13.32 10.67 31.01
CA CYS H 89 -12.08 9.93 30.88
C CYS H 89 -12.37 8.50 30.43
N GLN H 90 -11.37 7.89 29.81
CA GLN H 90 -11.49 6.52 29.33
C GLN H 90 -10.14 5.84 29.45
N GLN H 91 -10.17 4.54 29.72
CA GLN H 91 -8.98 3.70 29.66
C GLN H 91 -9.28 2.47 28.81
N TRP H 92 -8.23 1.80 28.37
CA TRP H 92 -8.35 0.48 27.77
C TRP H 92 -7.35 -0.47 28.38
N SER H 93 -7.81 -1.67 28.70
CA SER H 93 -6.95 -2.74 29.19
C SER H 93 -7.67 -4.06 28.95
N SER H 94 -6.91 -5.14 29.09
CA SER H 94 -7.39 -6.48 28.76
C SER H 94 -7.90 -6.52 27.33
N HIS H 95 -9.22 -6.55 27.14
CA HIS H 95 -9.83 -6.23 25.86
C HIS H 95 -11.11 -5.43 26.05
N SER H 96 -11.13 -4.55 27.04
CA SER H 96 -12.33 -3.76 27.32
C SER H 96 -12.00 -2.28 27.39
N PHE H 97 -12.88 -1.46 26.82
CA PHE H 97 -12.93 -0.04 27.09
C PHE H 97 -13.80 0.20 28.30
N THR H 98 -13.34 1.03 29.23
CA THR H 98 -14.17 1.54 30.30
C THR H 98 -14.12 3.05 30.33
N PHE H 99 -15.23 3.66 30.74
CA PHE H 99 -15.38 5.11 30.77
C PHE H 99 -15.65 5.58 32.18
N GLY H 100 -15.22 6.81 32.46
CA GLY H 100 -15.64 7.49 33.67
C GLY H 100 -17.08 7.97 33.58
N GLY H 101 -17.62 8.35 34.73
CA GLY H 101 -18.99 8.82 34.80
C GLY H 101 -19.26 10.12 34.06
N GLY H 102 -18.22 10.86 33.70
CA GLY H 102 -18.37 12.19 33.14
C GLY H 102 -18.39 13.28 34.19
N THR H 103 -17.87 14.44 33.80
CA THR H 103 -18.01 15.67 34.57
C THR H 103 -18.65 16.73 33.69
N LYS H 104 -19.81 17.22 34.10
CA LYS H 104 -20.48 18.32 33.40
C LYS H 104 -19.92 19.63 33.92
N LEU H 105 -19.28 20.41 33.03
CA LEU H 105 -18.95 21.80 33.33
C LEU H 105 -20.14 22.70 33.04
N GLU H 106 -20.76 23.22 34.11
CA GLU H 106 -21.51 24.46 34.03
C GLU H 106 -20.55 25.64 34.01
N ILE H 107 -20.81 26.60 33.13
CA ILE H 107 -20.15 27.91 33.19
C ILE H 107 -21.13 28.92 33.81
N LYS H 108 -20.77 29.46 34.97
CA LYS H 108 -21.60 30.46 35.64
C LYS H 108 -21.46 31.81 34.93
N ARG H 109 -22.15 31.91 33.81
CA ARG H 109 -22.34 33.16 33.08
C ARG H 109 -22.95 34.23 33.99
N ALA H 110 -22.83 35.48 33.57
CA ALA H 110 -23.66 36.55 34.12
C ALA H 110 -25.14 36.25 33.88
N ASP H 111 -25.99 36.96 34.62
CA ASP H 111 -27.43 36.76 34.54
C ASP H 111 -27.98 37.18 33.18
N ALA H 112 -29.18 36.69 32.89
CA ALA H 112 -30.05 37.26 31.87
C ALA H 112 -31.50 37.05 32.31
N ALA H 113 -32.35 38.04 32.04
CA ALA H 113 -33.76 37.86 32.37
C ALA H 113 -34.47 37.04 31.31
N PRO H 114 -35.39 36.16 31.71
CA PRO H 114 -36.13 35.35 30.74
C PRO H 114 -37.05 36.19 29.86
N THR H 115 -36.91 36.03 28.56
CA THR H 115 -37.92 36.49 27.61
C THR H 115 -39.08 35.51 27.64
N VAL H 116 -40.19 35.89 28.26
CA VAL H 116 -41.28 34.97 28.56
C VAL H 116 -42.39 35.13 27.53
N SER H 117 -42.83 34.01 26.97
CA SER H 117 -43.92 33.97 26.01
C SER H 117 -44.92 32.89 26.43
N ILE H 118 -46.17 33.06 26.00
CA ILE H 118 -47.25 32.18 26.42
C ILE H 118 -48.19 31.95 25.24
N PHE H 119 -48.82 30.77 25.21
CA PHE H 119 -49.59 30.29 24.08
C PHE H 119 -50.80 29.50 24.55
N PRO H 120 -52.01 29.91 24.20
CA PRO H 120 -53.16 29.01 24.28
C PRO H 120 -53.09 27.96 23.19
N PRO H 121 -53.75 26.82 23.37
CA PRO H 121 -53.75 25.80 22.32
C PRO H 121 -54.34 26.34 21.02
N SER H 122 -53.85 25.81 19.91
CA SER H 122 -54.61 25.88 18.67
C SER H 122 -55.80 24.94 18.71
N SER H 123 -56.86 25.31 17.98
CA SER H 123 -58.10 24.57 18.02
C SER H 123 -57.95 23.12 17.55
N GLU H 124 -56.84 22.78 16.90
CA GLU H 124 -56.57 21.39 16.55
C GLU H 124 -56.50 20.50 17.79
N GLN H 125 -55.92 21.00 18.88
CA GLN H 125 -55.90 20.22 20.10
C GLN H 125 -57.27 20.20 20.77
N LEU H 126 -58.03 21.29 20.69
CA LEU H 126 -59.39 21.29 21.21
C LEU H 126 -60.24 20.23 20.50
N THR H 127 -60.13 20.17 19.18
CA THR H 127 -60.81 19.10 18.43
C THR H 127 -60.21 17.73 18.71
N SER H 128 -58.97 17.66 19.19
CA SER H 128 -58.44 16.43 19.77
C SER H 128 -58.97 16.14 21.16
N GLY H 129 -59.88 16.96 21.69
CA GLY H 129 -60.52 16.68 22.95
C GLY H 129 -59.84 17.22 24.20
N GLY H 130 -58.85 18.08 24.07
CA GLY H 130 -58.15 18.56 25.24
C GLY H 130 -57.49 19.89 24.97
N ALA H 131 -56.63 20.29 25.92
CA ALA H 131 -55.88 21.53 25.77
C ALA H 131 -54.53 21.38 26.43
N SER H 132 -53.56 22.18 25.95
CA SER H 132 -52.25 22.31 26.60
C SER H 132 -51.80 23.75 26.41
N VAL H 133 -51.91 24.55 27.47
CA VAL H 133 -51.35 25.89 27.45
C VAL H 133 -49.85 25.80 27.68
N VAL H 134 -49.09 26.57 26.89
CA VAL H 134 -47.63 26.46 26.84
C VAL H 134 -47.03 27.83 27.17
N CYS H 135 -45.92 27.81 27.90
CA CYS H 135 -45.18 29.00 28.25
C CYS H 135 -43.72 28.79 27.91
N PHE H 136 -43.10 29.77 27.27
CA PHE H 136 -41.69 29.70 26.88
C PHE H 136 -40.88 30.76 27.63
N LEU H 137 -39.64 30.40 27.97
CA LEU H 137 -38.74 31.22 28.77
C LEU H 137 -37.37 31.11 28.14
N ASN H 138 -37.06 32.01 27.22
CA ASN H 138 -35.89 31.89 26.38
C ASN H 138 -34.74 32.75 26.88
N ASN H 139 -33.53 32.18 26.84
CA ASN H 139 -32.28 32.91 27.06
C ASN H 139 -32.24 33.58 28.43
N PHE H 140 -32.61 32.84 29.46
CA PHE H 140 -32.40 33.30 30.84
C PHE H 140 -31.13 32.67 31.41
N TYR H 141 -30.68 33.22 32.54
CA TYR H 141 -29.63 32.60 33.33
C TYR H 141 -29.72 33.15 34.73
N PRO H 142 -29.52 32.33 35.78
CA PRO H 142 -29.16 30.90 35.80
C PRO H 142 -30.27 29.94 35.39
N LYS H 143 -29.98 28.64 35.46
CA LYS H 143 -30.99 27.62 35.19
C LYS H 143 -32.11 27.68 36.20
N ASP H 144 -31.83 28.10 37.42
CA ASP H 144 -32.79 28.00 38.51
C ASP H 144 -33.91 29.01 38.30
N ILE H 145 -35.14 28.52 38.17
CA ILE H 145 -36.28 29.35 37.83
C ILE H 145 -37.53 28.66 38.35
N ASN H 146 -38.49 29.47 38.79
CA ASN H 146 -39.82 28.97 39.15
C ASN H 146 -40.83 29.37 38.09
N VAL H 147 -41.61 28.40 37.64
CA VAL H 147 -42.74 28.62 36.75
C VAL H 147 -44.00 28.15 37.47
N LYS H 148 -45.09 28.88 37.26
CA LYS H 148 -46.16 28.94 38.26
C LYS H 148 -47.44 29.33 37.54
N TRP H 149 -48.44 28.45 37.61
CA TRP H 149 -49.54 28.40 36.67
C TRP H 149 -50.84 28.65 37.42
N LYS H 150 -51.52 29.74 37.08
CA LYS H 150 -52.80 30.06 37.68
C LYS H 150 -53.85 30.19 36.58
N ILE H 151 -55.07 29.78 36.89
CA ILE H 151 -56.11 29.56 35.88
C ILE H 151 -57.42 30.04 36.49
N ASP H 152 -57.86 31.23 36.08
CA ASP H 152 -58.89 31.98 36.79
C ASP H 152 -58.60 31.99 38.30
N GLY H 153 -57.56 32.74 38.64
CA GLY H 153 -57.19 32.97 40.03
C GLY H 153 -56.49 31.81 40.70
N SER H 154 -57.13 30.64 40.76
CA SER H 154 -56.51 29.50 41.43
C SER H 154 -55.32 28.98 40.63
N GLU H 155 -54.28 28.57 41.34
CA GLU H 155 -53.28 27.68 40.77
C GLU H 155 -53.88 26.31 40.44
N ARG H 156 -53.36 25.70 39.38
CA ARG H 156 -53.78 24.36 38.93
C ARG H 156 -52.55 23.56 38.50
N GLN H 157 -51.56 23.46 39.38
CA GLN H 157 -50.28 22.84 39.08
C GLN H 157 -50.39 21.36 38.71
N ASN H 158 -51.58 20.77 38.80
CA ASN H 158 -51.74 19.33 38.63
C ASN H 158 -51.21 18.79 37.31
N GLY H 159 -51.12 19.63 36.27
CA GLY H 159 -50.64 19.16 34.98
C GLY H 159 -49.42 19.88 34.43
N VAL H 160 -48.65 20.51 35.31
CA VAL H 160 -47.50 21.29 34.86
C VAL H 160 -46.38 20.38 34.38
N LEU H 161 -45.75 20.75 33.27
CA LEU H 161 -44.66 19.98 32.68
C LEU H 161 -43.56 20.95 32.28
N ASN H 162 -42.31 20.58 32.53
CA ASN H 162 -41.18 21.47 32.33
C ASN H 162 -40.03 20.76 31.63
N SER H 163 -39.39 21.46 30.69
CA SER H 163 -38.20 20.96 30.02
C SER H 163 -37.22 22.10 29.79
N TRP H 164 -35.94 21.86 30.10
CA TRP H 164 -34.89 22.84 29.88
C TRP H 164 -33.98 22.37 28.75
N THR H 165 -33.56 23.31 27.90
CA THR H 165 -32.36 23.11 27.13
C THR H 165 -31.13 23.06 28.04
N CYS H 166 -30.01 22.63 27.47
CA CYS H 166 -28.72 22.84 28.12
C CYS H 166 -28.26 24.28 27.90
N GLN H 167 -27.10 24.61 28.45
CA GLN H 167 -26.40 25.84 28.05
C GLN H 167 -26.10 25.79 26.56
N ASP H 168 -26.60 26.78 25.82
CA ASP H 168 -26.74 26.63 24.37
C ASP H 168 -25.42 26.64 23.63
N SER H 169 -24.31 26.90 24.31
CA SER H 169 -22.97 27.04 23.74
C SER H 169 -22.87 28.14 22.68
N LYS H 170 -23.92 28.93 22.51
CA LYS H 170 -23.84 30.15 21.72
C LYS H 170 -23.44 31.32 22.62
N ASP H 171 -24.15 31.48 23.74
CA ASP H 171 -23.73 32.36 24.80
C ASP H 171 -23.91 31.74 26.18
N CYS H 172 -24.36 30.48 26.26
CA CYS H 172 -24.55 29.73 27.49
C CYS H 172 -25.70 30.25 28.36
N THR H 173 -26.67 30.93 27.78
CA THR H 173 -27.96 31.06 28.43
C THR H 173 -28.72 29.74 28.42
N TYR H 174 -29.67 29.63 29.34
CA TYR H 174 -30.66 28.55 29.36
C TYR H 174 -31.94 28.99 28.67
N SER H 175 -32.63 28.03 28.05
CA SER H 175 -34.00 28.22 27.61
C SER H 175 -34.89 27.12 28.16
N MET H 176 -36.15 27.45 28.39
CA MET H 176 -37.10 26.54 29.03
C MET H 176 -38.44 26.62 28.32
N SER H 177 -39.17 25.51 28.34
CA SER H 177 -40.60 25.51 28.04
C SER H 177 -41.37 24.98 29.24
N SER H 178 -42.59 25.51 29.43
CA SER H 178 -43.51 25.01 30.44
C SER H 178 -44.87 24.77 29.79
N THR H 179 -45.52 23.68 30.20
CA THR H 179 -46.81 23.32 29.66
C THR H 179 -47.72 22.87 30.79
N LEU H 180 -48.97 23.35 30.76
CA LEU H 180 -50.05 22.82 31.60
C LEU H 180 -51.06 22.14 30.69
N THR H 181 -51.19 20.83 30.82
CA THR H 181 -52.15 20.05 30.05
C THR H 181 -53.49 19.99 30.79
N LEU H 182 -54.57 20.18 30.03
CA LEU H 182 -55.91 20.33 30.61
C LEU H 182 -56.91 19.55 29.77
N THR H 183 -58.04 19.24 30.38
CA THR H 183 -59.17 18.68 29.65
C THR H 183 -59.80 19.71 28.72
N LYS H 184 -60.63 19.20 27.80
CA LYS H 184 -61.44 20.03 26.92
C LYS H 184 -62.13 21.19 27.63
N ASP H 185 -62.84 20.90 28.72
CA ASP H 185 -63.62 21.92 29.40
C ASP H 185 -62.80 22.77 30.37
N GLU H 186 -61.79 22.20 31.02
CA GLU H 186 -60.90 22.97 31.87
C GLU H 186 -60.20 24.10 31.12
N TYR H 187 -60.19 24.05 29.80
CA TYR H 187 -59.91 25.23 28.98
C TYR H 187 -61.15 26.07 28.68
N GLU H 188 -62.18 25.44 28.11
CA GLU H 188 -63.28 26.19 27.53
C GLU H 188 -64.19 26.90 28.53
N ARG H 189 -64.17 26.52 29.81
CA ARG H 189 -64.88 27.31 30.82
C ARG H 189 -63.98 28.19 31.67
N HIS H 190 -62.73 28.44 31.25
CA HIS H 190 -61.88 29.41 31.92
C HIS H 190 -61.26 30.37 30.92
N ASN H 191 -61.02 31.60 31.39
CA ASN H 191 -60.80 32.76 30.54
C ASN H 191 -59.38 33.29 30.64
N SER H 192 -58.85 33.45 31.86
CA SER H 192 -57.57 34.10 32.09
C SER H 192 -56.51 33.11 32.51
N TYR H 193 -55.33 33.23 31.91
CA TYR H 193 -54.26 32.24 32.04
C TYR H 193 -52.96 32.99 32.26
N THR H 194 -52.08 32.44 33.09
CA THR H 194 -50.78 33.06 33.32
C THR H 194 -49.76 32.01 33.68
N CYS H 195 -48.54 32.18 33.17
CA CYS H 195 -47.34 31.58 33.78
C CYS H 195 -46.60 32.68 34.53
N GLU H 196 -46.64 32.61 35.87
CA GLU H 196 -46.05 33.62 36.74
C GLU H 196 -44.55 33.40 36.92
N ALA H 197 -43.84 33.44 35.78
CA ALA H 197 -42.42 33.14 35.77
C ALA H 197 -41.63 34.14 36.63
N THR H 198 -41.13 33.67 37.77
CA THR H 198 -40.26 34.47 38.64
C THR H 198 -38.86 33.87 38.63
N HIS H 199 -37.86 34.77 38.61
CA HIS H 199 -36.49 34.37 38.30
C HIS H 199 -35.53 35.19 39.13
N LYS H 200 -34.29 34.70 39.21
CA LYS H 200 -33.25 35.37 39.98
C LYS H 200 -33.03 36.82 39.53
N THR H 201 -33.34 37.13 38.27
CA THR H 201 -33.28 38.50 37.80
C THR H 201 -34.54 39.31 38.12
N SER H 202 -35.60 38.66 38.61
CA SER H 202 -36.97 39.18 38.48
C SER H 202 -37.77 38.64 39.66
N THR H 203 -37.53 39.21 40.84
CA THR H 203 -38.34 38.88 42.00
C THR H 203 -39.79 39.33 41.82
N SER H 204 -40.01 40.40 41.07
CA SER H 204 -41.28 40.60 40.39
C SER H 204 -41.44 39.62 39.24
N PRO H 205 -42.38 38.68 39.29
CA PRO H 205 -42.55 37.73 38.19
C PRO H 205 -42.96 38.45 36.90
N ILE H 206 -42.58 37.84 35.77
CA ILE H 206 -42.90 38.43 34.47
C ILE H 206 -44.39 38.32 34.16
N VAL H 207 -45.10 37.39 34.80
CA VAL H 207 -46.56 37.24 34.78
C VAL H 207 -47.12 37.35 33.35
N LYS H 208 -46.38 36.84 32.37
CA LYS H 208 -46.87 36.83 31.00
C LYS H 208 -48.15 36.01 30.91
N SER H 209 -49.17 36.57 30.25
CA SER H 209 -50.54 36.16 30.46
C SER H 209 -51.35 36.46 29.21
N PHE H 210 -52.53 35.85 29.14
CA PHE H 210 -53.46 36.12 28.05
C PHE H 210 -54.88 35.94 28.56
N ASN H 211 -55.83 36.46 27.78
CA ASN H 211 -57.24 36.20 27.96
C ASN H 211 -57.78 35.43 26.76
N ARG H 212 -58.83 34.66 27.01
CA ARG H 212 -59.25 33.58 26.11
C ARG H 212 -60.60 33.85 25.47
N ASN H 213 -61.12 35.06 25.63
CA ASN H 213 -62.35 35.46 24.94
C ASN H 213 -62.09 35.98 23.54
N GLU H 214 -60.86 36.40 23.24
CA GLU H 214 -60.52 37.07 21.99
C GLU H 214 -59.98 36.10 20.94
N CYS H 215 -59.11 35.19 21.34
CA CYS H 215 -58.48 34.26 20.40
C CYS H 215 -58.32 32.89 21.04
#